data_3Q0J
#
_entry.id   3Q0J
#
_cell.length_a   98.962
_cell.length_b   134.701
_cell.length_c   134.334
_cell.angle_alpha   90.00
_cell.angle_beta   90.00
_cell.angle_gamma   90.00
#
_symmetry.space_group_name_H-M   'P 21 21 2'
#
loop_
_entity.id
_entity.type
_entity.pdbx_description
1 polymer 'enoyl-CoA hydratase echA8'
2 non-polymer 'ACETOACETYL-COENZYME A'
3 water water
#
_entity_poly.entity_id   1
_entity_poly.type   'polypeptide(L)'
_entity_poly.pdbx_seq_one_letter_code
;SMTYETILVERDQRVGIITLNRPQALNALNSQVMNEVTSAATELDDDPDIGAIIITGSAKAFAAGADIKEMADLTFADAF
TADFFATWGKLAAVRTPTIAAVAGYALGGGCELAMMCDVLIAADTAKFGQPEIKLGVLPGMGGSQRLTRAIGKAKAMDLI
LTGRTMDAAEAERSGLVSRVVPADDLLTEARATATTISQMSASAARMAKEAVNRAFESSLSEGLLYERRLFHSAFATEDQ
SEGMAAFIEKRAPQFTHR
;
_entity_poly.pdbx_strand_id   A,B,C,D,E,F
#
loop_
_chem_comp.id
_chem_comp.type
_chem_comp.name
_chem_comp.formula
CAA non-polymer 'ACETOACETYL-COENZYME A' 'C25 H40 N7 O18 P3 S'
#
# COMPACT_ATOMS: atom_id res chain seq x y z
N MET A 2 -26.84 14.60 22.13
CA MET A 2 -25.91 14.44 23.28
C MET A 2 -25.05 13.20 23.14
N THR A 3 -25.64 12.11 22.63
CA THR A 3 -24.92 10.85 22.38
C THR A 3 -24.53 10.71 20.91
N TYR A 4 -23.23 10.50 20.66
CA TYR A 4 -22.70 10.41 19.30
C TYR A 4 -22.10 9.04 19.03
N GLU A 5 -22.15 8.60 17.78
CA GLU A 5 -21.62 7.28 17.41
C GLU A 5 -20.10 7.22 17.20
N THR A 6 -19.50 8.33 16.77
CA THR A 6 -18.07 8.30 16.43
C THR A 6 -17.20 9.26 17.25
N ILE A 7 -17.82 10.05 18.11
CA ILE A 7 -17.07 11.02 18.93
C ILE A 7 -17.61 11.09 20.35
N LEU A 8 -16.79 11.58 21.27
CA LEU A 8 -17.22 11.90 22.64
C LEU A 8 -17.05 13.39 22.89
N VAL A 9 -18.01 13.97 23.62
CA VAL A 9 -18.01 15.41 23.93
C VAL A 9 -18.02 15.64 25.43
N GLU A 10 -17.00 16.34 25.93
CA GLU A 10 -16.91 16.70 27.34
C GLU A 10 -16.86 18.21 27.54
N ARG A 11 -17.55 18.67 28.57
CA ARG A 11 -17.47 20.06 29.00
C ARG A 11 -16.78 20.15 30.35
N ASP A 12 -15.76 21.00 30.43
CA ASP A 12 -15.04 21.26 31.67
C ASP A 12 -14.85 22.77 31.78
N GLN A 13 -15.62 23.39 32.69
CA GLN A 13 -15.61 24.85 32.83
C GLN A 13 -16.05 25.51 31.52
N ARG A 14 -15.13 26.25 30.90
CA ARG A 14 -15.41 26.96 29.66
C ARG A 14 -14.72 26.31 28.47
N VAL A 15 -14.28 25.07 28.65
CA VAL A 15 -13.62 24.31 27.59
C VAL A 15 -14.49 23.13 27.18
N GLY A 16 -14.80 23.04 25.89
CA GLY A 16 -15.42 21.84 25.34
C GLY A 16 -14.37 20.99 24.65
N ILE A 17 -14.43 19.67 24.84
CA ILE A 17 -13.50 18.75 24.16
C ILE A 17 -14.26 17.75 23.28
N ILE A 18 -13.87 17.69 22.00
CA ILE A 18 -14.39 16.68 21.07
C ILE A 18 -13.29 15.64 20.82
N THR A 19 -13.57 14.40 21.20
CA THR A 19 -12.61 13.32 21.07
C THR A 19 -13.08 12.34 20.00
N LEU A 20 -12.31 12.22 18.91
CA LEU A 20 -12.64 11.21 17.90
C LEU A 20 -12.59 9.84 18.57
N ASN A 21 -13.56 8.99 18.25
CA ASN A 21 -13.76 7.75 18.97
C ASN A 21 -14.04 6.54 18.08
N ARG A 22 -13.13 6.28 17.14
CA ARG A 22 -13.17 5.06 16.33
C ARG A 22 -11.85 4.31 16.47
N PRO A 23 -11.60 3.69 17.64
CA PRO A 23 -10.34 2.98 17.86
C PRO A 23 -10.15 1.86 16.84
N GLN A 24 -11.24 1.18 16.49
CA GLN A 24 -11.22 0.06 15.55
C GLN A 24 -10.76 0.47 14.14
N ALA A 25 -10.76 1.79 13.89
CA ALA A 25 -10.40 2.33 12.57
C ALA A 25 -9.31 3.41 12.64
N LEU A 26 -8.63 3.49 13.79
CA LEU A 26 -7.55 4.47 14.01
C LEU A 26 -8.02 5.91 13.86
N ASN A 27 -9.25 6.16 14.27
CA ASN A 27 -9.87 7.49 14.17
C ASN A 27 -9.98 8.02 12.74
N ALA A 28 -10.05 7.10 11.78
CA ALA A 28 -10.19 7.48 10.38
C ALA A 28 -11.49 8.26 10.20
N LEU A 29 -11.46 9.25 9.33
CA LEU A 29 -12.62 10.09 9.07
C LEU A 29 -13.55 9.43 8.05
N ASN A 30 -14.83 9.71 8.20
CA ASN A 30 -15.85 9.34 7.21
C ASN A 30 -16.98 10.36 7.28
N SER A 31 -18.02 10.20 6.47
CA SER A 31 -19.13 11.16 6.45
C SER A 31 -19.78 11.36 7.80
N GLN A 32 -19.95 10.27 8.55
CA GLN A 32 -20.52 10.34 9.89
C GLN A 32 -19.67 11.19 10.82
N VAL A 33 -18.37 10.92 10.89
CA VAL A 33 -17.47 11.69 11.74
C VAL A 33 -17.56 13.16 11.39
N MET A 34 -17.58 13.43 10.09
CA MET A 34 -17.73 14.77 9.57
C MET A 34 -19.00 15.43 10.10
N ASN A 35 -20.14 14.76 9.92
CA ASN A 35 -21.41 15.31 10.38
C ASN A 35 -21.44 15.51 11.90
N GLU A 36 -20.86 14.55 12.63
CA GLU A 36 -20.89 14.60 14.10
C GLU A 36 -19.95 15.66 14.70
N VAL A 37 -18.70 15.69 14.23
CA VAL A 37 -17.74 16.73 14.63
C VAL A 37 -18.28 18.14 14.38
N THR A 38 -18.78 18.40 13.19
CA THR A 38 -19.33 19.72 12.88
C THR A 38 -20.61 20.01 13.66
N SER A 39 -21.42 18.99 13.92
CA SER A 39 -22.63 19.17 14.74
C SER A 39 -22.26 19.53 16.17
N ALA A 40 -21.30 18.79 16.72
CA ALA A 40 -20.84 19.02 18.08
C ALA A 40 -20.16 20.39 18.21
N ALA A 41 -19.24 20.68 17.29
CA ALA A 41 -18.50 21.95 17.29
C ALA A 41 -19.43 23.15 17.21
N THR A 42 -20.41 23.10 16.32
CA THR A 42 -21.40 24.17 16.20
C THR A 42 -22.12 24.40 17.52
N GLU A 43 -22.60 23.31 18.10
CA GLU A 43 -23.35 23.35 19.35
C GLU A 43 -22.54 24.00 20.47
N LEU A 44 -21.28 23.59 20.59
CA LEU A 44 -20.34 24.23 21.49
C LEU A 44 -20.09 25.71 21.15
N ASP A 45 -19.99 26.04 19.87
CA ASP A 45 -19.87 27.44 19.44
C ASP A 45 -21.00 28.34 19.93
N ASP A 46 -22.22 27.79 19.99
CA ASP A 46 -23.39 28.56 20.38
C ASP A 46 -23.64 28.64 21.88
N ASP A 47 -22.94 27.80 22.64
CA ASP A 47 -23.04 27.77 24.10
C ASP A 47 -22.21 28.93 24.68
N PRO A 48 -22.89 29.90 25.32
CA PRO A 48 -22.20 31.07 25.90
C PRO A 48 -21.20 30.69 27.00
N ASP A 49 -21.36 29.50 27.58
CA ASP A 49 -20.46 29.06 28.63
C ASP A 49 -19.24 28.28 28.11
N ILE A 50 -19.06 28.27 26.79
CA ILE A 50 -17.86 27.70 26.19
C ILE A 50 -17.02 28.79 25.52
N GLY A 51 -15.73 28.81 25.83
CA GLY A 51 -14.81 29.80 25.25
C GLY A 51 -13.65 29.20 24.50
N ALA A 52 -13.58 27.87 24.43
CA ALA A 52 -12.54 27.20 23.66
C ALA A 52 -12.91 25.74 23.41
N ILE A 53 -12.55 25.25 22.23
CA ILE A 53 -12.92 23.91 21.80
C ILE A 53 -11.67 23.13 21.42
N ILE A 54 -11.47 21.98 22.07
CA ILE A 54 -10.39 21.09 21.69
C ILE A 54 -10.94 19.98 20.80
N ILE A 55 -10.21 19.64 19.75
CA ILE A 55 -10.46 18.45 18.97
C ILE A 55 -9.22 17.57 19.07
N THR A 56 -9.42 16.35 19.55
CA THR A 56 -8.32 15.43 19.74
C THR A 56 -8.74 13.99 19.42
N GLY A 57 -7.75 13.12 19.22
CA GLY A 57 -7.98 11.70 19.00
C GLY A 57 -7.32 10.85 20.09
N SER A 58 -6.89 9.65 19.72
CA SER A 58 -6.19 8.74 20.63
CA SER A 58 -6.19 8.75 20.61
C SER A 58 -4.70 9.09 20.67
N ALA A 59 -3.97 8.37 21.52
CA ALA A 59 -2.53 8.55 21.64
C ALA A 59 -1.77 8.00 20.44
N LYS A 60 -2.38 7.04 19.74
CA LYS A 60 -1.77 6.48 18.54
C LYS A 60 -2.16 7.22 17.25
N ALA A 61 -3.38 7.73 17.21
CA ALA A 61 -3.88 8.43 16.02
C ALA A 61 -4.86 9.53 16.39
N PHE A 62 -4.50 10.76 16.02
CA PHE A 62 -5.44 11.88 16.01
C PHE A 62 -6.53 11.53 15.01
N ALA A 63 -6.10 11.19 13.79
CA ALA A 63 -6.95 10.66 12.71
C ALA A 63 -6.06 10.14 11.59
N ALA A 64 -6.08 8.83 11.38
CA ALA A 64 -5.05 8.15 10.57
C ALA A 64 -5.31 8.21 9.07
N GLY A 65 -6.39 8.88 8.67
CA GLY A 65 -6.73 9.00 7.27
C GLY A 65 -8.22 9.00 7.08
N ALA A 66 -8.65 8.60 5.89
CA ALA A 66 -10.07 8.58 5.54
C ALA A 66 -10.50 7.16 5.23
N ASP A 67 -11.80 6.92 5.25
CA ASP A 67 -12.35 5.61 4.92
C ASP A 67 -12.36 5.41 3.40
N ILE A 68 -11.53 4.46 2.93
CA ILE A 68 -11.41 4.16 1.50
C ILE A 68 -12.71 3.66 0.89
N LYS A 69 -13.56 3.07 1.73
CA LYS A 69 -14.87 2.58 1.30
C LYS A 69 -15.76 3.65 0.63
N GLU A 70 -15.87 4.82 1.24
CA GLU A 70 -16.73 5.90 0.73
C GLU A 70 -16.24 6.56 -0.56
N MET A 71 -15.01 6.24 -0.95
CA MET A 71 -14.43 6.86 -2.13
C MET A 71 -14.23 5.90 -3.28
N ALA A 72 -14.19 4.61 -2.97
CA ALA A 72 -13.83 3.57 -3.96
C ALA A 72 -14.70 3.58 -5.21
N ASP A 73 -16.01 3.63 -5.03
CA ASP A 73 -16.95 3.57 -6.15
C ASP A 73 -17.73 4.87 -6.35
N LEU A 74 -17.15 5.97 -5.87
CA LEU A 74 -17.73 7.30 -6.03
C LEU A 74 -17.53 7.80 -7.45
N THR A 75 -18.61 8.28 -8.07
CA THR A 75 -18.48 8.92 -9.39
C THR A 75 -18.42 10.43 -9.23
N PHE A 76 -18.01 11.11 -10.30
CA PHE A 76 -17.96 12.56 -10.27
C PHE A 76 -19.36 13.13 -10.00
N ALA A 77 -20.35 12.54 -10.66
CA ALA A 77 -21.75 12.91 -10.53
C ALA A 77 -22.22 12.88 -9.06
N ASP A 78 -21.89 11.81 -8.35
CA ASP A 78 -22.22 11.67 -6.93
C ASP A 78 -21.50 12.73 -6.10
N ALA A 79 -20.21 12.91 -6.36
CA ALA A 79 -19.38 13.79 -5.56
C ALA A 79 -19.85 15.22 -5.73
N PHE A 80 -20.22 15.57 -6.96
CA PHE A 80 -20.68 16.91 -7.27
C PHE A 80 -22.03 17.20 -6.65
N THR A 81 -22.95 16.25 -6.75
CA THR A 81 -24.31 16.43 -6.23
C THR A 81 -24.33 16.58 -4.71
N ALA A 82 -23.60 15.72 -4.02
CA ALA A 82 -23.51 15.77 -2.57
C ALA A 82 -22.58 16.91 -2.09
N ASP A 83 -21.83 17.51 -3.01
CA ASP A 83 -20.70 18.40 -2.68
C ASP A 83 -19.87 17.75 -1.57
N PHE A 84 -19.40 16.55 -1.87
CA PHE A 84 -18.64 15.70 -0.98
C PHE A 84 -17.50 16.45 -0.27
N PHE A 85 -17.52 16.40 1.07
CA PHE A 85 -16.57 17.09 1.95
C PHE A 85 -16.90 18.54 2.32
N ALA A 86 -17.77 19.19 1.57
CA ALA A 86 -18.10 20.61 1.81
C ALA A 86 -18.55 20.92 3.23
N THR A 87 -19.18 19.94 3.88
CA THR A 87 -19.69 20.07 5.25
C THR A 87 -18.57 20.37 6.26
N TRP A 88 -17.35 19.93 5.98
CA TRP A 88 -16.23 20.29 6.87
C TRP A 88 -16.06 21.81 7.00
N GLY A 89 -16.66 22.55 6.07
CA GLY A 89 -16.62 24.01 6.10
C GLY A 89 -17.37 24.62 7.27
N LYS A 90 -18.34 23.89 7.81
CA LYS A 90 -18.99 24.28 9.06
C LYS A 90 -17.99 24.48 10.21
N LEU A 91 -16.93 23.67 10.24
CA LEU A 91 -15.92 23.82 11.28
C LEU A 91 -15.24 25.19 11.19
N ALA A 92 -14.89 25.61 9.97
CA ALA A 92 -14.28 26.93 9.76
C ALA A 92 -15.20 28.06 10.19
N ALA A 93 -16.51 27.85 10.08
CA ALA A 93 -17.48 28.86 10.48
C ALA A 93 -17.65 28.96 12.00
N VAL A 94 -16.92 28.14 12.74
CA VAL A 94 -16.99 28.20 14.21
C VAL A 94 -16.22 29.44 14.68
N ARG A 95 -16.89 30.28 15.47
CA ARG A 95 -16.32 31.58 15.87
C ARG A 95 -15.39 31.49 17.06
N THR A 96 -15.78 30.66 18.02
CA THR A 96 -14.96 30.32 19.18
C THR A 96 -13.62 29.70 18.74
N PRO A 97 -12.53 30.03 19.46
CA PRO A 97 -11.24 29.42 19.11
C PRO A 97 -11.22 27.90 19.27
N THR A 98 -10.50 27.23 18.38
CA THR A 98 -10.38 25.79 18.40
C THR A 98 -8.91 25.38 18.50
N ILE A 99 -8.67 24.32 19.27
CA ILE A 99 -7.35 23.77 19.46
C ILE A 99 -7.36 22.31 19.01
N ALA A 100 -6.55 21.99 18.00
CA ALA A 100 -6.29 20.61 17.67
C ALA A 100 -5.15 20.11 18.54
N ALA A 101 -5.42 19.12 19.38
CA ALA A 101 -4.38 18.42 20.14
C ALA A 101 -4.06 17.11 19.44
N VAL A 102 -2.91 17.06 18.77
CA VAL A 102 -2.61 16.00 17.83
C VAL A 102 -1.53 15.04 18.33
N ALA A 103 -1.91 13.79 18.53
CA ALA A 103 -0.94 12.75 18.85
C ALA A 103 -0.83 11.74 17.72
N GLY A 104 0.37 11.17 17.56
CA GLY A 104 0.60 10.14 16.55
C GLY A 104 0.14 10.52 15.16
N TYR A 105 -0.70 9.67 14.59
CA TYR A 105 -1.08 9.80 13.18
C TYR A 105 -2.09 10.91 12.92
N ALA A 106 -1.67 11.87 12.10
CA ALA A 106 -2.57 12.85 11.52
C ALA A 106 -2.32 12.86 10.02
N LEU A 107 -2.93 11.91 9.32
CA LEU A 107 -2.65 11.68 7.90
C LEU A 107 -3.87 11.92 7.02
N GLY A 108 -3.61 12.33 5.78
CA GLY A 108 -4.68 12.64 4.84
C GLY A 108 -5.68 13.58 5.47
N GLY A 109 -6.96 13.19 5.47
CA GLY A 109 -8.02 13.96 6.10
C GLY A 109 -7.70 14.39 7.52
N GLY A 110 -6.99 13.54 8.26
CA GLY A 110 -6.60 13.83 9.63
C GLY A 110 -5.69 15.04 9.73
N CYS A 111 -4.66 15.07 8.89
CA CYS A 111 -3.77 16.23 8.79
C CYS A 111 -4.56 17.50 8.43
N GLU A 112 -5.52 17.33 7.54
CA GLU A 112 -6.37 18.44 7.11
C GLU A 112 -7.30 18.92 8.22
N LEU A 113 -7.83 17.97 8.99
CA LEU A 113 -8.63 18.27 10.16
C LEU A 113 -7.85 19.14 11.14
N ALA A 114 -6.61 18.77 11.41
CA ALA A 114 -5.74 19.50 12.31
C ALA A 114 -5.45 20.91 11.79
N MET A 115 -5.21 21.02 10.48
CA MET A 115 -4.94 22.33 9.88
C MET A 115 -6.13 23.30 9.93
N MET A 116 -7.35 22.75 10.04
CA MET A 116 -8.58 23.57 10.13
C MET A 116 -8.69 24.29 11.46
N CYS A 117 -8.16 23.70 12.52
CA CYS A 117 -8.21 24.37 13.82
C CYS A 117 -7.31 25.61 13.84
N ASP A 118 -7.50 26.47 14.84
CA ASP A 118 -6.74 27.70 14.92
C ASP A 118 -5.36 27.43 15.53
N VAL A 119 -5.36 26.77 16.68
CA VAL A 119 -4.14 26.42 17.40
C VAL A 119 -3.89 24.94 17.23
N LEU A 120 -2.64 24.58 17.00
CA LEU A 120 -2.28 23.17 16.84
C LEU A 120 -1.18 22.79 17.83
N ILE A 121 -1.54 21.95 18.79
CA ILE A 121 -0.58 21.45 19.77
C ILE A 121 -0.28 19.99 19.49
N ALA A 122 0.99 19.70 19.24
CA ALA A 122 1.42 18.37 18.80
C ALA A 122 2.20 17.60 19.87
N ALA A 123 1.78 16.37 20.12
CA ALA A 123 2.58 15.43 20.89
C ALA A 123 3.87 15.22 20.11
N ASP A 124 4.97 14.93 20.81
CA ASP A 124 6.23 14.69 20.13
C ASP A 124 6.18 13.44 19.26
N THR A 125 5.08 12.69 19.36
CA THR A 125 4.84 11.53 18.52
C THR A 125 4.14 11.82 17.18
N ALA A 126 3.69 13.07 16.97
CA ALA A 126 2.86 13.41 15.81
C ALA A 126 3.53 13.23 14.46
N LYS A 127 2.85 12.52 13.56
CA LYS A 127 3.26 12.40 12.17
C LYS A 127 2.18 12.92 11.26
N PHE A 128 2.58 13.82 10.35
CA PHE A 128 1.68 14.46 9.39
C PHE A 128 2.01 13.98 7.99
N GLY A 129 1.04 14.10 7.09
CA GLY A 129 1.26 13.70 5.72
C GLY A 129 -0.03 13.77 4.92
N GLN A 130 0.13 13.76 3.61
CA GLN A 130 -0.99 13.73 2.66
C GLN A 130 -0.75 12.62 1.61
N PRO A 131 -1.20 11.39 1.90
CA PRO A 131 -0.92 10.29 0.97
C PRO A 131 -1.97 10.10 -0.12
N GLU A 132 -2.85 11.08 -0.30
CA GLU A 132 -3.91 11.02 -1.34
C GLU A 132 -3.40 10.69 -2.74
N ILE A 133 -2.27 11.32 -3.10
CA ILE A 133 -1.61 11.12 -4.39
C ILE A 133 -1.39 9.64 -4.74
N LYS A 134 -0.99 8.85 -3.74
CA LYS A 134 -0.73 7.43 -3.93
C LYS A 134 -1.97 6.63 -4.32
N LEU A 135 -3.15 7.14 -3.97
CA LEU A 135 -4.39 6.47 -4.30
C LEU A 135 -5.00 6.98 -5.60
N GLY A 136 -4.26 7.84 -6.30
CA GLY A 136 -4.70 8.38 -7.58
C GLY A 136 -5.65 9.54 -7.47
N VAL A 137 -5.77 10.12 -6.27
CA VAL A 137 -6.52 11.36 -6.10
C VAL A 137 -5.62 12.48 -5.58
N LEU A 138 -6.24 13.43 -4.87
CA LEU A 138 -5.51 14.54 -4.26
C LEU A 138 -6.23 14.97 -2.97
N PRO A 139 -5.60 15.87 -2.19
CA PRO A 139 -6.29 16.38 -1.00
C PRO A 139 -7.65 16.97 -1.37
N GLY A 140 -8.68 16.67 -0.58
CA GLY A 140 -10.02 17.18 -0.82
C GLY A 140 -10.58 17.97 0.35
N MET A 141 -9.82 18.11 1.43
CA MET A 141 -10.28 18.84 2.59
C MET A 141 -9.38 20.04 2.89
N GLY A 142 -8.91 20.70 1.84
CA GLY A 142 -8.11 21.91 1.98
C GLY A 142 -6.62 21.75 2.19
N GLY A 143 -6.14 20.51 2.24
CA GLY A 143 -4.71 20.21 2.39
C GLY A 143 -3.77 20.99 1.48
N SER A 144 -4.11 21.09 0.20
CA SER A 144 -3.23 21.75 -0.75
C SER A 144 -3.25 23.25 -0.54
N GLN A 145 -4.23 23.73 0.20
CA GLN A 145 -4.36 25.17 0.50
C GLN A 145 -3.72 25.52 1.83
N ARG A 146 -4.06 24.78 2.87
CA ARG A 146 -3.59 25.11 4.21
C ARG A 146 -2.15 24.71 4.44
N LEU A 147 -1.75 23.56 3.90
CA LEU A 147 -0.39 23.07 4.11
C LEU A 147 0.59 24.03 3.44
N THR A 148 0.24 24.46 2.24
CA THR A 148 1.11 25.30 1.43
C THR A 148 1.30 26.67 2.11
N ARG A 149 0.21 27.20 2.65
CA ARG A 149 0.24 28.49 3.32
C ARG A 149 1.00 28.41 4.65
N ALA A 150 0.97 27.24 5.28
CA ALA A 150 1.71 27.03 6.52
C ALA A 150 3.21 26.90 6.31
N ILE A 151 3.61 26.02 5.38
CA ILE A 151 4.99 25.52 5.36
C ILE A 151 5.77 25.87 4.10
N GLY A 152 5.14 26.58 3.17
CA GLY A 152 5.80 27.05 1.95
C GLY A 152 5.66 26.08 0.79
N LYS A 153 5.95 26.56 -0.43
CA LYS A 153 5.73 25.73 -1.62
C LYS A 153 6.62 24.48 -1.67
N ALA A 154 7.92 24.66 -1.44
CA ALA A 154 8.88 23.55 -1.60
C ALA A 154 8.51 22.32 -0.80
N LYS A 155 8.18 22.52 0.46
CA LYS A 155 7.82 21.42 1.34
C LYS A 155 6.39 20.90 1.11
N ALA A 156 5.45 21.79 0.81
CA ALA A 156 4.09 21.34 0.51
C ALA A 156 4.07 20.48 -0.75
N MET A 157 4.84 20.89 -1.77
CA MET A 157 4.91 20.12 -3.03
C MET A 157 5.54 18.76 -2.77
N ASP A 158 6.61 18.74 -1.99
CA ASP A 158 7.26 17.50 -1.60
C ASP A 158 6.25 16.55 -0.94
N LEU A 159 5.59 17.04 0.11
CA LEU A 159 4.65 16.20 0.85
C LEU A 159 3.48 15.74 0.00
N ILE A 160 2.91 16.64 -0.79
CA ILE A 160 1.67 16.32 -1.52
C ILE A 160 1.95 15.45 -2.75
N LEU A 161 3.13 15.58 -3.33
CA LEU A 161 3.49 14.83 -4.55
C LEU A 161 4.15 13.49 -4.27
N THR A 162 4.87 13.36 -3.15
CA THR A 162 5.50 12.10 -2.79
C THR A 162 4.76 11.34 -1.70
N GLY A 163 3.95 12.05 -0.91
CA GLY A 163 3.25 11.43 0.22
C GLY A 163 4.12 11.16 1.45
N ARG A 164 5.31 11.73 1.49
CA ARG A 164 6.21 11.50 2.61
C ARG A 164 5.64 12.09 3.91
N THR A 165 5.91 11.43 5.02
CA THR A 165 5.47 11.91 6.34
CA THR A 165 5.47 11.91 6.34
C THR A 165 6.40 12.98 6.88
N MET A 166 5.90 13.76 7.84
CA MET A 166 6.67 14.82 8.46
C MET A 166 6.45 14.69 9.96
N ASP A 167 7.54 14.50 10.72
CA ASP A 167 7.46 14.34 12.16
C ASP A 167 7.15 15.67 12.85
N ALA A 168 6.83 15.60 14.14
CA ALA A 168 6.43 16.76 14.94
C ALA A 168 7.44 17.92 14.93
N ALA A 169 8.72 17.59 15.06
CA ALA A 169 9.78 18.59 15.13
C ALA A 169 9.90 19.41 13.84
N GLU A 170 9.87 18.71 12.70
CA GLU A 170 9.88 19.38 11.41
C GLU A 170 8.64 20.27 11.27
N ALA A 171 7.49 19.77 11.69
CA ALA A 171 6.25 20.52 11.59
C ALA A 171 6.35 21.83 12.37
N GLU A 172 7.04 21.79 13.51
CA GLU A 172 7.18 22.95 14.37
C GLU A 172 8.06 24.02 13.75
N ARG A 173 9.17 23.63 13.13
CA ARG A 173 10.05 24.63 12.54
C ARG A 173 9.62 25.07 11.13
N SER A 174 8.70 24.32 10.53
CA SER A 174 8.20 24.60 9.17
C SER A 174 7.01 25.56 9.16
N GLY A 175 6.29 25.64 10.28
CA GLY A 175 5.15 26.52 10.39
C GLY A 175 3.82 25.81 10.63
N LEU A 176 3.83 24.49 10.62
CA LEU A 176 2.60 23.71 10.67
C LEU A 176 1.94 23.66 12.04
N VAL A 177 2.75 23.69 13.10
CA VAL A 177 2.20 23.52 14.46
C VAL A 177 2.58 24.65 15.42
N SER A 178 1.72 24.91 16.41
CA SER A 178 1.95 25.96 17.39
C SER A 178 3.09 25.57 18.33
N ARG A 179 2.97 24.41 18.95
CA ARG A 179 3.93 23.94 19.95
C ARG A 179 4.01 22.42 19.97
N VAL A 180 5.20 21.91 20.32
CA VAL A 180 5.40 20.48 20.52
C VAL A 180 5.63 20.17 22.00
N VAL A 181 4.89 19.19 22.52
CA VAL A 181 5.00 18.77 23.92
C VAL A 181 5.15 17.24 24.03
N PRO A 182 5.69 16.74 25.16
CA PRO A 182 5.80 15.28 25.34
C PRO A 182 4.42 14.62 25.28
N ALA A 183 4.35 13.44 24.67
CA ALA A 183 3.10 12.70 24.45
C ALA A 183 2.21 12.53 25.67
N ASP A 184 2.82 12.20 26.81
CA ASP A 184 2.10 12.03 28.08
C ASP A 184 1.42 13.33 28.52
N ASP A 185 2.04 14.46 28.16
CA ASP A 185 1.53 15.75 28.58
C ASP A 185 0.61 16.41 27.56
N LEU A 186 0.34 15.75 26.42
CA LEU A 186 -0.45 16.38 25.35
C LEU A 186 -1.78 16.94 25.82
N LEU A 187 -2.62 16.08 26.40
CA LEU A 187 -3.97 16.47 26.80
C LEU A 187 -3.97 17.54 27.90
N THR A 188 -3.04 17.42 28.82
CA THR A 188 -2.89 18.37 29.92
C THR A 188 -2.49 19.75 29.40
N GLU A 189 -1.51 19.77 28.51
CA GLU A 189 -1.02 21.00 27.89
C GLU A 189 -2.10 21.68 27.03
N ALA A 190 -2.84 20.88 26.27
CA ALA A 190 -3.95 21.37 25.45
C ALA A 190 -5.03 22.02 26.31
N ARG A 191 -5.38 21.39 27.43
CA ARG A 191 -6.36 21.97 28.37
C ARG A 191 -5.87 23.26 29.03
N ALA A 192 -4.58 23.33 29.38
CA ALA A 192 -4.01 24.57 29.91
C ALA A 192 -4.20 25.72 28.89
N THR A 193 -3.75 25.49 27.66
CA THR A 193 -3.95 26.43 26.56
C THR A 193 -5.43 26.76 26.36
N ALA A 194 -6.27 25.73 26.27
CA ALA A 194 -7.71 25.96 26.13
C ALA A 194 -8.28 26.76 27.32
N THR A 195 -7.83 26.45 28.53
CA THR A 195 -8.24 27.20 29.72
C THR A 195 -7.87 28.68 29.58
N THR A 196 -6.61 28.95 29.27
CA THR A 196 -6.14 30.33 29.06
C THR A 196 -7.02 31.09 28.07
N ILE A 197 -7.24 30.49 26.90
CA ILE A 197 -8.05 31.09 25.84
C ILE A 197 -9.51 31.31 26.25
N SER A 198 -10.07 30.34 26.98
CA SER A 198 -11.47 30.39 27.37
C SER A 198 -11.72 31.41 28.49
N GLN A 199 -10.66 31.81 29.18
CA GLN A 199 -10.77 32.81 30.26
C GLN A 199 -10.50 34.24 29.77
N MET A 200 -10.11 34.37 28.51
CA MET A 200 -10.04 35.68 27.89
C MET A 200 -11.47 36.13 27.64
N SER A 201 -11.65 37.41 27.34
CA SER A 201 -12.93 37.93 26.89
C SER A 201 -13.39 37.13 25.68
N ALA A 202 -14.65 36.71 25.68
CA ALA A 202 -15.19 35.92 24.56
C ALA A 202 -15.17 36.72 23.25
N SER A 203 -15.68 37.94 23.30
CA SER A 203 -15.80 38.77 22.11
C SER A 203 -14.43 39.13 21.57
N ALA A 204 -13.50 39.49 22.45
CA ALA A 204 -12.14 39.82 22.02
C ALA A 204 -11.41 38.62 21.40
N ALA A 205 -11.62 37.43 21.95
CA ALA A 205 -11.00 36.24 21.37
C ALA A 205 -11.62 35.94 20.00
N ARG A 206 -12.93 36.17 19.87
CA ARG A 206 -13.62 35.97 18.60
C ARG A 206 -13.21 36.98 17.51
N MET A 207 -13.01 38.23 17.90
CA MET A 207 -12.47 39.24 17.00
C MET A 207 -11.02 38.94 16.59
N ALA A 208 -10.20 38.51 17.56
CA ALA A 208 -8.79 38.21 17.32
C ALA A 208 -8.63 37.08 16.32
N LYS A 209 -9.35 35.98 16.54
CA LYS A 209 -9.38 34.85 15.62
C LYS A 209 -9.86 35.26 14.21
N GLU A 210 -10.92 36.07 14.16
CA GLU A 210 -11.47 36.48 12.88
C GLU A 210 -10.47 37.36 12.12
N ALA A 211 -9.81 38.26 12.83
CA ALA A 211 -8.76 39.09 12.22
C ALA A 211 -7.62 38.22 11.62
N VAL A 212 -7.13 37.26 12.40
CA VAL A 212 -6.03 36.42 11.93
C VAL A 212 -6.44 35.66 10.68
N ASN A 213 -7.70 35.21 10.66
CA ASN A 213 -8.25 34.49 9.52
C ASN A 213 -8.33 35.32 8.25
N ARG A 214 -8.50 36.64 8.40
CA ARG A 214 -8.46 37.61 7.29
C ARG A 214 -7.15 37.57 6.52
N ALA A 215 -6.07 37.19 7.19
CA ALA A 215 -4.74 37.19 6.57
C ALA A 215 -4.62 36.28 5.34
N PHE A 216 -5.54 35.32 5.21
CA PHE A 216 -5.54 34.40 4.05
C PHE A 216 -6.63 34.72 3.02
N GLU A 217 -7.36 35.81 3.20
CA GLU A 217 -8.57 36.06 2.40
C GLU A 217 -8.50 37.33 1.56
N SER A 218 -7.48 38.14 1.76
CA SER A 218 -7.38 39.40 1.01
C SER A 218 -5.98 39.96 1.02
N SER A 219 -5.78 41.05 0.30
CA SER A 219 -4.52 41.75 0.30
C SER A 219 -4.21 42.23 1.71
N LEU A 220 -2.94 42.47 1.99
CA LEU A 220 -2.52 43.01 3.27
C LEU A 220 -3.17 44.36 3.55
N SER A 221 -3.28 45.21 2.55
CA SER A 221 -3.87 46.51 2.79
C SER A 221 -5.33 46.41 3.21
N GLU A 222 -6.06 45.43 2.67
CA GLU A 222 -7.44 45.17 3.13
C GLU A 222 -7.50 44.53 4.52
N GLY A 223 -6.66 43.53 4.75
CA GLY A 223 -6.52 42.93 6.06
C GLY A 223 -6.20 43.93 7.16
N LEU A 224 -5.34 44.91 6.84
CA LEU A 224 -4.98 45.94 7.80
C LEU A 224 -6.19 46.80 8.17
N LEU A 225 -6.96 47.20 7.17
CA LEU A 225 -8.13 48.04 7.38
C LEU A 225 -9.15 47.31 8.24
N TYR A 226 -9.41 46.04 7.89
CA TYR A 226 -10.33 45.17 8.64
C TYR A 226 -9.98 45.03 10.11
N GLU A 227 -8.71 44.74 10.40
CA GLU A 227 -8.26 44.57 11.76
C GLU A 227 -8.48 45.87 12.54
N ARG A 228 -8.09 47.00 11.97
CA ARG A 228 -8.23 48.28 12.66
C ARG A 228 -9.68 48.61 12.99
N ARG A 229 -10.61 48.28 12.07
CA ARG A 229 -12.04 48.51 12.32
C ARG A 229 -12.54 47.63 13.45
N LEU A 230 -12.11 46.37 13.44
CA LEU A 230 -12.46 45.46 14.53
C LEU A 230 -11.94 45.99 15.85
N PHE A 231 -10.66 46.39 15.84
CA PHE A 231 -10.00 46.94 16.99
C PHE A 231 -10.78 48.12 17.57
N HIS A 232 -11.19 49.05 16.71
CA HIS A 232 -12.01 50.20 17.13
C HIS A 232 -13.30 49.72 17.81
N SER A 233 -14.01 48.82 17.15
CA SER A 233 -15.23 48.19 17.68
C SER A 233 -15.11 47.66 19.10
N ALA A 234 -13.94 47.10 19.42
CA ALA A 234 -13.72 46.54 20.75
C ALA A 234 -13.92 47.61 21.86
N PHE A 235 -13.76 48.89 21.51
CA PHE A 235 -13.96 49.97 22.46
C PHE A 235 -15.44 50.21 22.83
N ALA A 236 -16.34 49.55 22.11
CA ALA A 236 -17.75 49.53 22.45
C ALA A 236 -18.12 48.30 23.30
N THR A 237 -17.13 47.64 23.90
CA THR A 237 -17.40 46.52 24.79
C THR A 237 -16.92 46.85 26.19
N GLU A 238 -17.62 46.31 27.19
CA GLU A 238 -17.23 46.47 28.60
C GLU A 238 -15.86 45.86 28.84
N ASP A 239 -15.58 44.73 28.17
CA ASP A 239 -14.36 43.95 28.41
C ASP A 239 -13.06 44.70 28.10
N GLN A 240 -13.07 45.60 27.12
CA GLN A 240 -11.88 46.41 26.85
C GLN A 240 -11.59 47.38 27.99
N SER A 241 -12.62 48.11 28.44
CA SER A 241 -12.50 49.00 29.60
C SER A 241 -11.97 48.27 30.83
N GLU A 242 -12.52 47.09 31.08
CA GLU A 242 -12.12 46.25 32.21
C GLU A 242 -10.66 45.80 32.08
N GLY A 243 -10.31 45.23 30.93
CA GLY A 243 -8.96 44.72 30.71
C GLY A 243 -7.90 45.79 30.80
N MET A 244 -8.22 46.98 30.31
CA MET A 244 -7.28 48.09 30.35
C MET A 244 -7.20 48.79 31.70
N ALA A 245 -8.33 48.85 32.41
CA ALA A 245 -8.33 49.35 33.78
C ALA A 245 -7.49 48.44 34.67
N ALA A 246 -7.53 47.15 34.38
CA ALA A 246 -6.83 46.18 35.21
C ALA A 246 -5.32 46.31 35.07
N PHE A 247 -4.84 46.59 33.85
CA PHE A 247 -3.42 46.82 33.65
C PHE A 247 -2.94 48.08 34.38
N ILE A 248 -3.72 49.15 34.26
CA ILE A 248 -3.37 50.43 34.88
C ILE A 248 -3.42 50.31 36.40
N GLU A 249 -4.42 49.58 36.91
CA GLU A 249 -4.60 49.39 38.34
C GLU A 249 -3.76 48.24 38.88
N LYS A 250 -2.88 47.72 38.03
CA LYS A 250 -1.90 46.68 38.40
C LYS A 250 -2.57 45.45 39.04
N ARG A 251 -3.70 45.03 38.47
CA ARG A 251 -4.43 43.86 38.97
C ARG A 251 -4.80 42.88 37.87
N ALA A 252 -5.41 41.77 38.27
CA ALA A 252 -6.00 40.81 37.33
C ALA A 252 -7.35 41.31 36.82
N PRO A 253 -7.59 41.18 35.50
CA PRO A 253 -8.87 41.54 34.91
C PRO A 253 -9.96 40.54 35.30
N GLN A 254 -11.18 41.02 35.36
CA GLN A 254 -12.33 40.17 35.65
C GLN A 254 -13.34 40.36 34.54
N PHE A 255 -13.22 39.54 33.50
CA PHE A 255 -14.09 39.66 32.32
C PHE A 255 -15.46 39.02 32.59
N THR A 256 -16.52 39.73 32.24
CA THR A 256 -17.88 39.23 32.42
C THR A 256 -18.74 39.55 31.21
N SER B 1 13.93 17.00 -31.97
CA SER B 1 15.24 16.41 -31.51
C SER B 1 15.78 17.12 -30.27
N MET B 2 16.45 16.37 -29.39
CA MET B 2 16.83 16.91 -28.08
C MET B 2 18.33 17.19 -27.92
N THR B 3 18.88 18.00 -28.82
CA THR B 3 20.28 18.43 -28.74
C THR B 3 20.34 19.94 -28.52
N TYR B 4 21.00 20.35 -27.44
CA TYR B 4 21.08 21.75 -27.07
C TYR B 4 22.53 22.18 -26.84
N GLU B 5 22.80 23.47 -27.02
CA GLU B 5 24.16 24.00 -26.90
C GLU B 5 24.60 24.27 -25.45
N THR B 6 23.65 24.65 -24.60
CA THR B 6 23.98 25.08 -23.24
C THR B 6 23.49 24.12 -22.15
N ILE B 7 22.78 23.07 -22.54
CA ILE B 7 22.22 22.10 -21.60
C ILE B 7 22.34 20.66 -22.12
N LEU B 8 22.29 19.71 -21.20
CA LEU B 8 22.24 18.28 -21.53
C LEU B 8 20.87 17.74 -21.08
N VAL B 9 20.31 16.80 -21.84
CA VAL B 9 19.02 16.21 -21.49
C VAL B 9 19.03 14.68 -21.59
N GLU B 10 18.69 14.02 -20.48
CA GLU B 10 18.58 12.54 -20.43
C GLU B 10 17.16 12.12 -20.08
N ARG B 11 16.62 11.18 -20.87
CA ARG B 11 15.34 10.55 -20.54
C ARG B 11 15.59 9.14 -20.02
N ASP B 12 15.24 8.90 -18.76
CA ASP B 12 15.34 7.56 -18.20
C ASP B 12 14.08 7.16 -17.46
N GLN B 13 13.37 6.18 -18.00
CA GLN B 13 12.10 5.71 -17.46
C GLN B 13 11.02 6.79 -17.65
N ARG B 14 10.40 7.22 -16.57
CA ARG B 14 9.41 8.29 -16.66
C ARG B 14 9.99 9.61 -16.12
N VAL B 15 11.32 9.66 -16.03
CA VAL B 15 12.03 10.82 -15.48
C VAL B 15 12.88 11.51 -16.54
N GLY B 16 12.74 12.83 -16.66
CA GLY B 16 13.58 13.63 -17.55
C GLY B 16 14.51 14.55 -16.77
N ILE B 17 15.77 14.63 -17.19
CA ILE B 17 16.77 15.40 -16.45
C ILE B 17 17.39 16.47 -17.32
N ILE B 18 17.24 17.73 -16.91
CA ILE B 18 17.83 18.85 -17.60
C ILE B 18 19.05 19.35 -16.83
N THR B 19 20.24 19.08 -17.34
CA THR B 19 21.47 19.53 -16.71
C THR B 19 22.01 20.79 -17.40
N LEU B 20 22.17 21.86 -16.63
CA LEU B 20 22.83 23.07 -17.13
C LEU B 20 24.31 22.77 -17.41
N ASN B 21 24.76 23.14 -18.60
CA ASN B 21 26.08 22.76 -19.09
C ASN B 21 26.88 23.94 -19.62
N ARG B 22 27.18 24.89 -18.75
CA ARG B 22 28.08 25.99 -19.10
C ARG B 22 29.21 26.12 -18.08
N PRO B 23 30.14 25.13 -18.06
CA PRO B 23 31.23 25.12 -17.07
C PRO B 23 32.08 26.39 -17.11
N GLN B 24 32.35 26.89 -18.31
CA GLN B 24 33.13 28.11 -18.52
C GLN B 24 32.54 29.34 -17.81
N ALA B 25 31.24 29.33 -17.56
CA ALA B 25 30.55 30.46 -16.93
C ALA B 25 29.87 30.12 -15.60
N LEU B 26 30.25 29.00 -15.00
CA LEU B 26 29.65 28.52 -13.75
C LEU B 26 28.13 28.37 -13.84
N ASN B 27 27.66 28.01 -15.04
CA ASN B 27 26.24 27.76 -15.31
C ASN B 27 25.38 29.01 -15.30
N ALA B 28 26.01 30.17 -15.45
CA ALA B 28 25.28 31.44 -15.56
C ALA B 28 24.16 31.32 -16.59
N LEU B 29 23.01 31.90 -16.27
CA LEU B 29 21.88 31.89 -17.18
C LEU B 29 21.98 33.02 -18.20
N ASN B 30 21.84 32.67 -19.48
CA ASN B 30 21.72 33.68 -20.53
C ASN B 30 20.47 33.42 -21.38
N SER B 31 20.23 34.26 -22.38
CA SER B 31 19.08 34.13 -23.26
C SER B 31 18.95 32.75 -23.87
N GLN B 32 20.09 32.16 -24.24
CA GLN B 32 20.04 30.85 -24.88
C GLN B 32 19.69 29.73 -23.91
N VAL B 33 20.14 29.85 -22.66
CA VAL B 33 19.77 28.87 -21.63
C VAL B 33 18.27 28.96 -21.36
N MET B 34 17.78 30.17 -21.14
CA MET B 34 16.36 30.40 -20.99
C MET B 34 15.59 29.67 -22.09
N ASN B 35 15.94 29.95 -23.34
CA ASN B 35 15.26 29.35 -24.48
C ASN B 35 15.43 27.84 -24.60
N GLU B 36 16.62 27.33 -24.27
CA GLU B 36 16.85 25.89 -24.33
C GLU B 36 16.16 25.14 -23.19
N VAL B 37 16.30 25.65 -21.98
CA VAL B 37 15.66 25.02 -20.81
C VAL B 37 14.13 24.97 -20.96
N THR B 38 13.51 26.10 -21.30
CA THR B 38 12.06 26.12 -21.48
C THR B 38 11.63 25.19 -22.62
N SER B 39 12.35 25.21 -23.74
CA SER B 39 12.03 24.30 -24.86
C SER B 39 12.09 22.84 -24.45
N ALA B 40 13.11 22.48 -23.67
CA ALA B 40 13.31 21.11 -23.22
C ALA B 40 12.21 20.70 -22.25
N ALA B 41 12.02 21.49 -21.19
CA ALA B 41 10.96 21.26 -20.22
C ALA B 41 9.60 21.07 -20.91
N THR B 42 9.29 21.97 -21.85
CA THR B 42 8.05 21.90 -22.61
C THR B 42 7.91 20.58 -23.42
N GLU B 43 8.99 20.15 -24.08
CA GLU B 43 8.93 18.90 -24.83
C GLU B 43 8.72 17.69 -23.90
N LEU B 44 9.47 17.66 -22.80
CA LEU B 44 9.29 16.66 -21.76
C LEU B 44 7.86 16.66 -21.21
N ASP B 45 7.27 17.86 -21.08
CA ASP B 45 5.91 17.98 -20.56
C ASP B 45 4.89 17.34 -21.51
N ASP B 46 5.05 17.60 -22.80
CA ASP B 46 4.16 17.03 -23.80
C ASP B 46 4.41 15.53 -24.05
N ASP B 47 5.55 15.02 -23.59
CA ASP B 47 5.87 13.61 -23.73
C ASP B 47 5.13 12.76 -22.69
N PRO B 48 4.16 11.94 -23.14
CA PRO B 48 3.36 11.14 -22.21
C PRO B 48 4.18 10.06 -21.46
N ASP B 49 5.44 9.87 -21.85
CA ASP B 49 6.30 8.89 -21.19
C ASP B 49 7.09 9.50 -20.03
N ILE B 50 6.91 10.80 -19.81
CA ILE B 50 7.65 11.52 -18.78
C ILE B 50 6.71 12.02 -17.68
N GLY B 51 7.02 11.66 -16.43
CA GLY B 51 6.17 11.94 -15.27
C GLY B 51 6.79 12.84 -14.21
N ALA B 52 8.08 13.13 -14.35
CA ALA B 52 8.78 14.10 -13.51
C ALA B 52 10.00 14.65 -14.25
N ILE B 53 10.30 15.93 -14.01
CA ILE B 53 11.41 16.62 -14.69
C ILE B 53 12.37 17.21 -13.68
N ILE B 54 13.65 16.87 -13.81
CA ILE B 54 14.68 17.45 -12.94
C ILE B 54 15.43 18.55 -13.66
N ILE B 55 15.73 19.61 -12.94
CA ILE B 55 16.64 20.64 -13.43
C ILE B 55 17.80 20.75 -12.45
N THR B 56 19.02 20.64 -12.97
CA THR B 56 20.22 20.67 -12.13
C THR B 56 21.40 21.32 -12.84
N GLY B 57 22.43 21.67 -12.06
CA GLY B 57 23.68 22.17 -12.61
C GLY B 57 24.83 21.23 -12.31
N SER B 58 26.00 21.79 -12.04
CA SER B 58 27.16 20.98 -11.65
C SER B 58 27.31 21.02 -10.12
N ALA B 59 28.24 20.22 -9.61
CA ALA B 59 28.53 20.16 -8.18
C ALA B 59 29.03 21.50 -7.65
N LYS B 60 29.56 22.32 -8.55
CA LYS B 60 30.11 23.63 -8.21
C LYS B 60 29.02 24.72 -8.18
N ALA B 61 28.08 24.64 -9.12
CA ALA B 61 27.09 25.69 -9.27
C ALA B 61 25.85 25.19 -10.00
N PHE B 62 24.70 25.22 -9.31
CA PHE B 62 23.41 25.06 -9.95
C PHE B 62 23.31 26.06 -11.09
N ALA B 63 23.46 27.34 -10.76
CA ALA B 63 23.54 28.42 -11.73
C ALA B 63 23.97 29.68 -11.02
N ALA B 64 25.21 30.10 -11.25
CA ALA B 64 25.79 31.23 -10.55
C ALA B 64 25.57 32.53 -11.30
N GLY B 65 24.36 33.07 -11.17
CA GLY B 65 24.01 34.35 -11.77
C GLY B 65 23.60 34.30 -13.23
N ALA B 66 23.82 35.41 -13.92
CA ALA B 66 23.41 35.57 -15.30
C ALA B 66 24.55 36.24 -16.07
N ASP B 67 24.52 36.09 -17.40
CA ASP B 67 25.43 36.82 -18.27
CA ASP B 67 25.44 36.83 -18.26
C ASP B 67 25.07 38.29 -18.17
N ILE B 68 25.93 39.07 -17.52
CA ILE B 68 25.69 40.49 -17.32
C ILE B 68 25.97 41.24 -18.61
N LYS B 69 26.72 40.60 -19.50
CA LYS B 69 27.06 41.18 -20.81
C LYS B 69 25.85 41.30 -21.74
N GLU B 70 24.92 40.36 -21.63
CA GLU B 70 23.68 40.44 -22.38
C GLU B 70 22.82 41.61 -21.93
N MET B 71 22.90 41.91 -20.63
CA MET B 71 22.04 42.93 -20.03
C MET B 71 22.68 44.30 -20.00
N ALA B 72 24.01 44.34 -20.04
CA ALA B 72 24.78 45.55 -19.73
C ALA B 72 24.39 46.81 -20.50
N ASP B 73 24.12 46.65 -21.80
CA ASP B 73 23.83 47.77 -22.69
C ASP B 73 22.37 47.83 -23.10
N LEU B 74 21.57 46.91 -22.56
CA LEU B 74 20.14 46.85 -22.80
C LEU B 74 19.47 48.15 -22.35
N THR B 75 18.62 48.69 -23.20
CA THR B 75 17.85 49.88 -22.86
C THR B 75 16.46 49.46 -22.39
N PHE B 76 15.71 50.38 -21.82
CA PHE B 76 14.31 50.13 -21.50
C PHE B 76 13.51 49.78 -22.77
N ALA B 77 13.81 50.43 -23.88
CA ALA B 77 13.17 50.14 -25.17
C ALA B 77 13.32 48.66 -25.56
N ASP B 78 14.55 48.14 -25.50
CA ASP B 78 14.79 46.74 -25.84
C ASP B 78 14.15 45.82 -24.82
N ALA B 79 14.18 46.23 -23.55
CA ALA B 79 13.63 45.44 -22.45
C ALA B 79 12.13 45.25 -22.62
N PHE B 80 11.41 46.36 -22.83
CA PHE B 80 9.96 46.34 -22.99
C PHE B 80 9.56 45.64 -24.29
N THR B 81 10.28 45.94 -25.37
CA THR B 81 9.98 45.33 -26.67
C THR B 81 10.19 43.80 -26.69
N ALA B 82 11.30 43.34 -26.13
CA ALA B 82 11.55 41.91 -26.04
C ALA B 82 10.78 41.23 -24.89
N ASP B 83 10.21 42.03 -23.99
CA ASP B 83 9.66 41.51 -22.73
C ASP B 83 10.69 40.60 -22.09
N PHE B 84 11.88 41.16 -21.83
CA PHE B 84 13.03 40.42 -21.34
C PHE B 84 12.71 39.53 -20.13
N PHE B 85 13.02 38.24 -20.23
CA PHE B 85 12.78 37.24 -19.17
C PHE B 85 11.38 36.59 -19.18
N ALA B 86 10.42 37.19 -19.88
CA ALA B 86 9.05 36.66 -19.90
C ALA B 86 8.96 35.19 -20.33
N THR B 87 9.91 34.77 -21.17
CA THR B 87 9.95 33.39 -21.69
C THR B 87 10.11 32.34 -20.56
N TRP B 88 10.77 32.72 -19.48
CA TRP B 88 10.86 31.83 -18.32
C TRP B 88 9.50 31.39 -17.76
N GLY B 89 8.48 32.23 -17.97
CA GLY B 89 7.12 31.88 -17.63
C GLY B 89 6.68 30.53 -18.18
N LYS B 90 7.28 30.12 -19.30
CA LYS B 90 6.97 28.84 -19.93
C LYS B 90 7.32 27.66 -19.02
N LEU B 91 8.34 27.83 -18.18
CA LEU B 91 8.68 26.81 -17.21
C LEU B 91 7.55 26.61 -16.19
N ALA B 92 6.95 27.71 -15.73
CA ALA B 92 5.90 27.64 -14.72
C ALA B 92 4.60 27.05 -15.28
N ALA B 93 4.45 27.12 -16.59
CA ALA B 93 3.29 26.57 -17.26
C ALA B 93 3.44 25.07 -17.49
N VAL B 94 4.59 24.49 -17.15
CA VAL B 94 4.78 23.03 -17.28
C VAL B 94 3.85 22.33 -16.29
N ARG B 95 3.09 21.38 -16.80
CA ARG B 95 2.07 20.69 -16.00
C ARG B 95 2.64 19.54 -15.15
N THR B 96 3.59 18.82 -15.72
CA THR B 96 4.31 17.76 -15.02
C THR B 96 5.12 18.34 -13.85
N PRO B 97 5.20 17.62 -12.71
CA PRO B 97 6.03 18.03 -11.58
C PRO B 97 7.48 18.28 -11.98
N THR B 98 8.09 19.33 -11.43
CA THR B 98 9.50 19.63 -11.66
C THR B 98 10.26 19.64 -10.36
N ILE B 99 11.49 19.15 -10.40
CA ILE B 99 12.39 19.07 -9.25
C ILE B 99 13.69 19.81 -9.54
N ALA B 100 13.96 20.84 -8.73
CA ALA B 100 15.26 21.50 -8.76
C ALA B 100 16.20 20.75 -7.85
N ALA B 101 17.29 20.23 -8.42
CA ALA B 101 18.39 19.63 -7.65
C ALA B 101 19.53 20.63 -7.58
N VAL B 102 19.74 21.23 -6.41
CA VAL B 102 20.61 22.39 -6.29
C VAL B 102 21.91 22.12 -5.50
N ALA B 103 23.04 22.17 -6.20
CA ALA B 103 24.37 22.14 -5.58
C ALA B 103 25.11 23.46 -5.81
N GLY B 104 25.89 23.88 -4.82
CA GLY B 104 26.74 25.06 -4.92
C GLY B 104 25.98 26.37 -5.11
N TYR B 105 26.43 27.17 -6.06
CA TYR B 105 25.88 28.49 -6.27
C TYR B 105 24.54 28.46 -7.01
N ALA B 106 23.51 28.93 -6.31
CA ALA B 106 22.22 29.24 -6.92
C ALA B 106 21.98 30.73 -6.66
N LEU B 107 22.50 31.57 -7.54
CA LEU B 107 22.51 33.02 -7.30
C LEU B 107 21.79 33.80 -8.40
N GLY B 108 21.08 34.86 -8.02
CA GLY B 108 20.33 35.68 -8.96
C GLY B 108 19.33 34.84 -9.72
N GLY B 109 19.37 34.91 -11.05
CA GLY B 109 18.55 34.06 -11.91
C GLY B 109 18.60 32.59 -11.53
N GLY B 110 19.76 32.15 -11.04
CA GLY B 110 19.94 30.80 -10.55
C GLY B 110 19.07 30.46 -9.35
N CYS B 111 19.02 31.36 -8.38
CA CYS B 111 18.12 31.19 -7.25
C CYS B 111 16.65 31.16 -7.75
N GLU B 112 16.33 32.07 -8.66
CA GLU B 112 14.98 32.19 -9.18
C GLU B 112 14.54 30.98 -10.00
N LEU B 113 15.48 30.39 -10.74
CA LEU B 113 15.22 29.16 -11.47
C LEU B 113 14.81 28.04 -10.52
N ALA B 114 15.60 27.85 -9.46
CA ALA B 114 15.33 26.85 -8.42
C ALA B 114 13.94 27.03 -7.81
N MET B 115 13.59 28.29 -7.53
CA MET B 115 12.29 28.59 -6.93
C MET B 115 11.09 28.38 -7.86
N MET B 116 11.32 28.34 -9.18
CA MET B 116 10.24 28.10 -10.15
C MET B 116 9.79 26.65 -10.13
N CYS B 117 10.68 25.76 -9.70
CA CYS B 117 10.36 24.33 -9.67
C CYS B 117 9.43 24.03 -8.50
N ASP B 118 8.78 22.88 -8.56
CA ASP B 118 7.82 22.50 -7.54
C ASP B 118 8.55 22.02 -6.30
N VAL B 119 9.43 21.04 -6.47
CA VAL B 119 10.21 20.50 -5.37
C VAL B 119 11.66 20.98 -5.48
N LEU B 120 12.27 21.32 -4.34
CA LEU B 120 13.64 21.83 -4.33
C LEU B 120 14.52 21.00 -3.40
N ILE B 121 15.36 20.14 -3.98
CA ILE B 121 16.30 19.35 -3.19
C ILE B 121 17.70 19.96 -3.29
N ALA B 122 18.26 20.29 -2.14
CA ALA B 122 19.55 20.96 -2.10
C ALA B 122 20.66 20.08 -1.51
N ALA B 123 21.84 20.18 -2.11
CA ALA B 123 23.06 19.66 -1.49
C ALA B 123 23.35 20.49 -0.24
N ASP B 124 24.11 19.95 0.71
CA ASP B 124 24.53 20.74 1.88
C ASP B 124 25.48 21.90 1.51
N THR B 125 25.98 21.87 0.28
CA THR B 125 26.86 22.91 -0.26
C THR B 125 26.11 24.08 -0.91
N ALA B 126 24.79 23.93 -1.07
CA ALA B 126 24.01 24.91 -1.83
C ALA B 126 23.98 26.27 -1.15
N LYS B 127 24.28 27.30 -1.94
CA LYS B 127 24.26 28.68 -1.47
C LYS B 127 23.28 29.48 -2.31
N PHE B 128 22.25 30.01 -1.66
CA PHE B 128 21.19 30.75 -2.34
C PHE B 128 21.37 32.24 -2.13
N GLY B 129 21.08 33.04 -3.15
CA GLY B 129 21.14 34.49 -2.99
C GLY B 129 20.53 35.27 -4.13
N GLN B 130 20.25 36.54 -3.87
CA GLN B 130 19.75 37.47 -4.87
C GLN B 130 20.58 38.75 -4.80
N PRO B 131 21.73 38.80 -5.52
CA PRO B 131 22.63 39.95 -5.45
C PRO B 131 22.39 41.03 -6.52
N GLU B 132 21.26 40.96 -7.20
CA GLU B 132 20.93 41.90 -8.28
C GLU B 132 21.08 43.35 -7.85
N ILE B 133 20.75 43.64 -6.60
CA ILE B 133 20.86 44.98 -6.04
C ILE B 133 22.28 45.55 -6.25
N LYS B 134 23.29 44.73 -6.03
CA LYS B 134 24.69 45.14 -6.20
C LYS B 134 24.97 45.69 -7.60
N LEU B 135 24.26 45.15 -8.61
CA LEU B 135 24.41 45.57 -9.99
C LEU B 135 23.53 46.76 -10.35
N GLY B 136 22.84 47.32 -9.36
CA GLY B 136 21.96 48.46 -9.58
C GLY B 136 20.63 48.11 -10.25
N VAL B 137 20.25 46.84 -10.17
CA VAL B 137 18.92 46.41 -10.59
C VAL B 137 18.24 45.67 -9.43
N LEU B 138 17.34 44.75 -9.75
CA LEU B 138 16.64 43.95 -8.73
C LEU B 138 16.29 42.62 -9.39
N PRO B 139 15.79 41.63 -8.61
CA PRO B 139 15.42 40.38 -9.25
C PRO B 139 14.41 40.57 -10.40
N GLY B 140 14.62 39.85 -11.51
CA GLY B 140 13.78 40.00 -12.70
C GLY B 140 13.08 38.71 -13.13
N MET B 141 13.35 37.62 -12.41
CA MET B 141 12.75 36.33 -12.72
C MET B 141 11.84 35.80 -11.60
N GLY B 142 11.21 36.72 -10.89
CA GLY B 142 10.25 36.36 -9.85
C GLY B 142 10.79 36.25 -8.43
N GLY B 143 12.06 36.57 -8.25
CA GLY B 143 12.71 36.46 -6.96
C GLY B 143 12.02 37.21 -5.82
N SER B 144 11.60 38.44 -6.10
CA SER B 144 10.95 39.27 -5.08
C SER B 144 9.59 38.70 -4.69
N GLN B 145 9.06 37.83 -5.54
CA GLN B 145 7.74 37.24 -5.35
C GLN B 145 7.80 35.88 -4.66
N ARG B 146 8.57 34.95 -5.24
CA ARG B 146 8.67 33.60 -4.70
C ARG B 146 9.51 33.50 -3.42
N LEU B 147 10.58 34.29 -3.33
CA LEU B 147 11.43 34.26 -2.13
C LEU B 147 10.62 34.74 -0.91
N THR B 148 10.06 35.93 -1.03
CA THR B 148 9.23 36.52 0.00
C THR B 148 8.12 35.55 0.44
N ARG B 149 7.49 34.90 -0.52
CA ARG B 149 6.42 33.93 -0.23
C ARG B 149 6.93 32.69 0.49
N ALA B 150 8.17 32.29 0.20
CA ALA B 150 8.77 31.12 0.85
C ALA B 150 9.31 31.40 2.28
N ILE B 151 10.09 32.47 2.43
CA ILE B 151 10.87 32.66 3.67
C ILE B 151 10.40 33.79 4.58
N GLY B 152 9.37 34.53 4.16
CA GLY B 152 8.88 35.67 4.95
C GLY B 152 9.54 36.99 4.55
N LYS B 153 8.90 38.10 4.90
CA LYS B 153 9.38 39.42 4.52
C LYS B 153 10.76 39.77 5.08
N ALA B 154 10.95 39.56 6.39
CA ALA B 154 12.20 39.92 7.06
C ALA B 154 13.44 39.35 6.36
N LYS B 155 13.40 38.05 6.06
CA LYS B 155 14.53 37.42 5.41
C LYS B 155 14.65 37.80 3.93
N ALA B 156 13.52 37.88 3.22
CA ALA B 156 13.58 38.21 1.80
C ALA B 156 14.07 39.64 1.60
N MET B 157 13.72 40.55 2.50
CA MET B 157 14.18 41.94 2.42
C MET B 157 15.68 41.98 2.68
N ASP B 158 16.12 41.12 3.60
CA ASP B 158 17.51 41.06 4.01
C ASP B 158 18.35 40.61 2.83
N LEU B 159 17.98 39.49 2.23
CA LEU B 159 18.71 38.97 1.08
C LEU B 159 18.66 39.90 -0.13
N ILE B 160 17.48 40.41 -0.45
CA ILE B 160 17.31 41.21 -1.67
C ILE B 160 17.93 42.62 -1.56
N LEU B 161 17.93 43.20 -0.36
CA LEU B 161 18.51 44.54 -0.16
C LEU B 161 20.03 44.54 0.15
N THR B 162 20.54 43.47 0.79
CA THR B 162 21.95 43.43 1.12
C THR B 162 22.73 42.51 0.18
N GLY B 163 22.03 41.54 -0.40
CA GLY B 163 22.64 40.59 -1.32
C GLY B 163 23.37 39.45 -0.64
N ARG B 164 23.19 39.31 0.67
CA ARG B 164 23.83 38.22 1.42
C ARG B 164 23.34 36.86 0.94
N THR B 165 24.18 35.84 1.14
CA THR B 165 23.81 34.49 0.75
C THR B 165 23.20 33.74 1.92
N MET B 166 22.45 32.70 1.59
CA MET B 166 21.83 31.84 2.58
C MET B 166 22.29 30.43 2.27
N ASP B 167 22.83 29.74 3.26
CA ASP B 167 23.32 28.37 3.04
C ASP B 167 22.18 27.36 3.12
N ALA B 168 22.48 26.12 2.76
CA ALA B 168 21.48 25.06 2.70
C ALA B 168 20.67 24.93 4.00
N ALA B 169 21.35 24.86 5.14
CA ALA B 169 20.69 24.72 6.44
C ALA B 169 19.67 25.81 6.74
N GLU B 170 20.06 27.07 6.56
CA GLU B 170 19.14 28.19 6.76
C GLU B 170 17.96 28.11 5.77
N ALA B 171 18.26 27.84 4.50
CA ALA B 171 17.22 27.72 3.48
C ALA B 171 16.17 26.69 3.87
N GLU B 172 16.61 25.61 4.52
CA GLU B 172 15.72 24.51 4.86
C GLU B 172 14.74 24.85 5.97
N ARG B 173 15.20 25.55 6.98
CA ARG B 173 14.32 25.88 8.10
C ARG B 173 13.54 27.17 7.84
N SER B 174 13.88 27.85 6.74
CA SER B 174 13.25 29.13 6.41
CA SER B 174 13.24 29.12 6.41
C SER B 174 12.07 28.96 5.44
N GLY B 175 12.01 27.82 4.77
CA GLY B 175 10.88 27.54 3.88
C GLY B 175 11.24 27.44 2.42
N LEU B 176 12.52 27.67 2.11
CA LEU B 176 12.97 27.77 0.74
C LEU B 176 13.16 26.40 0.05
N VAL B 177 13.68 25.42 0.78
CA VAL B 177 13.96 24.10 0.18
C VAL B 177 13.11 23.00 0.79
N SER B 178 12.89 21.93 0.01
CA SER B 178 12.11 20.78 0.46
C SER B 178 12.90 19.93 1.45
N ARG B 179 14.14 19.60 1.07
CA ARG B 179 15.09 18.87 1.92
C ARG B 179 16.55 19.05 1.50
N VAL B 180 17.43 18.90 2.48
CA VAL B 180 18.87 19.00 2.30
C VAL B 180 19.48 17.61 2.36
N VAL B 181 20.31 17.29 1.37
CA VAL B 181 21.00 16.00 1.32
C VAL B 181 22.49 16.26 1.11
N PRO B 182 23.35 15.26 1.46
CA PRO B 182 24.81 15.39 1.28
C PRO B 182 25.18 15.65 -0.18
N ALA B 183 26.18 16.52 -0.41
CA ALA B 183 26.61 16.90 -1.76
C ALA B 183 26.76 15.71 -2.72
N ASP B 184 27.42 14.65 -2.25
CA ASP B 184 27.66 13.43 -3.05
C ASP B 184 26.37 12.67 -3.37
N ASP B 185 25.35 12.83 -2.54
CA ASP B 185 24.10 12.09 -2.71
C ASP B 185 23.01 12.83 -3.50
N LEU B 186 23.27 14.09 -3.86
CA LEU B 186 22.24 14.95 -4.48
C LEU B 186 21.56 14.33 -5.70
N LEU B 187 22.33 14.00 -6.73
CA LEU B 187 21.80 13.43 -7.97
C LEU B 187 21.02 12.12 -7.76
N THR B 188 21.47 11.31 -6.81
CA THR B 188 20.81 10.04 -6.48
C THR B 188 19.49 10.29 -5.78
N GLU B 189 19.50 11.20 -4.81
CA GLU B 189 18.30 11.54 -4.05
C GLU B 189 17.22 12.16 -4.95
N ALA B 190 17.64 13.12 -5.79
CA ALA B 190 16.76 13.78 -6.74
C ALA B 190 16.10 12.82 -7.73
N ARG B 191 16.88 11.85 -8.24
CA ARG B 191 16.34 10.78 -9.12
C ARG B 191 15.37 9.87 -8.39
N ALA B 192 15.66 9.59 -7.13
CA ALA B 192 14.79 8.79 -6.28
C ALA B 192 13.46 9.51 -6.05
N THR B 193 13.54 10.79 -5.69
CA THR B 193 12.35 11.62 -5.55
C THR B 193 11.58 11.69 -6.87
N ALA B 194 12.29 11.99 -7.96
CA ALA B 194 11.69 12.10 -9.29
C ALA B 194 11.04 10.78 -9.72
N THR B 195 11.66 9.67 -9.33
CA THR B 195 11.11 8.34 -9.60
C THR B 195 9.77 8.13 -8.91
N THR B 196 9.72 8.39 -7.60
CA THR B 196 8.50 8.30 -6.80
C THR B 196 7.35 9.09 -7.44
N ILE B 197 7.62 10.34 -7.77
CA ILE B 197 6.61 11.23 -8.35
C ILE B 197 6.21 10.81 -9.76
N SER B 198 7.19 10.35 -10.55
CA SER B 198 6.91 9.93 -11.93
C SER B 198 6.11 8.64 -11.96
N GLN B 199 6.19 7.88 -10.87
CA GLN B 199 5.44 6.63 -10.72
C GLN B 199 4.02 6.84 -10.19
N MET B 200 3.72 8.04 -9.69
CA MET B 200 2.34 8.42 -9.39
C MET B 200 1.49 8.50 -10.66
N SER B 201 0.16 8.46 -10.49
CA SER B 201 -0.75 8.75 -11.60
C SER B 201 -0.42 10.13 -12.19
N ALA B 202 -0.14 10.18 -13.49
CA ALA B 202 0.20 11.43 -14.18
C ALA B 202 -0.87 12.51 -13.96
N SER B 203 -2.12 12.08 -14.11
CA SER B 203 -3.30 12.92 -13.93
C SER B 203 -3.41 13.44 -12.50
N ALA B 204 -3.42 12.53 -11.52
CA ALA B 204 -3.50 12.91 -10.11
C ALA B 204 -2.38 13.88 -9.72
N ALA B 205 -1.16 13.56 -10.12
CA ALA B 205 -0.01 14.40 -9.84
C ALA B 205 -0.13 15.80 -10.48
N ARG B 206 -0.58 15.87 -11.72
CA ARG B 206 -0.79 17.16 -12.36
C ARG B 206 -1.83 18.00 -11.62
N MET B 207 -2.91 17.36 -11.18
CA MET B 207 -3.96 18.02 -10.39
C MET B 207 -3.47 18.52 -9.04
N ALA B 208 -2.71 17.68 -8.34
CA ALA B 208 -2.20 18.04 -7.02
C ALA B 208 -1.28 19.27 -7.12
N LYS B 209 -0.38 19.24 -8.10
CA LYS B 209 0.53 20.35 -8.34
C LYS B 209 -0.27 21.62 -8.66
N GLU B 210 -1.27 21.45 -9.52
CA GLU B 210 -2.15 22.56 -9.87
C GLU B 210 -2.89 23.13 -8.64
N ALA B 211 -3.39 22.25 -7.79
CA ALA B 211 -4.13 22.67 -6.59
C ALA B 211 -3.21 23.48 -5.67
N VAL B 212 -2.00 22.94 -5.43
CA VAL B 212 -0.99 23.62 -4.64
C VAL B 212 -0.66 25.03 -5.18
N ASN B 213 -0.47 25.14 -6.49
CA ASN B 213 -0.18 26.44 -7.10
C ASN B 213 -1.27 27.49 -6.91
N ARG B 214 -2.51 27.04 -6.73
CA ARG B 214 -3.63 27.95 -6.47
C ARG B 214 -3.48 28.73 -5.16
N ALA B 215 -2.79 28.12 -4.19
CA ALA B 215 -2.56 28.75 -2.89
C ALA B 215 -1.90 30.13 -2.97
N PHE B 216 -1.27 30.43 -4.12
CA PHE B 216 -0.62 31.71 -4.31
C PHE B 216 -1.40 32.64 -5.23
N GLU B 217 -2.52 32.19 -5.75
CA GLU B 217 -3.22 32.95 -6.81
C GLU B 217 -4.58 33.52 -6.43
N SER B 218 -5.08 33.15 -5.25
CA SER B 218 -6.38 33.63 -4.79
C SER B 218 -6.53 33.52 -3.27
N SER B 219 -7.70 33.91 -2.79
CA SER B 219 -8.00 33.78 -1.37
C SER B 219 -8.17 32.32 -1.00
N LEU B 220 -8.00 32.02 0.29
CA LEU B 220 -8.16 30.65 0.82
C LEU B 220 -9.54 30.09 0.49
N SER B 221 -10.57 30.90 0.72
CA SER B 221 -11.91 30.56 0.34
C SER B 221 -12.00 30.00 -1.09
N GLU B 222 -11.41 30.71 -2.04
CA GLU B 222 -11.42 30.28 -3.45
C GLU B 222 -10.56 29.05 -3.76
N GLY B 223 -9.36 29.01 -3.17
CA GLY B 223 -8.51 27.85 -3.24
C GLY B 223 -9.17 26.58 -2.73
N LEU B 224 -9.91 26.67 -1.63
CA LEU B 224 -10.61 25.51 -1.08
C LEU B 224 -11.68 24.98 -2.03
N LEU B 225 -12.41 25.90 -2.66
CA LEU B 225 -13.45 25.53 -3.59
C LEU B 225 -12.82 24.90 -4.82
N TYR B 226 -11.75 25.52 -5.31
CA TYR B 226 -11.04 24.99 -6.46
C TYR B 226 -10.51 23.57 -6.21
N GLU B 227 -9.88 23.36 -5.06
CA GLU B 227 -9.35 22.06 -4.70
C GLU B 227 -10.47 21.02 -4.61
N ARG B 228 -11.59 21.41 -4.02
CA ARG B 228 -12.66 20.47 -3.81
C ARG B 228 -13.26 20.03 -5.14
N ARG B 229 -13.39 20.95 -6.07
CA ARG B 229 -13.97 20.62 -7.37
C ARG B 229 -13.02 19.76 -8.16
N LEU B 230 -11.73 20.07 -8.06
CA LEU B 230 -10.71 19.28 -8.74
C LEU B 230 -10.72 17.85 -8.20
N PHE B 231 -10.76 17.74 -6.87
CA PHE B 231 -10.90 16.47 -6.16
C PHE B 231 -12.11 15.68 -6.67
N HIS B 232 -13.26 16.35 -6.80
CA HIS B 232 -14.47 15.69 -7.27
C HIS B 232 -14.26 15.13 -8.67
N SER B 233 -13.57 15.91 -9.50
CA SER B 233 -13.41 15.56 -10.90
C SER B 233 -12.43 14.40 -11.06
N ALA B 234 -11.56 14.18 -10.07
CA ALA B 234 -10.59 13.08 -10.14
C ALA B 234 -11.29 11.71 -10.05
N PHE B 235 -12.48 11.68 -9.47
CA PHE B 235 -13.31 10.49 -9.46
C PHE B 235 -13.89 10.09 -10.83
N ALA B 236 -13.67 10.93 -11.83
CA ALA B 236 -14.04 10.60 -13.21
C ALA B 236 -12.86 9.98 -13.98
N THR B 237 -11.68 9.96 -13.36
CA THR B 237 -10.51 9.38 -14.01
C THR B 237 -10.43 7.89 -13.67
N GLU B 238 -9.85 7.10 -14.57
CA GLU B 238 -9.72 5.66 -14.34
C GLU B 238 -8.58 5.40 -13.37
N ASP B 239 -7.58 6.27 -13.39
CA ASP B 239 -6.48 6.22 -12.44
C ASP B 239 -6.91 6.27 -10.96
N GLN B 240 -7.97 7.02 -10.63
CA GLN B 240 -8.45 7.01 -9.24
C GLN B 240 -9.03 5.64 -8.87
N SER B 241 -9.75 5.02 -9.81
CA SER B 241 -10.32 3.69 -9.60
C SER B 241 -9.23 2.64 -9.43
N GLU B 242 -8.28 2.61 -10.37
CA GLU B 242 -7.13 1.73 -10.31
C GLU B 242 -6.31 1.95 -9.04
N GLY B 243 -6.13 3.23 -8.69
CA GLY B 243 -5.38 3.61 -7.49
C GLY B 243 -5.99 3.11 -6.20
N MET B 244 -7.31 3.29 -6.06
CA MET B 244 -8.03 2.86 -4.87
C MET B 244 -8.18 1.33 -4.84
N ALA B 245 -8.43 0.73 -6.01
CA ALA B 245 -8.46 -0.72 -6.15
C ALA B 245 -7.12 -1.35 -5.80
N ALA B 246 -6.01 -0.70 -6.18
CA ALA B 246 -4.69 -1.22 -5.84
C ALA B 246 -4.49 -1.21 -4.33
N PHE B 247 -4.91 -0.12 -3.69
CA PHE B 247 -4.85 -0.01 -2.24
C PHE B 247 -5.59 -1.13 -1.52
N ILE B 248 -6.79 -1.43 -1.98
CA ILE B 248 -7.61 -2.49 -1.42
C ILE B 248 -6.92 -3.86 -1.61
N GLU B 249 -6.39 -4.08 -2.81
CA GLU B 249 -5.74 -5.34 -3.15
C GLU B 249 -4.28 -5.34 -2.71
N LYS B 250 -3.92 -4.35 -1.91
CA LYS B 250 -2.57 -4.16 -1.37
C LYS B 250 -1.48 -4.47 -2.39
N ARG B 251 -1.53 -3.80 -3.53
CA ARG B 251 -0.58 -4.03 -4.62
C ARG B 251 -0.15 -2.72 -5.28
N ALA B 252 0.90 -2.80 -6.09
CA ALA B 252 1.34 -1.67 -6.92
C ALA B 252 0.25 -1.33 -7.95
N PRO B 253 0.04 -0.03 -8.21
CA PRO B 253 -0.95 0.32 -9.22
C PRO B 253 -0.39 0.10 -10.62
N GLN B 254 -1.27 -0.05 -11.59
CA GLN B 254 -0.87 -0.13 -12.97
C GLN B 254 -1.65 0.91 -13.77
N PHE B 255 -1.12 2.13 -13.77
CA PHE B 255 -1.77 3.24 -14.45
C PHE B 255 -1.49 3.18 -15.94
N MET C 2 13.33 68.98 12.73
CA MET C 2 12.32 69.33 13.77
C MET C 2 12.76 68.90 15.18
N THR C 3 12.19 69.54 16.19
CA THR C 3 12.42 69.16 17.59
C THR C 3 11.35 68.14 17.99
N TYR C 4 11.79 67.02 18.57
CA TYR C 4 10.87 65.94 18.94
C TYR C 4 10.87 65.67 20.46
N GLU C 5 9.69 65.43 21.02
CA GLU C 5 9.56 65.14 22.45
C GLU C 5 9.74 63.65 22.81
N THR C 6 9.42 62.74 21.88
CA THR C 6 9.44 61.31 22.21
C THR C 6 10.47 60.46 21.46
N ILE C 7 11.15 61.04 20.47
CA ILE C 7 12.16 60.30 19.72
C ILE C 7 13.47 61.06 19.59
N LEU C 8 14.50 60.35 19.18
CA LEU C 8 15.79 60.93 18.85
C LEU C 8 16.14 60.57 17.43
N VAL C 9 16.58 61.56 16.66
CA VAL C 9 16.95 61.35 15.28
C VAL C 9 18.41 61.72 15.07
N GLU C 10 19.17 60.85 14.43
CA GLU C 10 20.49 61.26 13.97
C GLU C 10 20.77 60.78 12.55
N ARG C 11 21.63 61.55 11.86
CA ARG C 11 22.02 61.25 10.50
C ARG C 11 23.52 61.02 10.45
N ASP C 12 23.91 59.94 9.79
CA ASP C 12 25.32 59.59 9.64
C ASP C 12 25.56 58.98 8.26
N GLN C 13 26.22 59.74 7.39
CA GLN C 13 26.45 59.35 6.01
C GLN C 13 25.10 59.30 5.29
N ARG C 14 24.72 58.11 4.82
CA ARG C 14 23.44 57.94 4.14
C ARG C 14 22.47 57.15 5.01
N VAL C 15 22.72 57.15 6.32
CA VAL C 15 21.94 56.40 7.29
C VAL C 15 21.28 57.33 8.31
N GLY C 16 19.95 57.31 8.35
CA GLY C 16 19.21 58.00 9.40
C GLY C 16 18.80 57.01 10.47
N ILE C 17 18.85 57.42 11.72
CA ILE C 17 18.44 56.58 12.85
C ILE C 17 17.38 57.25 13.70
N ILE C 18 16.30 56.50 13.94
CA ILE C 18 15.20 56.95 14.81
C ILE C 18 15.20 56.12 16.09
N THR C 19 15.41 56.80 17.21
CA THR C 19 15.46 56.12 18.50
C THR C 19 14.22 56.50 19.31
N LEU C 20 13.43 55.47 19.64
CA LEU C 20 12.24 55.64 20.48
C LEU C 20 12.70 56.03 21.88
N ASN C 21 12.20 57.17 22.36
CA ASN C 21 12.74 57.78 23.57
C ASN C 21 11.68 58.13 24.61
N ARG C 22 10.96 57.11 25.06
CA ARG C 22 10.12 57.24 26.26
C ARG C 22 10.54 56.20 27.31
N PRO C 23 11.79 56.31 27.83
CA PRO C 23 12.37 55.31 28.74
C PRO C 23 11.55 55.05 30.01
N GLN C 24 10.78 56.05 30.44
CA GLN C 24 9.96 55.94 31.63
C GLN C 24 8.72 55.08 31.41
N ALA C 25 8.40 54.83 30.13
CA ALA C 25 7.24 53.99 29.78
C ALA C 25 7.65 52.80 28.91
N LEU C 26 8.93 52.44 28.98
CA LEU C 26 9.49 51.38 28.15
C LEU C 26 9.11 51.58 26.67
N ASN C 27 9.23 52.82 26.22
CA ASN C 27 8.94 53.22 24.84
C ASN C 27 7.53 52.85 24.36
N ALA C 28 6.57 52.85 25.28
CA ALA C 28 5.19 52.62 24.93
C ALA C 28 4.80 53.56 23.79
N LEU C 29 4.09 53.04 22.79
CA LEU C 29 3.81 53.81 21.58
C LEU C 29 2.50 54.57 21.68
N ASN C 30 2.58 55.85 22.04
CA ASN C 30 1.40 56.70 22.09
C ASN C 30 1.26 57.53 20.81
N SER C 31 0.19 58.31 20.71
CA SER C 31 -0.11 59.11 19.51
C SER C 31 1.02 60.06 19.12
N GLN C 32 1.66 60.64 20.12
CA GLN C 32 2.79 61.52 19.88
C GLN C 32 3.97 60.76 19.27
N VAL C 33 4.19 59.52 19.70
CA VAL C 33 5.26 58.69 19.12
C VAL C 33 4.92 58.32 17.67
N MET C 34 3.65 57.98 17.44
CA MET C 34 3.18 57.65 16.11
C MET C 34 3.43 58.81 15.14
N ASN C 35 3.04 60.00 15.57
CA ASN C 35 3.17 61.19 14.74
C ASN C 35 4.62 61.57 14.46
N GLU C 36 5.46 61.48 15.49
CA GLU C 36 6.86 61.88 15.37
C GLU C 36 7.68 60.88 14.56
N VAL C 37 7.51 59.59 14.86
CA VAL C 37 8.19 58.55 14.09
C VAL C 37 7.85 58.66 12.60
N THR C 38 6.56 58.73 12.27
CA THR C 38 6.13 58.85 10.87
C THR C 38 6.60 60.15 10.23
N SER C 39 6.57 61.26 10.98
CA SER C 39 7.12 62.53 10.49
C SER C 39 8.64 62.43 10.25
N ALA C 40 9.38 61.88 11.21
CA ALA C 40 10.82 61.71 11.06
C ALA C 40 11.16 60.79 9.90
N ALA C 41 10.49 59.65 9.83
CA ALA C 41 10.66 58.71 8.71
C ALA C 41 10.38 59.33 7.34
N THR C 42 9.30 60.09 7.24
CA THR C 42 8.95 60.80 6.00
C THR C 42 10.02 61.83 5.61
N GLU C 43 10.45 62.62 6.58
CA GLU C 43 11.49 63.61 6.32
C GLU C 43 12.77 62.91 5.82
N LEU C 44 13.21 61.89 6.53
CA LEU C 44 14.36 61.09 6.10
C LEU C 44 14.17 60.50 4.69
N ASP C 45 12.97 59.98 4.43
CA ASP C 45 12.62 59.38 3.13
C ASP C 45 12.80 60.38 1.99
N ASP C 46 12.52 61.66 2.27
CA ASP C 46 12.54 62.69 1.26
C ASP C 46 13.91 63.32 1.06
N ASP C 47 14.82 63.03 1.99
CA ASP C 47 16.17 63.59 1.92
C ASP C 47 17.04 62.68 1.04
N PRO C 48 17.53 63.22 -0.10
CA PRO C 48 18.26 62.41 -1.08
C PRO C 48 19.63 61.97 -0.57
N ASP C 49 20.01 62.44 0.61
CA ASP C 49 21.27 62.05 1.24
C ASP C 49 21.10 60.86 2.20
N ILE C 50 19.87 60.39 2.36
CA ILE C 50 19.59 59.24 3.22
C ILE C 50 19.15 58.07 2.35
N GLY C 51 19.81 56.92 2.55
CA GLY C 51 19.56 55.72 1.76
C GLY C 51 19.08 54.53 2.59
N ALA C 52 19.13 54.68 3.91
CA ALA C 52 18.56 53.69 4.83
C ALA C 52 18.16 54.36 6.14
N ILE C 53 17.17 53.76 6.80
CA ILE C 53 16.59 54.30 8.03
C ILE C 53 16.51 53.19 9.06
N ILE C 54 17.06 53.43 10.25
CA ILE C 54 16.98 52.47 11.36
C ILE C 54 15.99 52.99 12.39
N ILE C 55 15.13 52.11 12.86
CA ILE C 55 14.24 52.40 13.96
C ILE C 55 14.61 51.46 15.10
N THR C 56 14.88 52.03 16.27
CA THR C 56 15.29 51.25 17.44
C THR C 56 14.80 51.90 18.74
N GLY C 57 14.90 51.15 19.84
CA GLY C 57 14.57 51.64 21.18
C GLY C 57 15.78 51.59 22.09
N SER C 58 15.54 51.33 23.37
CA SER C 58 16.64 51.15 24.33
C SER C 58 17.09 49.69 24.29
N ALA C 59 18.13 49.37 25.07
CA ALA C 59 18.59 48.00 25.21
C ALA C 59 17.59 47.15 26.02
N LYS C 60 16.74 47.82 26.79
CA LYS C 60 15.75 47.14 27.61
C LYS C 60 14.44 46.90 26.87
N ALA C 61 14.07 47.84 25.99
CA ALA C 61 12.84 47.73 25.21
C ALA C 61 12.92 48.43 23.86
N PHE C 62 12.51 47.71 22.83
CA PHE C 62 12.20 48.32 21.54
C PHE C 62 10.93 49.13 21.76
N ALA C 63 9.86 48.44 22.16
CA ALA C 63 8.63 49.11 22.62
C ALA C 63 7.73 48.09 23.28
N ALA C 64 7.33 48.39 24.53
CA ALA C 64 6.49 47.48 25.30
C ALA C 64 5.02 47.81 25.13
N GLY C 65 4.53 47.68 23.91
CA GLY C 65 3.12 47.93 23.62
C GLY C 65 2.84 49.36 23.23
N ALA C 66 1.64 49.60 22.72
CA ALA C 66 1.15 50.98 22.55
C ALA C 66 0.74 51.49 23.94
N ASP C 67 0.47 52.79 24.05
CA ASP C 67 0.17 53.39 25.35
C ASP C 67 -1.23 53.07 25.84
N ILE C 68 -1.29 52.22 26.86
CA ILE C 68 -2.54 51.72 27.41
C ILE C 68 -3.33 52.82 28.09
N LYS C 69 -2.63 53.75 28.72
CA LYS C 69 -3.29 54.84 29.45
C LYS C 69 -4.07 55.72 28.51
N GLU C 70 -3.50 55.96 27.33
CA GLU C 70 -4.13 56.73 26.28
C GLU C 70 -5.38 56.04 25.72
N MET C 71 -5.33 54.72 25.60
CA MET C 71 -6.43 53.90 25.05
C MET C 71 -7.62 53.68 26.00
N ALA C 72 -7.34 53.59 27.30
CA ALA C 72 -8.42 53.46 28.30
C ALA C 72 -9.39 54.63 28.15
N ASP C 73 -8.82 55.80 27.84
CA ASP C 73 -9.54 57.06 27.62
C ASP C 73 -10.31 57.14 26.30
N LEU C 74 -10.59 56.00 25.67
CA LEU C 74 -11.29 55.99 24.38
C LEU C 74 -12.66 55.35 24.41
N THR C 75 -13.59 56.00 23.72
CA THR C 75 -14.90 55.44 23.39
C THR C 75 -14.79 54.90 21.96
N PHE C 76 -15.81 54.20 21.47
CA PHE C 76 -15.84 53.79 20.06
C PHE C 76 -15.78 54.99 19.12
N ALA C 77 -16.38 56.10 19.56
CA ALA C 77 -16.48 57.33 18.79
C ALA C 77 -15.14 58.04 18.64
N ASP C 78 -14.40 58.20 19.73
CA ASP C 78 -13.06 58.78 19.66
C ASP C 78 -12.20 57.96 18.68
N ALA C 79 -12.27 56.65 18.81
CA ALA C 79 -11.43 55.75 18.03
C ALA C 79 -11.80 55.77 16.55
N PHE C 80 -13.11 55.66 16.26
CA PHE C 80 -13.57 55.76 14.87
C PHE C 80 -13.35 57.14 14.22
N THR C 81 -13.62 58.22 14.95
CA THR C 81 -13.43 59.58 14.45
C THR C 81 -11.96 59.90 14.19
N ALA C 82 -11.09 59.49 15.11
CA ALA C 82 -9.66 59.72 14.95
C ALA C 82 -9.04 58.75 13.94
N ASP C 83 -9.75 57.66 13.65
CA ASP C 83 -9.20 56.50 12.95
C ASP C 83 -7.92 56.08 13.67
N PHE C 84 -8.08 55.73 14.95
CA PHE C 84 -6.98 55.44 15.85
C PHE C 84 -5.98 54.41 15.27
N PHE C 85 -4.71 54.82 15.20
CA PHE C 85 -3.59 54.02 14.64
C PHE C 85 -3.37 54.11 13.12
N ALA C 86 -4.30 54.72 12.39
CA ALA C 86 -4.21 54.76 10.93
C ALA C 86 -2.96 55.50 10.42
N THR C 87 -2.50 56.49 11.17
CA THR C 87 -1.29 57.28 10.80
C THR C 87 -0.02 56.42 10.64
N TRP C 88 0.04 55.28 11.34
CA TRP C 88 1.18 54.37 11.20
C TRP C 88 1.38 53.95 9.74
N GLY C 89 0.31 54.03 8.96
CA GLY C 89 0.38 53.77 7.53
C GLY C 89 1.38 54.65 6.81
N LYS C 90 1.70 55.81 7.40
CA LYS C 90 2.66 56.71 6.79
C LYS C 90 4.03 56.08 6.73
N LEU C 91 4.32 55.25 7.74
CA LEU C 91 5.59 54.53 7.77
C LEU C 91 5.69 53.52 6.62
N ALA C 92 4.57 52.91 6.25
CA ALA C 92 4.58 51.95 5.13
C ALA C 92 4.76 52.65 3.79
N ALA C 93 4.37 53.91 3.70
CA ALA C 93 4.57 54.72 2.49
C ALA C 93 6.02 55.15 2.27
N VAL C 94 6.88 54.94 3.27
CA VAL C 94 8.30 55.30 3.17
C VAL C 94 8.97 54.42 2.12
N ARG C 95 9.55 55.07 1.10
CA ARG C 95 10.11 54.34 -0.03
C ARG C 95 11.49 53.76 0.29
N THR C 96 12.28 54.54 1.03
CA THR C 96 13.60 54.13 1.49
C THR C 96 13.49 52.92 2.41
N PRO C 97 14.43 51.95 2.29
CA PRO C 97 14.49 50.80 3.16
C PRO C 97 14.57 51.15 4.63
N THR C 98 13.86 50.40 5.47
CA THR C 98 13.87 50.59 6.91
C THR C 98 14.34 49.31 7.58
N ILE C 99 15.07 49.49 8.68
CA ILE C 99 15.62 48.38 9.43
C ILE C 99 15.18 48.56 10.88
N ALA C 100 14.43 47.60 11.41
CA ALA C 100 14.10 47.59 12.84
C ALA C 100 15.22 46.89 13.59
N ALA C 101 15.83 47.58 14.54
CA ALA C 101 16.84 46.97 15.40
C ALA C 101 16.22 46.77 16.77
N VAL C 102 15.83 45.52 17.05
CA VAL C 102 15.02 45.22 18.21
C VAL C 102 15.83 44.59 19.32
N ALA C 103 15.85 45.27 20.47
CA ALA C 103 16.41 44.72 21.71
C ALA C 103 15.31 44.63 22.73
N GLY C 104 15.40 43.63 23.60
CA GLY C 104 14.45 43.49 24.69
C GLY C 104 13.01 43.41 24.23
N TYR C 105 12.13 44.14 24.88
CA TYR C 105 10.71 44.02 24.68
C TYR C 105 10.22 44.61 23.36
N ALA C 106 9.56 43.76 22.58
CA ALA C 106 8.80 44.19 21.40
C ALA C 106 7.44 43.53 21.50
N LEU C 107 6.55 44.16 22.27
CA LEU C 107 5.25 43.61 22.60
C LEU C 107 4.15 44.47 22.01
N GLY C 108 3.07 43.83 21.58
CA GLY C 108 1.96 44.51 20.95
C GLY C 108 2.41 45.48 19.88
N GLY C 109 1.97 46.74 20.00
CA GLY C 109 2.33 47.80 19.06
C GLY C 109 3.82 47.84 18.75
N GLY C 110 4.63 47.43 19.72
CA GLY C 110 6.08 47.35 19.56
C GLY C 110 6.47 46.25 18.60
N CYS C 111 5.91 45.05 18.80
CA CYS C 111 6.09 43.96 17.85
C CYS C 111 5.55 44.37 16.46
N GLU C 112 4.38 44.99 16.44
CA GLU C 112 3.76 45.48 15.21
C GLU C 112 4.61 46.51 14.47
N LEU C 113 5.17 47.47 15.21
CA LEU C 113 6.10 48.45 14.62
C LEU C 113 7.32 47.78 13.98
N ALA C 114 7.89 46.79 14.65
CA ALA C 114 9.02 46.03 14.13
C ALA C 114 8.64 45.32 12.82
N MET C 115 7.44 44.77 12.79
CA MET C 115 6.96 44.07 11.61
C MET C 115 6.71 44.99 10.42
N MET C 116 6.46 46.28 10.68
CA MET C 116 6.26 47.26 9.63
C MET C 116 7.56 47.53 8.87
N CYS C 117 8.69 47.38 9.55
CA CYS C 117 9.97 47.66 8.91
C CYS C 117 10.33 46.54 7.92
N ASP C 118 11.25 46.86 7.01
CA ASP C 118 11.62 45.91 5.96
C ASP C 118 12.53 44.82 6.49
N VAL C 119 13.68 45.22 7.02
CA VAL C 119 14.64 44.28 7.61
C VAL C 119 14.50 44.33 9.13
N LEU C 120 14.52 43.16 9.79
CA LEU C 120 14.40 43.10 11.24
C LEU C 120 15.60 42.38 11.88
N ILE C 121 16.44 43.15 12.56
CA ILE C 121 17.59 42.60 13.28
C ILE C 121 17.27 42.49 14.76
N ALA C 122 17.33 41.27 15.29
CA ALA C 122 17.03 41.06 16.71
C ALA C 122 18.27 40.74 17.53
N ALA C 123 18.41 41.42 18.66
CA ALA C 123 19.35 41.04 19.71
C ALA C 123 18.93 39.66 20.21
N ASP C 124 19.89 38.86 20.69
CA ASP C 124 19.55 37.54 21.25
C ASP C 124 18.64 37.67 22.47
N THR C 125 18.52 38.89 22.95
CA THR C 125 17.77 39.21 24.16
C THR C 125 16.30 39.55 23.88
N ALA C 126 15.94 39.69 22.61
CA ALA C 126 14.64 40.21 22.19
C ALA C 126 13.47 39.29 22.52
N LYS C 127 12.40 39.88 23.03
CA LYS C 127 11.15 39.16 23.31
C LYS C 127 10.00 39.74 22.49
N PHE C 128 9.29 38.85 21.78
CA PHE C 128 8.20 39.25 20.90
C PHE C 128 6.88 38.74 21.44
N GLY C 129 5.82 39.52 21.23
CA GLY C 129 4.49 39.11 21.70
C GLY C 129 3.37 39.99 21.20
N GLN C 130 2.16 39.44 21.21
CA GLN C 130 0.95 40.20 20.91
C GLN C 130 -0.03 39.96 22.05
N PRO C 131 0.21 40.58 23.21
CA PRO C 131 -0.64 40.33 24.38
C PRO C 131 -1.91 41.20 24.45
N GLU C 132 -2.30 41.84 23.35
CA GLU C 132 -3.52 42.68 23.32
C GLU C 132 -4.75 41.99 23.88
N ILE C 133 -4.95 40.74 23.48
CA ILE C 133 -5.97 39.91 24.09
C ILE C 133 -5.65 40.00 25.58
N LYS C 134 -6.64 39.92 26.44
CA LYS C 134 -6.34 40.05 27.87
C LYS C 134 -6.13 41.49 28.35
N LEU C 135 -6.18 42.43 27.42
CA LEU C 135 -6.65 43.77 27.77
C LEU C 135 -8.09 43.86 27.29
N GLY C 136 -8.59 42.75 26.74
CA GLY C 136 -9.94 42.72 26.20
C GLY C 136 -10.05 43.33 24.81
N VAL C 137 -8.91 43.43 24.12
CA VAL C 137 -8.87 43.86 22.72
C VAL C 137 -8.06 42.87 21.86
N LEU C 138 -7.49 43.38 20.77
CA LEU C 138 -6.80 42.55 19.78
C LEU C 138 -5.78 43.47 19.12
N PRO C 139 -4.84 42.90 18.33
CA PRO C 139 -3.85 43.80 17.70
C PRO C 139 -4.54 44.84 16.82
N GLY C 140 -4.07 46.08 16.87
CA GLY C 140 -4.70 47.19 16.16
C GLY C 140 -3.74 47.90 15.21
N MET C 141 -2.51 47.40 15.12
CA MET C 141 -1.49 47.99 14.27
C MET C 141 -0.91 46.97 13.26
N GLY C 142 -1.76 46.05 12.80
CA GLY C 142 -1.40 45.10 11.76
C GLY C 142 -0.84 43.76 12.23
N GLY C 143 -0.82 43.55 13.54
CA GLY C 143 -0.30 42.30 14.13
C GLY C 143 -0.95 41.04 13.60
N SER C 144 -2.28 41.02 13.56
CA SER C 144 -3.02 39.87 13.04
C SER C 144 -2.72 39.63 11.56
N GLN C 145 -2.20 40.64 10.89
CA GLN C 145 -1.94 40.52 9.45
C GLN C 145 -0.49 40.16 9.21
N ARG C 146 0.42 40.92 9.81
CA ARG C 146 1.85 40.73 9.58
C ARG C 146 2.44 39.51 10.28
N LEU C 147 2.03 39.25 11.52
CA LEU C 147 2.54 38.09 12.24
C LEU C 147 2.14 36.82 11.52
N THR C 148 0.86 36.72 11.18
CA THR C 148 0.28 35.56 10.53
C THR C 148 0.97 35.26 9.22
N ARG C 149 1.20 36.29 8.41
CA ARG C 149 1.89 36.09 7.12
C ARG C 149 3.37 35.72 7.33
N ALA C 150 3.93 36.12 8.47
CA ALA C 150 5.35 35.86 8.74
C ALA C 150 5.59 34.45 9.27
N ILE C 151 4.84 34.05 10.30
CA ILE C 151 5.11 32.82 11.04
C ILE C 151 4.08 31.68 10.86
N GLY C 152 3.06 31.91 10.03
CA GLY C 152 2.03 30.89 9.80
C GLY C 152 0.89 30.98 10.79
N LYS C 153 -0.22 30.32 10.46
CA LYS C 153 -1.47 30.47 11.23
C LYS C 153 -1.35 29.92 12.65
N ALA C 154 -0.85 28.71 12.77
CA ALA C 154 -0.81 27.99 14.04
C ALA C 154 -0.11 28.79 15.13
N LYS C 155 1.04 29.36 14.82
CA LYS C 155 1.78 30.13 15.79
C LYS C 155 1.20 31.51 16.04
N ALA C 156 0.67 32.15 15.00
CA ALA C 156 0.08 33.48 15.17
C ALA C 156 -1.17 33.39 16.03
N MET C 157 -1.96 32.33 15.86
CA MET C 157 -3.16 32.12 16.66
C MET C 157 -2.74 31.87 18.11
N ASP C 158 -1.70 31.06 18.28
CA ASP C 158 -1.16 30.73 19.59
C ASP C 158 -0.77 32.04 20.30
N LEU C 159 0.11 32.81 19.67
CA LEU C 159 0.55 34.07 20.22
C LEU C 159 -0.59 35.06 20.46
N ILE C 160 -1.48 35.20 19.48
CA ILE C 160 -2.52 36.21 19.57
C ILE C 160 -3.66 35.85 20.54
N LEU C 161 -4.00 34.57 20.63
CA LEU C 161 -5.06 34.15 21.55
C LEU C 161 -4.59 33.92 22.99
N THR C 162 -3.31 33.61 23.19
CA THR C 162 -2.81 33.34 24.54
C THR C 162 -1.97 34.49 25.09
N GLY C 163 -1.35 35.26 24.22
CA GLY C 163 -0.48 36.36 24.65
C GLY C 163 0.91 35.91 25.02
N ARG C 164 1.27 34.67 24.69
CA ARG C 164 2.59 34.15 25.04
C ARG C 164 3.70 34.88 24.29
N THR C 165 4.91 34.80 24.85
CA THR C 165 6.06 35.49 24.31
C THR C 165 6.87 34.55 23.41
N MET C 166 7.60 35.13 22.48
CA MET C 166 8.44 34.37 21.60
C MET C 166 9.85 34.91 21.73
N ASP C 167 10.81 34.05 22.08
CA ASP C 167 12.21 34.49 22.16
C ASP C 167 12.81 34.71 20.77
N ALA C 168 13.94 35.41 20.72
CA ALA C 168 14.57 35.81 19.47
C ALA C 168 14.92 34.61 18.61
N ALA C 169 15.33 33.52 19.25
CA ALA C 169 15.70 32.30 18.54
C ALA C 169 14.50 31.69 17.83
N GLU C 170 13.36 31.63 18.51
CA GLU C 170 12.14 31.12 17.90
C GLU C 170 11.65 32.01 16.76
N ALA C 171 11.79 33.31 16.91
CA ALA C 171 11.36 34.25 15.89
C ALA C 171 12.20 34.09 14.61
N GLU C 172 13.51 33.90 14.78
CA GLU C 172 14.41 33.72 13.65
C GLU C 172 14.08 32.50 12.81
N ARG C 173 13.78 31.38 13.47
CA ARG C 173 13.43 30.15 12.73
C ARG C 173 11.98 30.12 12.27
N SER C 174 11.15 31.04 12.77
CA SER C 174 9.73 31.07 12.44
C SER C 174 9.35 31.98 11.28
N GLY C 175 10.23 32.92 10.92
CA GLY C 175 9.94 33.83 9.81
C GLY C 175 9.84 35.29 10.19
N LEU C 176 9.93 35.58 11.49
CA LEU C 176 9.67 36.91 12.00
C LEU C 176 10.87 37.87 11.90
N VAL C 177 12.09 37.36 12.10
CA VAL C 177 13.30 38.21 12.12
C VAL C 177 14.29 37.83 11.02
N SER C 178 15.03 38.82 10.53
CA SER C 178 16.05 38.60 9.49
C SER C 178 17.25 37.88 10.10
N ARG C 179 17.81 38.46 11.15
CA ARG C 179 19.00 37.92 11.79
C ARG C 179 18.99 38.16 13.29
N VAL C 180 19.59 37.26 14.05
CA VAL C 180 19.80 37.46 15.48
C VAL C 180 21.28 37.73 15.78
N VAL C 181 21.55 38.76 16.58
CA VAL C 181 22.92 39.10 16.98
C VAL C 181 23.00 39.29 18.49
N PRO C 182 24.22 39.19 19.07
CA PRO C 182 24.42 39.49 20.49
C PRO C 182 23.91 40.90 20.84
N ALA C 183 23.24 41.01 22.00
CA ALA C 183 22.69 42.29 22.46
C ALA C 183 23.67 43.47 22.40
N ASP C 184 24.93 43.22 22.76
CA ASP C 184 25.96 44.27 22.71
C ASP C 184 26.28 44.72 21.29
N ASP C 185 26.10 43.84 20.32
CA ASP C 185 26.44 44.16 18.95
C ASP C 185 25.26 44.63 18.11
N LEU C 186 24.08 44.79 18.73
CA LEU C 186 22.87 45.13 17.98
C LEU C 186 22.99 46.42 17.17
N LEU C 187 23.25 47.53 17.85
CA LEU C 187 23.39 48.81 17.16
C LEU C 187 24.52 48.82 16.13
N THR C 188 25.62 48.12 16.44
CA THR C 188 26.74 47.97 15.51
C THR C 188 26.34 47.18 14.27
N GLU C 189 25.64 46.05 14.47
CA GLU C 189 25.23 45.19 13.39
C GLU C 189 24.19 45.86 12.48
N ALA C 190 23.22 46.55 13.09
CA ALA C 190 22.21 47.28 12.36
C ALA C 190 22.81 48.39 11.49
N ARG C 191 23.76 49.13 12.05
CA ARG C 191 24.47 50.19 11.32
C ARG C 191 25.22 49.63 10.12
N ALA C 192 25.86 48.47 10.29
CA ALA C 192 26.55 47.81 9.18
C ALA C 192 25.56 47.50 8.07
N THR C 193 24.45 46.85 8.42
CA THR C 193 23.39 46.54 7.46
C THR C 193 22.86 47.81 6.78
N ALA C 194 22.45 48.80 7.59
CA ALA C 194 22.03 50.10 7.07
C ALA C 194 23.05 50.69 6.09
N THR C 195 24.33 50.70 6.49
CA THR C 195 25.40 51.20 5.63
C THR C 195 25.44 50.44 4.30
N THR C 196 25.48 49.11 4.37
CA THR C 196 25.45 48.29 3.15
C THR C 196 24.31 48.74 2.23
N ILE C 197 23.10 48.82 2.78
CA ILE C 197 21.90 49.13 2.02
C ILE C 197 21.91 50.56 1.45
N SER C 198 22.47 51.50 2.20
CA SER C 198 22.50 52.90 1.79
C SER C 198 23.58 53.20 0.76
N GLN C 199 24.50 52.25 0.59
CA GLN C 199 25.58 52.39 -0.40
C GLN C 199 25.19 51.71 -1.71
N MET C 200 24.05 51.04 -1.70
CA MET C 200 23.43 50.56 -2.92
C MET C 200 22.87 51.76 -3.66
N SER C 201 22.65 51.59 -4.95
CA SER C 201 21.83 52.50 -5.74
C SER C 201 20.50 52.75 -5.02
N ALA C 202 20.18 54.02 -4.80
CA ALA C 202 18.94 54.38 -4.10
C ALA C 202 17.70 53.91 -4.86
N SER C 203 17.73 54.04 -6.18
CA SER C 203 16.59 53.71 -7.03
C SER C 203 16.43 52.19 -7.13
N ALA C 204 17.54 51.47 -7.21
CA ALA C 204 17.48 50.02 -7.20
C ALA C 204 16.86 49.51 -5.89
N ALA C 205 17.36 50.00 -4.76
CA ALA C 205 16.86 49.61 -3.44
C ALA C 205 15.37 49.92 -3.31
N ARG C 206 14.97 51.10 -3.77
CA ARG C 206 13.56 51.47 -3.71
C ARG C 206 12.69 50.52 -4.54
N MET C 207 13.16 50.21 -5.75
CA MET C 207 12.44 49.28 -6.64
C MET C 207 12.35 47.90 -6.01
N ALA C 208 13.47 47.41 -5.47
CA ALA C 208 13.54 46.07 -4.89
C ALA C 208 12.59 45.93 -3.70
N LYS C 209 12.66 46.90 -2.79
CA LYS C 209 11.77 46.93 -1.64
C LYS C 209 10.30 46.90 -2.09
N GLU C 210 9.97 47.76 -3.05
CA GLU C 210 8.59 47.87 -3.52
C GLU C 210 8.13 46.56 -4.15
N ALA C 211 8.99 45.95 -4.95
CA ALA C 211 8.70 44.65 -5.54
C ALA C 211 8.36 43.63 -4.48
N VAL C 212 9.18 43.55 -3.44
CA VAL C 212 8.98 42.59 -2.35
C VAL C 212 7.64 42.82 -1.64
N ASN C 213 7.29 44.09 -1.43
CA ASN C 213 6.02 44.46 -0.80
C ASN C 213 4.81 44.03 -1.61
N ARG C 214 4.97 43.89 -2.92
CA ARG C 214 3.87 43.41 -3.79
C ARG C 214 3.46 41.99 -3.45
N ALA C 215 4.39 41.20 -2.93
CA ALA C 215 4.13 39.79 -2.64
C ALA C 215 2.98 39.57 -1.67
N PHE C 216 2.61 40.61 -0.93
CA PHE C 216 1.47 40.53 -0.01
C PHE C 216 0.18 41.21 -0.51
N GLU C 217 0.22 41.86 -1.68
CA GLU C 217 -0.92 42.67 -2.13
C GLU C 217 -1.71 42.10 -3.31
N SER C 218 -1.20 41.05 -3.92
CA SER C 218 -1.91 40.46 -5.05
C SER C 218 -1.49 39.01 -5.30
N SER C 219 -2.11 38.41 -6.30
CA SER C 219 -1.73 37.08 -6.75
C SER C 219 -0.26 36.99 -7.22
N LEU C 220 0.28 35.78 -7.15
CA LEU C 220 1.61 35.53 -7.69
C LEU C 220 1.74 36.01 -9.13
N SER C 221 0.79 35.66 -10.00
CA SER C 221 0.91 36.06 -11.40
C SER C 221 1.03 37.59 -11.57
N GLU C 222 0.26 38.34 -10.79
CA GLU C 222 0.33 39.80 -10.83
C GLU C 222 1.63 40.37 -10.23
N GLY C 223 2.11 39.77 -9.14
CA GLY C 223 3.39 40.14 -8.54
C GLY C 223 4.54 39.90 -9.51
N LEU C 224 4.54 38.75 -10.17
CA LEU C 224 5.51 38.41 -11.19
C LEU C 224 5.58 39.46 -12.31
N LEU C 225 4.41 39.82 -12.85
CA LEU C 225 4.35 40.81 -13.92
C LEU C 225 4.82 42.18 -13.44
N TYR C 226 4.38 42.56 -12.24
CA TYR C 226 4.79 43.84 -11.67
C TYR C 226 6.32 43.91 -11.56
N GLU C 227 6.92 42.84 -11.05
CA GLU C 227 8.37 42.77 -10.89
C GLU C 227 9.11 42.94 -12.21
N ARG C 228 8.69 42.20 -13.22
CA ARG C 228 9.36 42.21 -14.49
C ARG C 228 9.31 43.60 -15.13
N ARG C 229 8.15 44.26 -15.07
CA ARG C 229 8.02 45.63 -15.58
C ARG C 229 8.94 46.59 -14.84
N LEU C 230 9.01 46.42 -13.52
CA LEU C 230 9.88 47.25 -12.70
C LEU C 230 11.34 46.98 -13.07
N PHE C 231 11.65 45.72 -13.36
CA PHE C 231 13.01 45.33 -13.76
C PHE C 231 13.40 45.97 -15.10
N HIS C 232 12.49 45.95 -16.08
CA HIS C 232 12.72 46.62 -17.37
C HIS C 232 13.01 48.10 -17.18
N SER C 233 12.27 48.73 -16.29
CA SER C 233 12.37 50.18 -16.12
C SER C 233 13.70 50.58 -15.47
N ALA C 234 14.33 49.64 -14.76
CA ALA C 234 15.64 49.90 -14.17
C ALA C 234 16.74 50.11 -15.24
N PHE C 235 16.48 49.63 -16.46
CA PHE C 235 17.39 49.83 -17.58
C PHE C 235 17.29 51.24 -18.17
N ALA C 236 16.49 52.10 -17.56
CA ALA C 236 16.44 53.50 -17.96
C ALA C 236 17.19 54.36 -16.93
N THR C 237 17.80 53.70 -15.96
CA THR C 237 18.53 54.39 -14.89
C THR C 237 20.03 54.32 -15.13
N GLU C 238 20.73 55.39 -14.75
CA GLU C 238 22.19 55.47 -14.83
C GLU C 238 22.83 54.36 -14.00
N ASP C 239 22.29 54.14 -12.81
CA ASP C 239 22.82 53.18 -11.85
C ASP C 239 22.87 51.74 -12.35
N GLN C 240 21.88 51.33 -13.14
CA GLN C 240 21.89 50.01 -13.78
C GLN C 240 23.11 49.89 -14.70
N SER C 241 23.34 50.93 -15.48
CA SER C 241 24.41 50.97 -16.47
C SER C 241 25.75 50.94 -15.76
N GLU C 242 25.87 51.77 -14.73
CA GLU C 242 27.08 51.83 -13.91
C GLU C 242 27.29 50.56 -13.08
N GLY C 243 26.24 50.09 -12.42
CA GLY C 243 26.33 48.88 -11.60
C GLY C 243 26.80 47.66 -12.37
N MET C 244 26.36 47.57 -13.63
CA MET C 244 26.71 46.44 -14.47
C MET C 244 28.07 46.61 -15.13
N ALA C 245 28.38 47.82 -15.59
CA ALA C 245 29.70 48.11 -16.17
C ALA C 245 30.78 47.87 -15.13
N ALA C 246 30.53 48.29 -13.90
CA ALA C 246 31.44 48.05 -12.77
C ALA C 246 31.70 46.56 -12.58
N PHE C 247 30.64 45.76 -12.55
CA PHE C 247 30.80 44.31 -12.40
C PHE C 247 31.65 43.68 -13.51
N ILE C 248 31.33 44.00 -14.77
CA ILE C 248 32.12 43.51 -15.91
C ILE C 248 33.60 43.90 -15.76
N GLU C 249 33.82 45.16 -15.40
CA GLU C 249 35.17 45.73 -15.28
C GLU C 249 35.82 45.45 -13.91
N LYS C 250 35.26 44.50 -13.16
CA LYS C 250 35.80 44.05 -11.86
C LYS C 250 36.25 45.18 -10.92
N ARG C 251 35.50 46.27 -10.90
CA ARG C 251 35.80 47.41 -10.04
C ARG C 251 34.65 47.73 -9.09
N ALA C 252 34.74 48.85 -8.39
CA ALA C 252 33.69 49.29 -7.49
C ALA C 252 32.76 50.26 -8.20
N PRO C 253 31.43 50.10 -8.00
CA PRO C 253 30.44 50.98 -8.62
C PRO C 253 30.40 52.37 -7.98
N GLN C 254 30.19 53.39 -8.79
CA GLN C 254 30.01 54.75 -8.31
C GLN C 254 28.61 55.21 -8.63
N PHE C 255 27.69 55.02 -7.68
CA PHE C 255 26.30 55.37 -7.91
C PHE C 255 26.06 56.87 -7.78
N THR C 256 25.15 57.39 -8.59
CA THR C 256 24.84 58.82 -8.62
C THR C 256 23.37 59.08 -8.31
N THR D 3 -28.62 -11.15 19.09
CA THR D 3 -28.31 -9.75 18.68
C THR D 3 -26.82 -9.56 18.43
N TYR D 4 -26.46 -9.46 17.14
CA TYR D 4 -25.08 -9.28 16.71
C TYR D 4 -24.87 -7.88 16.13
N GLU D 5 -23.63 -7.38 16.16
CA GLU D 5 -23.34 -6.03 15.69
C GLU D 5 -22.72 -5.96 14.30
N THR D 6 -21.95 -6.99 13.94
CA THR D 6 -21.25 -6.99 12.65
C THR D 6 -21.82 -7.98 11.64
N ILE D 7 -22.84 -8.74 12.03
CA ILE D 7 -23.41 -9.75 11.13
C ILE D 7 -24.94 -9.78 11.16
N LEU D 8 -25.53 -10.28 10.08
CA LEU D 8 -26.97 -10.52 9.98
C LEU D 8 -27.26 -12.02 9.89
N VAL D 9 -28.20 -12.49 10.71
CA VAL D 9 -28.60 -13.90 10.70
C VAL D 9 -30.06 -14.05 10.29
N GLU D 10 -30.29 -14.83 9.23
CA GLU D 10 -31.62 -15.04 8.70
C GLU D 10 -31.90 -16.55 8.57
N ARG D 11 -33.07 -16.95 9.02
CA ARG D 11 -33.53 -18.33 8.86
C ARG D 11 -34.62 -18.40 7.80
N ASP D 12 -34.49 -19.35 6.88
CA ASP D 12 -35.50 -19.61 5.87
C ASP D 12 -35.60 -21.11 5.63
N GLN D 13 -36.72 -21.67 6.08
CA GLN D 13 -36.97 -23.12 6.05
C GLN D 13 -35.93 -23.88 6.87
N ARG D 14 -34.99 -24.54 6.18
CA ARG D 14 -33.96 -25.32 6.84
C ARG D 14 -32.58 -24.77 6.52
N VAL D 15 -32.58 -23.56 5.98
CA VAL D 15 -31.35 -22.85 5.62
C VAL D 15 -31.16 -21.65 6.54
N GLY D 16 -30.09 -21.68 7.33
CA GLY D 16 -29.66 -20.51 8.09
C GLY D 16 -28.69 -19.74 7.22
N ILE D 17 -28.65 -18.42 7.38
CA ILE D 17 -27.72 -17.64 6.58
C ILE D 17 -27.08 -16.48 7.33
N ILE D 18 -25.76 -16.45 7.28
CA ILE D 18 -24.98 -15.42 7.94
C ILE D 18 -24.38 -14.48 6.90
N THR D 19 -24.75 -13.20 6.99
CA THR D 19 -24.24 -12.18 6.08
C THR D 19 -23.36 -11.21 6.87
N LEU D 20 -22.10 -11.08 6.49
CA LEU D 20 -21.23 -10.11 7.15
C LEU D 20 -21.78 -8.72 6.87
N ASN D 21 -21.74 -7.87 7.89
CA ASN D 21 -22.38 -6.58 7.82
C ASN D 21 -21.50 -5.44 8.34
N ARG D 22 -20.36 -5.25 7.67
CA ARG D 22 -19.50 -4.09 7.93
C ARG D 22 -19.13 -3.40 6.61
N PRO D 23 -20.12 -2.81 5.91
CA PRO D 23 -19.85 -2.25 4.59
C PRO D 23 -18.91 -1.04 4.64
N GLN D 24 -18.90 -0.35 5.76
CA GLN D 24 -18.00 0.77 5.98
C GLN D 24 -16.54 0.31 5.98
N ALA D 25 -16.34 -1.01 6.17
CA ALA D 25 -15.00 -1.59 6.23
C ALA D 25 -14.77 -2.67 5.17
N LEU D 26 -15.75 -2.84 4.29
CA LEU D 26 -15.74 -3.87 3.25
C LEU D 26 -15.74 -5.27 3.83
N ASN D 27 -16.51 -5.43 4.92
CA ASN D 27 -16.65 -6.68 5.64
C ASN D 27 -15.30 -7.22 6.06
N ALA D 28 -14.39 -6.33 6.42
CA ALA D 28 -13.11 -6.74 6.95
C ALA D 28 -13.37 -7.48 8.24
N LEU D 29 -12.58 -8.51 8.49
CA LEU D 29 -12.75 -9.35 9.65
C LEU D 29 -12.02 -8.70 10.82
N ASN D 30 -12.54 -8.92 12.03
CA ASN D 30 -11.85 -8.57 13.27
C ASN D 30 -12.26 -9.54 14.35
N SER D 31 -11.78 -9.32 15.57
CA SER D 31 -12.07 -10.24 16.68
C SER D 31 -13.55 -10.35 16.98
N GLN D 32 -14.28 -9.26 16.80
CA GLN D 32 -15.73 -9.28 17.00
C GLN D 32 -16.46 -10.09 15.92
N VAL D 33 -16.09 -9.89 14.64
CA VAL D 33 -16.69 -10.66 13.55
C VAL D 33 -16.44 -12.15 13.80
N MET D 34 -15.23 -12.47 14.25
CA MET D 34 -14.83 -13.83 14.57
C MET D 34 -15.75 -14.44 15.63
N ASN D 35 -15.89 -13.76 16.76
CA ASN D 35 -16.73 -14.23 17.86
C ASN D 35 -18.18 -14.41 17.44
N GLU D 36 -18.69 -13.42 16.69
CA GLU D 36 -20.07 -13.41 16.25
C GLU D 36 -20.40 -14.50 15.22
N VAL D 37 -19.56 -14.63 14.19
CA VAL D 37 -19.78 -15.65 13.16
C VAL D 37 -19.77 -17.05 13.74
N THR D 38 -18.81 -17.35 14.61
CA THR D 38 -18.73 -18.66 15.25
C THR D 38 -19.88 -18.89 16.24
N SER D 39 -20.31 -17.82 16.91
CA SER D 39 -21.47 -17.91 17.82
C SER D 39 -22.74 -18.22 17.05
N ALA D 40 -22.96 -17.47 15.97
CA ALA D 40 -24.10 -17.67 15.09
C ALA D 40 -24.06 -19.05 14.45
N ALA D 41 -22.90 -19.41 13.90
CA ALA D 41 -22.69 -20.68 13.22
C ALA D 41 -22.96 -21.85 14.14
N THR D 42 -22.44 -21.77 15.36
CA THR D 42 -22.64 -22.80 16.37
C THR D 42 -24.11 -22.92 16.72
N GLU D 43 -24.76 -21.78 16.86
CA GLU D 43 -26.16 -21.74 17.24
C GLU D 43 -27.04 -22.43 16.21
N LEU D 44 -26.82 -22.10 14.95
CA LEU D 44 -27.49 -22.76 13.84
C LEU D 44 -27.16 -24.26 13.79
N ASP D 45 -25.91 -24.62 14.12
CA ASP D 45 -25.52 -26.03 14.14
C ASP D 45 -26.38 -26.86 15.07
N ASP D 46 -26.75 -26.28 16.22
CA ASP D 46 -27.48 -26.99 17.26
C ASP D 46 -28.99 -26.94 17.05
N ASP D 47 -29.43 -26.10 16.11
CA ASP D 47 -30.84 -25.95 15.79
C ASP D 47 -31.29 -27.08 14.84
N PRO D 48 -32.17 -27.97 15.32
CA PRO D 48 -32.60 -29.15 14.55
C PRO D 48 -33.35 -28.80 13.27
N ASP D 49 -33.86 -27.58 13.17
CA ASP D 49 -34.59 -27.13 12.00
C ASP D 49 -33.69 -26.49 10.93
N ILE D 50 -32.38 -26.70 11.05
CA ILE D 50 -31.40 -26.17 10.09
C ILE D 50 -30.50 -27.28 9.57
N GLY D 51 -30.42 -27.42 8.24
CA GLY D 51 -29.63 -28.46 7.61
C GLY D 51 -28.60 -27.92 6.65
N ALA D 52 -28.46 -26.59 6.62
CA ALA D 52 -27.43 -25.92 5.84
C ALA D 52 -27.26 -24.44 6.26
N ILE D 53 -26.01 -23.99 6.24
CA ILE D 53 -25.63 -22.65 6.67
C ILE D 53 -24.84 -21.96 5.56
N ILE D 54 -25.28 -20.77 5.18
CA ILE D 54 -24.55 -19.96 4.20
C ILE D 54 -23.83 -18.82 4.92
N ILE D 55 -22.61 -18.53 4.48
CA ILE D 55 -21.91 -17.32 4.88
C ILE D 55 -21.62 -16.53 3.62
N THR D 56 -22.02 -15.27 3.64
CA THR D 56 -21.83 -14.40 2.50
C THR D 56 -21.55 -12.97 2.96
N GLY D 57 -20.91 -12.19 2.09
CA GLY D 57 -20.69 -10.76 2.35
C GLY D 57 -21.66 -9.94 1.51
N SER D 58 -21.16 -8.85 0.94
CA SER D 58 -21.97 -8.03 0.03
C SER D 58 -21.50 -8.31 -1.40
N ALA D 59 -22.14 -7.67 -2.38
CA ALA D 59 -21.78 -7.84 -3.78
C ALA D 59 -20.37 -7.32 -4.09
N LYS D 60 -19.87 -6.40 -3.27
CA LYS D 60 -18.53 -5.86 -3.48
C LYS D 60 -17.43 -6.63 -2.73
N ALA D 61 -17.76 -7.10 -1.53
CA ALA D 61 -16.81 -7.85 -0.72
C ALA D 61 -17.48 -8.93 0.13
N PHE D 62 -17.05 -10.17 -0.06
CA PHE D 62 -17.31 -11.24 0.88
C PHE D 62 -16.68 -10.82 2.20
N ALA D 63 -15.40 -10.46 2.11
CA ALA D 63 -14.58 -9.98 3.23
C ALA D 63 -13.18 -9.64 2.67
N ALA D 64 -12.85 -8.35 2.69
CA ALA D 64 -11.70 -7.83 1.93
C ALA D 64 -10.35 -7.94 2.66
N GLY D 65 -10.37 -8.52 3.86
CA GLY D 65 -9.16 -8.67 4.63
C GLY D 65 -9.45 -8.59 6.11
N ALA D 66 -8.40 -8.41 6.90
CA ALA D 66 -8.54 -8.27 8.35
C ALA D 66 -8.35 -6.83 8.78
N ASP D 67 -8.63 -6.56 10.05
CA ASP D 67 -8.50 -5.22 10.60
C ASP D 67 -7.05 -4.99 11.07
N ILE D 68 -6.37 -4.02 10.44
CA ILE D 68 -4.95 -3.74 10.71
C ILE D 68 -4.70 -3.18 12.10
N LYS D 69 -5.71 -2.54 12.70
CA LYS D 69 -5.59 -1.97 14.04
C LYS D 69 -5.26 -3.03 15.08
N GLU D 70 -5.97 -4.16 15.02
CA GLU D 70 -5.79 -5.25 15.98
C GLU D 70 -4.42 -5.90 15.91
N MET D 71 -3.72 -5.70 14.80
CA MET D 71 -2.45 -6.39 14.56
C MET D 71 -1.22 -5.49 14.66
N ALA D 72 -1.36 -4.24 14.25
CA ALA D 72 -0.24 -3.28 14.18
C ALA D 72 0.64 -3.23 15.44
N ASP D 73 0.00 -3.18 16.62
CA ASP D 73 0.72 -3.05 17.89
C ASP D 73 0.84 -4.35 18.67
N LEU D 74 0.41 -5.45 18.07
CA LEU D 74 0.38 -6.74 18.74
C LEU D 74 1.79 -7.29 19.00
N THR D 75 2.02 -7.75 20.23
CA THR D 75 3.28 -8.42 20.57
C THR D 75 3.05 -9.92 20.56
N PHE D 76 4.15 -10.67 20.48
CA PHE D 76 4.06 -12.12 20.47
C PHE D 76 3.40 -12.62 21.75
N ALA D 77 3.76 -12.01 22.88
CA ALA D 77 3.23 -12.40 24.18
C ALA D 77 1.71 -12.27 24.24
N ASP D 78 1.18 -11.20 23.66
CA ASP D 78 -0.27 -11.00 23.60
C ASP D 78 -0.97 -11.95 22.62
N ALA D 79 -0.35 -12.19 21.46
CA ALA D 79 -0.90 -13.10 20.45
C ALA D 79 -0.93 -14.55 20.96
N PHE D 80 0.10 -14.92 21.69
CA PHE D 80 0.20 -16.26 22.25
C PHE D 80 -0.77 -16.46 23.42
N THR D 81 -0.89 -15.44 24.26
CA THR D 81 -1.76 -15.49 25.45
C THR D 81 -3.24 -15.58 25.07
N ALA D 82 -3.62 -14.81 24.06
CA ALA D 82 -5.00 -14.83 23.57
C ALA D 82 -5.27 -16.01 22.62
N ASP D 83 -4.20 -16.66 22.16
CA ASP D 83 -4.25 -17.59 21.03
C ASP D 83 -5.00 -16.95 19.87
N PHE D 84 -4.58 -15.74 19.53
CA PHE D 84 -5.16 -14.92 18.47
C PHE D 84 -5.54 -15.73 17.22
N PHE D 85 -6.83 -15.70 16.86
CA PHE D 85 -7.40 -16.41 15.71
C PHE D 85 -7.87 -17.85 15.96
N ALA D 86 -7.48 -18.44 17.09
CA ALA D 86 -7.87 -19.83 17.38
C ALA D 86 -9.39 -20.05 17.39
N THR D 87 -10.14 -19.05 17.81
CA THR D 87 -11.59 -19.16 17.88
C THR D 87 -12.24 -19.49 16.54
N TRP D 88 -11.62 -19.07 15.43
CA TRP D 88 -12.11 -19.45 14.09
C TRP D 88 -12.26 -20.97 13.94
N GLY D 89 -11.53 -21.72 14.76
CA GLY D 89 -11.59 -23.18 14.76
C GLY D 89 -12.97 -23.72 15.08
N LYS D 90 -13.82 -22.90 15.71
CA LYS D 90 -15.17 -23.32 16.07
C LYS D 90 -16.09 -23.47 14.85
N LEU D 91 -15.80 -22.71 13.79
CA LEU D 91 -16.48 -22.87 12.52
C LEU D 91 -16.22 -24.26 11.95
N ALA D 92 -14.99 -24.74 12.05
CA ALA D 92 -14.63 -26.06 11.51
C ALA D 92 -15.31 -27.16 12.31
N ALA D 93 -15.69 -26.84 13.55
CA ALA D 93 -16.38 -27.80 14.40
C ALA D 93 -17.89 -27.86 14.12
N VAL D 94 -18.38 -26.97 13.25
CA VAL D 94 -19.79 -27.01 12.84
C VAL D 94 -20.06 -28.29 12.03
N ARG D 95 -21.03 -29.08 12.47
CA ARG D 95 -21.31 -30.37 11.85
C ARG D 95 -22.18 -30.23 10.59
N THR D 96 -23.19 -29.37 10.68
CA THR D 96 -24.03 -29.05 9.54
C THR D 96 -23.18 -28.50 8.39
N PRO D 97 -23.53 -28.85 7.14
CA PRO D 97 -22.77 -28.33 6.01
C PRO D 97 -22.85 -26.80 5.88
N THR D 98 -21.72 -26.20 5.53
CA THR D 98 -21.66 -24.76 5.32
C THR D 98 -21.32 -24.47 3.87
N ILE D 99 -21.83 -23.35 3.38
CA ILE D 99 -21.62 -22.91 2.01
C ILE D 99 -21.17 -21.47 2.05
N ALA D 100 -19.94 -21.21 1.61
CA ALA D 100 -19.51 -19.84 1.40
C ALA D 100 -20.02 -19.34 0.04
N ALA D 101 -20.80 -18.27 0.05
CA ALA D 101 -21.21 -17.57 -1.18
C ALA D 101 -20.38 -16.31 -1.36
N VAL D 102 -19.45 -16.34 -2.31
CA VAL D 102 -18.41 -15.34 -2.36
C VAL D 102 -18.52 -14.40 -3.55
N ALA D 103 -18.74 -13.12 -3.27
CA ALA D 103 -18.70 -12.09 -4.28
C ALA D 103 -17.55 -11.14 -4.08
N GLY D 104 -17.01 -10.62 -5.18
CA GLY D 104 -15.96 -9.61 -5.13
C GLY D 104 -14.76 -10.04 -4.32
N TYR D 105 -14.32 -9.15 -3.43
CA TYR D 105 -13.13 -9.38 -2.63
C TYR D 105 -13.30 -10.45 -1.56
N ALA D 106 -12.53 -11.53 -1.71
CA ALA D 106 -12.32 -12.47 -0.63
C ALA D 106 -10.81 -12.55 -0.42
N LEU D 107 -10.29 -11.63 0.39
CA LEU D 107 -8.84 -11.44 0.52
C LEU D 107 -8.32 -11.63 1.94
N GLY D 108 -7.12 -12.19 2.04
CA GLY D 108 -6.50 -12.44 3.34
C GLY D 108 -7.40 -13.31 4.18
N GLY D 109 -7.75 -12.83 5.38
CA GLY D 109 -8.69 -13.54 6.25
C GLY D 109 -9.98 -13.90 5.53
N GLY D 110 -10.43 -13.02 4.63
CA GLY D 110 -11.63 -13.25 3.81
C GLY D 110 -11.50 -14.49 2.94
N CYS D 111 -10.41 -14.58 2.20
CA CYS D 111 -10.11 -15.79 1.43
C CYS D 111 -10.10 -17.01 2.35
N GLU D 112 -9.50 -16.86 3.52
CA GLU D 112 -9.37 -17.96 4.47
C GLU D 112 -10.70 -18.40 5.06
N LEU D 113 -11.56 -17.43 5.36
CA LEU D 113 -12.92 -17.73 5.82
C LEU D 113 -13.67 -18.53 4.76
N ALA D 114 -13.53 -18.14 3.50
CA ALA D 114 -14.17 -18.85 2.41
C ALA D 114 -13.67 -20.32 2.30
N MET D 115 -12.37 -20.53 2.49
CA MET D 115 -11.82 -21.89 2.47
C MET D 115 -12.27 -22.76 3.63
N MET D 116 -12.70 -22.14 4.71
CA MET D 116 -13.15 -22.88 5.90
C MET D 116 -14.46 -23.59 5.61
N CYS D 117 -15.30 -22.99 4.76
CA CYS D 117 -16.59 -23.57 4.46
C CYS D 117 -16.45 -24.83 3.62
N ASP D 118 -17.51 -25.63 3.56
CA ASP D 118 -17.46 -26.90 2.84
C ASP D 118 -17.61 -26.72 1.34
N VAL D 119 -18.69 -26.04 0.95
CA VAL D 119 -19.00 -25.73 -0.44
C VAL D 119 -18.67 -24.26 -0.66
N LEU D 120 -18.02 -23.97 -1.78
CA LEU D 120 -17.64 -22.61 -2.12
CA LEU D 120 -17.67 -22.59 -2.11
C LEU D 120 -18.26 -22.20 -3.45
N ILE D 121 -19.25 -21.31 -3.40
CA ILE D 121 -19.89 -20.80 -4.62
C ILE D 121 -19.51 -19.34 -4.89
N ALA D 122 -18.79 -19.13 -5.99
CA ALA D 122 -18.26 -17.81 -6.34
C ALA D 122 -18.98 -17.13 -7.49
N ALA D 123 -19.14 -15.82 -7.37
CA ALA D 123 -19.65 -15.00 -8.45
C ALA D 123 -18.53 -14.68 -9.45
N ASP D 124 -18.92 -14.42 -10.70
CA ASP D 124 -18.05 -13.83 -11.75
C ASP D 124 -16.97 -12.94 -11.18
N THR D 125 -17.38 -12.12 -10.23
CA THR D 125 -16.59 -11.00 -9.74
C THR D 125 -15.53 -11.38 -8.69
N ALA D 126 -15.65 -12.56 -8.11
CA ALA D 126 -14.81 -12.96 -6.96
C ALA D 126 -13.31 -12.86 -7.25
N LYS D 127 -12.61 -12.23 -6.31
CA LYS D 127 -11.15 -12.18 -6.32
C LYS D 127 -10.63 -12.75 -5.01
N PHE D 128 -9.69 -13.69 -5.12
CA PHE D 128 -9.06 -14.29 -3.96
C PHE D 128 -7.60 -13.89 -3.91
N GLY D 129 -7.01 -13.95 -2.72
CA GLY D 129 -5.61 -13.65 -2.55
C GLY D 129 -5.19 -13.68 -1.10
N GLN D 130 -3.87 -13.71 -0.87
CA GLN D 130 -3.30 -13.67 0.47
C GLN D 130 -2.13 -12.67 0.49
N PRO D 131 -2.41 -11.41 0.87
CA PRO D 131 -1.42 -10.34 0.86
C PRO D 131 -0.72 -10.13 2.21
N GLU D 132 -0.82 -11.12 3.09
CA GLU D 132 -0.16 -11.09 4.40
C GLU D 132 1.33 -10.82 4.31
N ILE D 133 1.99 -11.48 3.36
CA ILE D 133 3.42 -11.31 3.10
C ILE D 133 3.84 -9.85 2.93
N LYS D 134 3.00 -9.05 2.25
CA LYS D 134 3.31 -7.64 1.99
C LYS D 134 3.33 -6.80 3.26
N LEU D 135 2.66 -7.29 4.30
CA LEU D 135 2.65 -6.63 5.62
C LEU D 135 3.72 -7.17 6.56
N GLY D 136 4.56 -8.08 6.06
CA GLY D 136 5.69 -8.60 6.84
C GLY D 136 5.27 -9.71 7.79
N VAL D 137 4.07 -10.23 7.54
CA VAL D 137 3.54 -11.32 8.33
C VAL D 137 3.20 -12.48 7.36
N LEU D 138 2.34 -13.41 7.77
CA LEU D 138 1.89 -14.50 6.90
C LEU D 138 0.43 -14.86 7.22
N PRO D 139 -0.20 -15.76 6.42
CA PRO D 139 -1.59 -16.13 6.77
C PRO D 139 -1.65 -16.71 8.20
N GLY D 140 -2.68 -16.33 8.95
CA GLY D 140 -2.87 -16.79 10.32
C GLY D 140 -4.16 -17.57 10.49
N MET D 141 -4.99 -17.62 9.46
CA MET D 141 -6.26 -18.33 9.54
C MET D 141 -6.34 -19.58 8.66
N GLY D 142 -5.19 -20.20 8.44
CA GLY D 142 -5.13 -21.49 7.77
C GLY D 142 -4.90 -21.46 6.28
N GLY D 143 -4.69 -20.27 5.73
CA GLY D 143 -4.46 -20.09 4.29
C GLY D 143 -3.30 -20.94 3.75
N SER D 144 -2.18 -20.93 4.45
CA SER D 144 -1.02 -21.71 3.99
C SER D 144 -1.32 -23.20 3.96
N GLN D 145 -2.44 -23.60 4.57
CA GLN D 145 -2.80 -25.01 4.70
C GLN D 145 -3.89 -25.40 3.73
N ARG D 146 -4.99 -24.64 3.74
CA ARG D 146 -6.12 -24.94 2.90
C ARG D 146 -5.92 -24.52 1.44
N LEU D 147 -5.17 -23.44 1.21
CA LEU D 147 -4.92 -23.03 -0.17
C LEU D 147 -4.02 -24.06 -0.85
N THR D 148 -2.92 -24.40 -0.20
CA THR D 148 -1.97 -25.34 -0.74
C THR D 148 -2.63 -26.68 -1.08
N ARG D 149 -3.46 -27.17 -0.16
CA ARG D 149 -4.19 -28.40 -0.38
C ARG D 149 -5.22 -28.34 -1.52
N ALA D 150 -5.79 -27.15 -1.77
CA ALA D 150 -6.76 -26.95 -2.85
C ALA D 150 -6.10 -26.87 -4.21
N ILE D 151 -5.07 -26.04 -4.33
CA ILE D 151 -4.59 -25.62 -5.65
C ILE D 151 -3.17 -26.04 -5.98
N GLY D 152 -2.55 -26.84 -5.11
CA GLY D 152 -1.20 -27.35 -5.35
C GLY D 152 -0.14 -26.37 -4.92
N LYS D 153 1.07 -26.88 -4.69
CA LYS D 153 2.18 -26.10 -4.13
C LYS D 153 2.59 -24.90 -5.01
N ALA D 154 2.76 -25.14 -6.30
CA ALA D 154 3.24 -24.12 -7.24
C ALA D 154 2.39 -22.85 -7.23
N LYS D 155 1.07 -23.00 -7.39
CA LYS D 155 0.17 -21.86 -7.37
C LYS D 155 0.07 -21.25 -5.98
N ALA D 156 -0.01 -22.10 -4.96
CA ALA D 156 -0.09 -21.63 -3.57
C ALA D 156 1.16 -20.86 -3.13
N MET D 157 2.34 -21.32 -3.55
CA MET D 157 3.58 -20.59 -3.25
C MET D 157 3.57 -19.26 -3.97
N ASP D 158 3.07 -19.26 -5.20
CA ASP D 158 2.97 -18.04 -5.99
C ASP D 158 2.06 -17.02 -5.29
N LEU D 159 0.84 -17.44 -4.96
CA LEU D 159 -0.10 -16.54 -4.33
C LEU D 159 0.40 -16.02 -2.99
N ILE D 160 0.97 -16.91 -2.17
CA ILE D 160 1.33 -16.56 -0.80
C ILE D 160 2.64 -15.76 -0.70
N LEU D 161 3.58 -16.03 -1.60
CA LEU D 161 4.87 -15.34 -1.58
C LEU D 161 4.87 -14.01 -2.35
N THR D 162 3.96 -13.86 -3.31
CA THR D 162 3.89 -12.63 -4.08
C THR D 162 2.67 -11.79 -3.72
N GLY D 163 1.64 -12.45 -3.19
CA GLY D 163 0.38 -11.76 -2.88
C GLY D 163 -0.50 -11.45 -4.08
N ARG D 164 -0.20 -12.06 -5.23
CA ARG D 164 -1.00 -11.82 -6.46
C ARG D 164 -2.42 -12.35 -6.29
N THR D 165 -3.34 -11.71 -7.00
CA THR D 165 -4.75 -12.07 -6.92
C THR D 165 -5.08 -13.23 -7.86
N MET D 166 -6.16 -13.92 -7.54
CA MET D 166 -6.68 -14.98 -8.39
C MET D 166 -8.17 -14.72 -8.62
N ASP D 167 -8.54 -14.63 -9.90
CA ASP D 167 -9.92 -14.38 -10.31
C ASP D 167 -10.77 -15.64 -10.14
N ALA D 168 -12.10 -15.49 -10.22
CA ALA D 168 -13.03 -16.61 -10.08
C ALA D 168 -12.79 -17.76 -11.06
N ALA D 169 -12.55 -17.43 -12.33
CA ALA D 169 -12.32 -18.46 -13.36
C ALA D 169 -11.10 -19.36 -13.05
N GLU D 170 -9.96 -18.75 -12.78
CA GLU D 170 -8.76 -19.49 -12.42
C GLU D 170 -9.01 -20.31 -11.17
N ALA D 171 -9.67 -19.72 -10.19
CA ALA D 171 -9.93 -20.41 -8.93
C ALA D 171 -10.74 -21.69 -9.15
N GLU D 172 -11.65 -21.65 -10.13
CA GLU D 172 -12.52 -22.79 -10.44
C GLU D 172 -11.69 -23.88 -11.10
N ARG D 173 -10.75 -23.46 -11.94
CA ARG D 173 -9.87 -24.35 -12.70
C ARG D 173 -8.89 -25.07 -11.80
N SER D 174 -8.57 -24.45 -10.66
CA SER D 174 -7.46 -24.87 -9.82
C SER D 174 -7.88 -25.72 -8.63
N GLY D 175 -9.16 -25.72 -8.31
CA GLY D 175 -9.67 -26.50 -7.20
C GLY D 175 -10.13 -25.72 -5.98
N LEU D 176 -10.06 -24.39 -6.08
CA LEU D 176 -10.45 -23.54 -4.94
C LEU D 176 -11.96 -23.39 -4.74
N VAL D 177 -12.74 -23.37 -5.81
CA VAL D 177 -14.17 -23.11 -5.67
C VAL D 177 -15.01 -24.22 -6.30
N SER D 178 -16.21 -24.41 -5.77
CA SER D 178 -17.10 -25.46 -6.27
C SER D 178 -17.63 -25.09 -7.65
N ARG D 179 -18.27 -23.93 -7.74
CA ARG D 179 -18.92 -23.47 -8.97
C ARG D 179 -18.82 -21.96 -9.10
N VAL D 180 -18.77 -21.48 -10.33
CA VAL D 180 -18.80 -20.05 -10.62
C VAL D 180 -20.12 -19.70 -11.31
N VAL D 181 -20.73 -18.59 -10.89
CA VAL D 181 -22.05 -18.17 -11.36
C VAL D 181 -22.05 -16.66 -11.64
N PRO D 182 -23.04 -16.16 -12.41
CA PRO D 182 -23.11 -14.70 -12.59
C PRO D 182 -23.37 -13.98 -11.26
N ALA D 183 -22.72 -12.83 -11.08
CA ALA D 183 -22.80 -12.07 -9.82
C ALA D 183 -24.25 -11.82 -9.38
N ASP D 184 -25.10 -11.41 -10.32
CA ASP D 184 -26.52 -11.15 -10.05
C ASP D 184 -27.27 -12.39 -9.56
N ASP D 185 -26.78 -13.56 -9.95
CA ASP D 185 -27.39 -14.82 -9.57
C ASP D 185 -26.77 -15.47 -8.32
N LEU D 186 -25.67 -14.90 -7.81
CA LEU D 186 -24.94 -15.51 -6.69
C LEU D 186 -25.83 -15.91 -5.49
N LEU D 187 -26.60 -14.97 -4.97
CA LEU D 187 -27.38 -15.24 -3.76
C LEU D 187 -28.48 -16.29 -3.96
N THR D 188 -29.09 -16.31 -5.14
CA THR D 188 -30.11 -17.31 -5.47
C THR D 188 -29.50 -18.69 -5.71
N GLU D 189 -28.31 -18.71 -6.28
CA GLU D 189 -27.61 -19.98 -6.54
C GLU D 189 -27.11 -20.68 -5.27
N ALA D 190 -26.64 -19.88 -4.31
CA ALA D 190 -26.24 -20.40 -3.01
C ALA D 190 -27.44 -20.98 -2.27
N ARG D 191 -28.56 -20.25 -2.25
CA ARG D 191 -29.78 -20.74 -1.62
C ARG D 191 -30.35 -22.00 -2.26
N ALA D 192 -30.21 -22.13 -3.57
CA ALA D 192 -30.66 -23.35 -4.25
C ALA D 192 -29.80 -24.53 -3.81
N THR D 193 -28.48 -24.33 -3.76
CA THR D 193 -27.55 -25.33 -3.24
C THR D 193 -27.83 -25.68 -1.78
N ALA D 194 -27.97 -24.64 -0.94
CA ALA D 194 -28.30 -24.83 0.47
C ALA D 194 -29.62 -25.56 0.67
N THR D 195 -30.59 -25.27 -0.20
CA THR D 195 -31.90 -25.91 -0.13
C THR D 195 -31.77 -27.41 -0.36
N THR D 196 -31.14 -27.76 -1.49
CA THR D 196 -30.85 -29.14 -1.83
C THR D 196 -30.17 -29.88 -0.67
N ILE D 197 -29.12 -29.28 -0.11
CA ILE D 197 -28.38 -29.88 1.00
C ILE D 197 -29.24 -30.00 2.26
N SER D 198 -30.00 -28.95 2.55
CA SER D 198 -30.83 -28.90 3.74
C SER D 198 -31.94 -29.94 3.71
N GLN D 199 -32.28 -30.43 2.52
CA GLN D 199 -33.39 -31.37 2.37
C GLN D 199 -32.95 -32.83 2.27
N MET D 200 -31.63 -33.04 2.28
CA MET D 200 -31.09 -34.38 2.46
C MET D 200 -31.33 -34.74 3.91
N SER D 201 -31.21 -36.02 4.24
CA SER D 201 -31.21 -36.48 5.63
C SER D 201 -30.12 -35.76 6.43
N ALA D 202 -30.51 -35.18 7.57
CA ALA D 202 -29.57 -34.42 8.40
C ALA D 202 -28.33 -35.25 8.78
N SER D 203 -28.54 -36.48 9.25
CA SER D 203 -27.44 -37.31 9.72
C SER D 203 -26.56 -37.80 8.55
N ALA D 204 -27.19 -38.16 7.44
CA ALA D 204 -26.44 -38.59 6.27
C ALA D 204 -25.52 -37.48 5.75
N ALA D 205 -26.02 -36.25 5.69
CA ALA D 205 -25.21 -35.10 5.26
C ALA D 205 -24.08 -34.82 6.25
N ARG D 206 -24.39 -34.93 7.54
CA ARG D 206 -23.39 -34.73 8.58
C ARG D 206 -22.27 -35.78 8.51
N MET D 207 -22.63 -37.04 8.25
CA MET D 207 -21.65 -38.12 8.06
C MET D 207 -20.81 -37.95 6.78
N ALA D 208 -21.46 -37.55 5.69
CA ALA D 208 -20.77 -37.34 4.42
C ALA D 208 -19.73 -36.25 4.55
N LYS D 209 -20.13 -35.10 5.11
CA LYS D 209 -19.22 -34.00 5.40
C LYS D 209 -18.01 -34.43 6.26
N GLU D 210 -18.29 -35.16 7.33
CA GLU D 210 -17.24 -35.58 8.24
C GLU D 210 -16.30 -36.56 7.54
N ALA D 211 -16.86 -37.44 6.72
CA ALA D 211 -16.05 -38.35 5.91
C ALA D 211 -15.09 -37.56 5.01
N VAL D 212 -15.63 -36.60 4.25
CA VAL D 212 -14.80 -35.78 3.36
C VAL D 212 -13.67 -35.05 4.11
N ASN D 213 -13.98 -34.48 5.27
CA ASN D 213 -13.00 -33.79 6.10
C ASN D 213 -11.84 -34.71 6.55
N ARG D 214 -12.15 -35.98 6.73
CA ARG D 214 -11.18 -37.00 7.11
C ARG D 214 -10.03 -37.12 6.10
N ALA D 215 -10.32 -36.81 4.84
CA ALA D 215 -9.34 -36.92 3.76
C ALA D 215 -8.10 -36.05 3.95
N PHE D 216 -8.20 -35.03 4.83
CA PHE D 216 -7.08 -34.12 5.12
C PHE D 216 -6.36 -34.41 6.46
N GLU D 217 -6.82 -35.42 7.19
CA GLU D 217 -6.41 -35.63 8.58
C GLU D 217 -5.65 -36.91 8.85
N SER D 218 -5.57 -37.79 7.86
CA SER D 218 -4.89 -39.07 8.04
C SER D 218 -4.50 -39.69 6.71
N SER D 219 -3.89 -40.86 6.77
CA SER D 219 -3.54 -41.58 5.56
C SER D 219 -4.82 -42.05 4.88
N LEU D 220 -4.70 -42.34 3.59
CA LEU D 220 -5.81 -42.87 2.81
C LEU D 220 -6.36 -44.18 3.40
N SER D 221 -5.47 -45.09 3.82
CA SER D 221 -5.94 -46.34 4.39
C SER D 221 -6.83 -46.13 5.63
N GLU D 222 -6.49 -45.15 6.46
CA GLU D 222 -7.32 -44.80 7.63
C GLU D 222 -8.62 -44.10 7.25
N GLY D 223 -8.54 -43.16 6.31
CA GLY D 223 -9.72 -42.49 5.78
C GLY D 223 -10.73 -43.46 5.21
N LEU D 224 -10.25 -44.49 4.52
CA LEU D 224 -11.13 -45.47 3.91
C LEU D 224 -11.86 -46.27 4.99
N LEU D 225 -11.10 -46.73 6.00
CA LEU D 225 -11.69 -47.45 7.13
C LEU D 225 -12.76 -46.60 7.81
N TYR D 226 -12.41 -45.34 8.09
CA TYR D 226 -13.34 -44.41 8.73
C TYR D 226 -14.64 -44.24 7.96
N GLU D 227 -14.53 -44.01 6.66
CA GLU D 227 -15.69 -43.85 5.79
C GLU D 227 -16.58 -45.08 5.86
N ARG D 228 -16.01 -46.25 5.62
CA ARG D 228 -16.76 -47.49 5.62
C ARG D 228 -17.51 -47.71 6.95
N ARG D 229 -16.89 -47.35 8.06
CA ARG D 229 -17.53 -47.47 9.39
C ARG D 229 -18.71 -46.51 9.52
N LEU D 230 -18.55 -45.29 9.02
CA LEU D 230 -19.63 -44.32 9.01
C LEU D 230 -20.79 -44.84 8.16
N PHE D 231 -20.44 -45.35 6.99
CA PHE D 231 -21.37 -45.88 6.02
C PHE D 231 -22.17 -47.04 6.61
N HIS D 232 -21.49 -47.94 7.32
CA HIS D 232 -22.17 -49.04 7.98
C HIS D 232 -23.19 -48.51 9.00
N SER D 233 -22.78 -47.53 9.79
CA SER D 233 -23.63 -46.87 10.77
C SER D 233 -24.93 -46.34 10.19
N ALA D 234 -24.86 -45.80 8.98
CA ALA D 234 -26.02 -45.17 8.39
C ALA D 234 -27.20 -46.15 8.30
N PHE D 235 -26.90 -47.45 8.31
CA PHE D 235 -27.93 -48.49 8.25
C PHE D 235 -28.74 -48.65 9.54
N ALA D 236 -28.34 -47.94 10.58
CA ALA D 236 -29.10 -47.89 11.82
C ALA D 236 -30.02 -46.68 11.84
N THR D 237 -30.15 -46.00 10.70
CA THR D 237 -31.00 -44.82 10.62
C THR D 237 -32.25 -45.09 9.80
N GLU D 238 -33.35 -44.47 10.19
CA GLU D 238 -34.60 -44.57 9.43
C GLU D 238 -34.44 -44.02 8.01
N ASP D 239 -33.69 -42.92 7.89
CA ASP D 239 -33.50 -42.24 6.61
C ASP D 239 -32.90 -43.10 5.50
N GLN D 240 -32.09 -44.10 5.87
CA GLN D 240 -31.40 -44.91 4.88
C GLN D 240 -32.31 -45.93 4.20
N SER D 241 -33.18 -46.57 4.96
CA SER D 241 -34.12 -47.52 4.38
C SER D 241 -35.19 -46.76 3.59
N GLU D 242 -35.57 -45.58 4.09
CA GLU D 242 -36.48 -44.69 3.37
C GLU D 242 -35.91 -44.27 2.00
N GLY D 243 -34.68 -43.75 2.00
CA GLY D 243 -34.04 -43.32 0.77
C GLY D 243 -33.85 -44.42 -0.26
N MET D 244 -33.54 -45.63 0.22
CA MET D 244 -33.27 -46.74 -0.68
C MET D 244 -34.54 -47.40 -1.22
N ALA D 245 -35.60 -47.42 -0.42
CA ALA D 245 -36.88 -47.98 -0.87
C ALA D 245 -37.57 -47.01 -1.85
N ALA D 246 -37.22 -45.74 -1.72
CA ALA D 246 -37.71 -44.71 -2.64
C ALA D 246 -37.24 -45.00 -4.06
N PHE D 247 -35.95 -45.25 -4.21
CA PHE D 247 -35.38 -45.56 -5.52
C PHE D 247 -36.00 -46.82 -6.14
N ILE D 248 -36.22 -47.85 -5.32
CA ILE D 248 -36.74 -49.13 -5.80
C ILE D 248 -38.22 -49.03 -6.19
N GLU D 249 -38.99 -48.25 -5.42
CA GLU D 249 -40.40 -48.00 -5.77
C GLU D 249 -40.51 -46.79 -6.72
N LYS D 250 -39.40 -46.44 -7.37
CA LYS D 250 -39.37 -45.40 -8.41
C LYS D 250 -40.11 -44.12 -8.01
N ARG D 251 -39.84 -43.66 -6.78
CA ARG D 251 -40.45 -42.43 -6.25
C ARG D 251 -39.41 -41.51 -5.60
N ALA D 252 -39.89 -40.39 -5.04
CA ALA D 252 -39.02 -39.46 -4.32
C ALA D 252 -39.03 -39.76 -2.83
N PRO D 253 -37.87 -39.59 -2.15
CA PRO D 253 -37.79 -39.97 -0.74
C PRO D 253 -38.44 -38.94 0.18
N GLN D 254 -39.09 -39.44 1.24
CA GLN D 254 -39.67 -38.57 2.25
C GLN D 254 -38.80 -38.59 3.50
N PHE D 255 -37.74 -37.79 3.49
CA PHE D 255 -36.74 -37.81 4.58
C PHE D 255 -37.27 -37.22 5.89
N THR D 256 -37.32 -38.08 6.90
CA THR D 256 -37.82 -37.75 8.22
C THR D 256 -36.73 -37.16 9.13
N HIS D 257 -35.51 -37.07 8.60
CA HIS D 257 -34.31 -36.63 9.34
C HIS D 257 -34.00 -37.52 10.56
N THR E 3 33.28 -20.33 -8.76
CA THR E 3 33.84 -21.05 -9.98
C THR E 3 33.24 -22.45 -10.08
N TYR E 4 32.29 -22.61 -11.01
CA TYR E 4 31.61 -23.89 -11.26
C TYR E 4 31.87 -24.44 -12.66
N GLU E 5 31.64 -25.74 -12.84
CA GLU E 5 31.92 -26.42 -14.11
C GLU E 5 30.69 -26.73 -14.95
N THR E 6 29.54 -26.90 -14.29
CA THR E 6 28.29 -27.27 -14.98
C THR E 6 27.20 -26.20 -14.86
N ILE E 7 27.45 -25.16 -14.06
CA ILE E 7 26.47 -24.09 -13.86
C ILE E 7 27.08 -22.70 -13.86
N LEU E 8 26.23 -21.71 -14.11
CA LEU E 8 26.60 -20.30 -13.99
C LEU E 8 25.80 -19.69 -12.84
N VAL E 9 26.43 -18.79 -12.10
CA VAL E 9 25.76 -18.10 -11.01
C VAL E 9 25.93 -16.58 -11.12
N GLU E 10 24.80 -15.88 -11.14
CA GLU E 10 24.78 -14.42 -11.26
C GLU E 10 23.90 -13.84 -10.16
N ARG E 11 24.33 -12.71 -9.60
CA ARG E 11 23.59 -12.01 -8.56
C ARG E 11 23.21 -10.59 -9.01
N ASP E 12 21.91 -10.32 -9.10
CA ASP E 12 21.41 -8.97 -9.37
C ASP E 12 20.54 -8.51 -8.21
N GLN E 13 21.03 -7.49 -7.50
CA GLN E 13 20.39 -6.96 -6.29
C GLN E 13 20.18 -8.05 -5.22
N ARG E 14 18.92 -8.39 -4.96
CA ARG E 14 18.61 -9.37 -3.93
C ARG E 14 18.19 -10.73 -4.48
N VAL E 15 18.50 -11.00 -5.75
CA VAL E 15 18.16 -12.28 -6.33
C VAL E 15 19.35 -12.98 -6.98
N GLY E 16 19.44 -14.29 -6.78
CA GLY E 16 20.50 -15.07 -7.40
C GLY E 16 19.94 -15.98 -8.48
N ILE E 17 20.65 -16.09 -9.59
CA ILE E 17 20.21 -16.95 -10.69
C ILE E 17 21.21 -18.08 -10.91
N ILE E 18 20.71 -19.31 -10.82
CA ILE E 18 21.51 -20.49 -11.09
C ILE E 18 21.11 -21.05 -12.45
N THR E 19 22.01 -20.93 -13.43
CA THR E 19 21.72 -21.41 -14.78
C THR E 19 22.46 -22.70 -15.08
N LEU E 20 21.71 -23.74 -15.44
CA LEU E 20 22.31 -25.02 -15.83
C LEU E 20 23.02 -24.83 -17.16
N ASN E 21 24.30 -25.19 -17.20
CA ASN E 21 25.14 -24.88 -18.35
C ASN E 21 25.85 -26.09 -18.93
N ARG E 22 25.05 -27.03 -19.44
CA ARG E 22 25.57 -28.22 -20.09
C ARG E 22 24.87 -28.41 -21.45
N PRO E 23 25.21 -27.56 -22.43
CA PRO E 23 24.52 -27.57 -23.73
C PRO E 23 24.72 -28.88 -24.50
N GLN E 24 25.89 -29.50 -24.33
CA GLN E 24 26.25 -30.73 -25.04
C GLN E 24 25.39 -31.94 -24.65
N ALA E 25 24.67 -31.83 -23.54
CA ALA E 25 23.81 -32.91 -23.06
C ALA E 25 22.42 -32.41 -22.65
N LEU E 26 22.04 -31.23 -23.16
CA LEU E 26 20.74 -30.61 -22.87
C LEU E 26 20.47 -30.45 -21.37
N ASN E 27 21.50 -30.00 -20.66
CA ASN E 27 21.45 -29.78 -19.22
C ASN E 27 21.05 -31.02 -18.43
N ALA E 28 21.48 -32.19 -18.92
CA ALA E 28 21.25 -33.45 -18.24
C ALA E 28 21.88 -33.40 -16.86
N LEU E 29 21.15 -33.90 -15.88
CA LEU E 29 21.56 -33.81 -14.49
C LEU E 29 22.45 -34.98 -14.15
N ASN E 30 23.67 -34.67 -13.73
CA ASN E 30 24.59 -35.67 -13.20
C ASN E 30 25.00 -35.31 -11.79
N SER E 31 25.80 -36.18 -11.16
CA SER E 31 26.26 -35.96 -9.79
C SER E 31 26.91 -34.59 -9.58
N GLN E 32 27.65 -34.13 -10.59
CA GLN E 32 28.35 -32.85 -10.48
C GLN E 32 27.39 -31.66 -10.54
N VAL E 33 26.39 -31.72 -11.42
CA VAL E 33 25.34 -30.70 -11.44
C VAL E 33 24.63 -30.69 -10.10
N MET E 34 24.28 -31.88 -9.63
CA MET E 34 23.64 -32.03 -8.33
C MET E 34 24.44 -31.34 -7.23
N ASN E 35 25.74 -31.61 -7.19
CA ASN E 35 26.62 -31.06 -6.16
C ASN E 35 26.79 -29.56 -6.25
N GLU E 36 26.95 -29.05 -7.47
CA GLU E 36 27.14 -27.63 -7.70
C GLU E 36 25.86 -26.83 -7.49
N VAL E 37 24.73 -27.33 -7.97
CA VAL E 37 23.45 -26.64 -7.80
C VAL E 37 23.12 -26.51 -6.31
N THR E 38 23.26 -27.62 -5.58
CA THR E 38 23.02 -27.60 -4.14
C THR E 38 24.00 -26.69 -3.40
N SER E 39 25.29 -26.79 -3.74
CA SER E 39 26.30 -25.91 -3.15
C SER E 39 26.00 -24.45 -3.43
N ALA E 40 25.65 -24.15 -4.68
CA ALA E 40 25.29 -22.79 -5.09
C ALA E 40 24.09 -22.29 -4.31
N ALA E 41 22.98 -23.04 -4.38
CA ALA E 41 21.75 -22.69 -3.67
C ALA E 41 21.95 -22.48 -2.16
N THR E 42 22.72 -23.37 -1.54
CA THR E 42 23.05 -23.27 -0.11
C THR E 42 23.79 -21.97 0.26
N GLU E 43 24.75 -21.59 -0.58
CA GLU E 43 25.57 -20.41 -0.34
C GLU E 43 24.74 -19.12 -0.46
N LEU E 44 23.89 -19.06 -1.48
CA LEU E 44 22.93 -17.97 -1.66
C LEU E 44 21.93 -17.87 -0.53
N ASP E 45 21.55 -19.03 0.02
CA ASP E 45 20.64 -19.10 1.14
C ASP E 45 21.26 -18.47 2.40
N ASP E 46 22.54 -18.74 2.63
CA ASP E 46 23.25 -18.16 3.78
C ASP E 46 23.60 -16.68 3.60
N ASP E 47 23.51 -16.18 2.37
CA ASP E 47 23.80 -14.79 2.04
C ASP E 47 22.61 -13.86 2.39
N PRO E 48 22.80 -12.94 3.37
CA PRO E 48 21.77 -11.98 3.77
C PRO E 48 21.34 -11.05 2.64
N ASP E 49 22.17 -10.93 1.60
CA ASP E 49 21.86 -10.04 0.48
C ASP E 49 21.03 -10.72 -0.62
N ILE E 50 20.57 -11.94 -0.35
CA ILE E 50 19.75 -12.68 -1.30
C ILE E 50 18.39 -13.04 -0.69
N GLY E 51 17.32 -12.72 -1.41
CA GLY E 51 15.95 -12.95 -0.94
C GLY E 51 15.14 -13.80 -1.90
N ALA E 52 15.76 -14.21 -3.01
CA ALA E 52 15.12 -15.14 -3.96
C ALA E 52 16.16 -15.77 -4.87
N ILE E 53 15.93 -17.04 -5.19
CA ILE E 53 16.86 -17.84 -5.99
C ILE E 53 16.13 -18.43 -7.20
N ILE E 54 16.64 -18.12 -8.38
CA ILE E 54 16.10 -18.67 -9.61
C ILE E 54 16.95 -19.85 -10.08
N ILE E 55 16.30 -20.91 -10.53
CA ILE E 55 16.98 -22.00 -11.20
C ILE E 55 16.39 -22.16 -12.60
N THR E 56 17.27 -22.12 -13.61
CA THR E 56 16.85 -22.22 -15.01
C THR E 56 17.86 -22.97 -15.88
N GLY E 57 17.40 -23.41 -17.05
CA GLY E 57 18.28 -24.03 -18.02
C GLY E 57 18.40 -23.16 -19.25
N SER E 58 18.57 -23.80 -20.41
CA SER E 58 18.62 -23.11 -21.68
C SER E 58 17.20 -22.98 -22.24
N ALA E 59 17.04 -22.13 -23.25
CA ALA E 59 15.76 -21.98 -23.94
C ALA E 59 15.30 -23.30 -24.53
N LYS E 60 16.24 -24.17 -24.87
CA LYS E 60 15.90 -25.46 -25.46
C LYS E 60 15.54 -26.50 -24.39
N ALA E 61 16.33 -26.54 -23.31
CA ALA E 61 16.11 -27.52 -22.25
C ALA E 61 16.43 -26.96 -20.86
N PHE E 62 15.42 -26.97 -19.99
CA PHE E 62 15.63 -26.73 -18.57
C PHE E 62 16.58 -27.81 -18.05
N ALA E 63 16.16 -29.06 -18.16
CA ALA E 63 17.02 -30.21 -17.92
C ALA E 63 16.37 -31.45 -18.53
N ALA E 64 16.96 -31.93 -19.63
CA ALA E 64 16.38 -33.04 -20.39
C ALA E 64 16.88 -34.39 -19.89
N GLY E 65 16.23 -34.89 -18.85
CA GLY E 65 16.63 -36.15 -18.23
C GLY E 65 17.88 -36.05 -17.38
N ALA E 66 18.47 -37.20 -17.09
CA ALA E 66 19.69 -37.29 -16.31
C ALA E 66 20.79 -38.00 -17.11
N ASP E 67 21.95 -38.14 -16.49
CA ASP E 67 23.08 -38.80 -17.13
C ASP E 67 22.93 -40.31 -17.01
N ILE E 68 22.41 -40.93 -18.07
CA ILE E 68 22.16 -42.37 -18.08
C ILE E 68 23.48 -43.12 -17.97
N LYS E 69 24.57 -42.50 -18.43
CA LYS E 69 25.90 -43.11 -18.37
C LYS E 69 26.38 -43.27 -16.93
N GLU E 70 26.07 -42.29 -16.08
CA GLU E 70 26.39 -42.38 -14.65
C GLU E 70 25.71 -43.58 -13.97
N MET E 71 24.50 -43.90 -14.43
CA MET E 71 23.65 -44.88 -13.75
C MET E 71 23.69 -46.28 -14.37
N ALA E 72 24.02 -46.35 -15.66
CA ALA E 72 23.95 -47.61 -16.41
C ALA E 72 24.69 -48.78 -15.77
N ASP E 73 25.82 -48.47 -15.14
CA ASP E 73 26.66 -49.48 -14.51
C ASP E 73 26.65 -49.37 -12.99
N LEU E 74 25.69 -48.62 -12.45
CA LEU E 74 25.52 -48.45 -11.01
C LEU E 74 24.96 -49.72 -10.40
N THR E 75 25.63 -50.22 -9.37
CA THR E 75 25.18 -51.42 -8.66
C THR E 75 24.29 -51.02 -7.48
N PHE E 76 23.49 -51.96 -6.99
CA PHE E 76 22.72 -51.71 -5.78
C PHE E 76 23.62 -51.29 -4.61
N ALA E 77 24.76 -51.97 -4.49
CA ALA E 77 25.73 -51.67 -3.43
C ALA E 77 26.24 -50.23 -3.46
N ASP E 78 26.61 -49.76 -4.64
CA ASP E 78 27.04 -48.37 -4.84
C ASP E 78 25.92 -47.39 -4.59
N ALA E 79 24.71 -47.75 -5.01
CA ALA E 79 23.52 -46.90 -4.87
C ALA E 79 23.20 -46.67 -3.40
N PHE E 80 23.21 -47.75 -2.63
CA PHE E 80 22.89 -47.72 -1.21
C PHE E 80 23.99 -47.02 -0.42
N THR E 81 25.24 -47.45 -0.63
CA THR E 81 26.40 -46.83 0.03
C THR E 81 26.51 -45.33 -0.24
N ALA E 82 26.30 -44.92 -1.47
CA ALA E 82 26.36 -43.50 -1.81
C ALA E 82 25.07 -42.75 -1.45
N ASP E 83 24.01 -43.49 -1.11
CA ASP E 83 22.66 -42.94 -1.01
C ASP E 83 22.37 -42.05 -2.22
N PHE E 84 22.37 -42.67 -3.40
CA PHE E 84 22.33 -41.97 -4.67
C PHE E 84 21.15 -41.01 -4.78
N PHE E 85 21.44 -39.76 -5.18
CA PHE E 85 20.45 -38.69 -5.29
C PHE E 85 20.09 -37.98 -3.96
N ALA E 86 20.51 -38.54 -2.83
CA ALA E 86 20.12 -38.01 -1.52
C ALA E 86 20.54 -36.54 -1.34
N THR E 87 21.66 -36.16 -1.96
CA THR E 87 22.16 -34.80 -1.85
C THR E 87 21.18 -33.73 -2.39
N TRP E 88 20.33 -34.08 -3.36
CA TRP E 88 19.31 -33.15 -3.84
C TRP E 88 18.41 -32.61 -2.71
N GLY E 89 18.33 -33.35 -1.60
CA GLY E 89 17.61 -32.92 -0.41
C GLY E 89 18.05 -31.56 0.11
N LYS E 90 19.30 -31.17 -0.19
CA LYS E 90 19.83 -29.89 0.25
C LYS E 90 19.09 -28.72 -0.40
N LEU E 91 18.58 -28.92 -1.61
CA LEU E 91 17.77 -27.91 -2.26
C LEU E 91 16.48 -27.63 -1.47
N ALA E 92 15.78 -28.67 -1.06
CA ALA E 92 14.52 -28.54 -0.31
C ALA E 92 14.71 -27.92 1.06
N ALA E 93 15.92 -28.00 1.58
CA ALA E 93 16.25 -27.44 2.90
C ALA E 93 16.59 -25.96 2.83
N VAL E 94 16.75 -25.45 1.60
CA VAL E 94 17.02 -24.02 1.38
C VAL E 94 15.83 -23.20 1.87
N ARG E 95 16.11 -22.25 2.78
CA ARG E 95 15.06 -21.50 3.46
C ARG E 95 14.47 -20.39 2.61
N THR E 96 15.32 -19.72 1.83
CA THR E 96 14.91 -18.70 0.87
C THR E 96 14.00 -19.29 -0.20
N PRO E 97 12.98 -18.53 -0.65
CA PRO E 97 12.15 -18.94 -1.78
C PRO E 97 12.97 -19.22 -3.02
N THR E 98 12.63 -20.29 -3.74
CA THR E 98 13.30 -20.61 -5.00
C THR E 98 12.30 -20.63 -6.15
N ILE E 99 12.73 -20.14 -7.30
CA ILE E 99 11.88 -20.06 -8.49
C ILE E 99 12.48 -20.91 -9.61
N ALA E 100 11.71 -21.88 -10.11
CA ALA E 100 12.14 -22.64 -11.27
C ALA E 100 11.63 -21.94 -12.52
N ALA E 101 12.56 -21.58 -13.41
CA ALA E 101 12.21 -20.95 -14.67
C ALA E 101 12.42 -21.97 -15.76
N VAL E 102 11.33 -22.60 -16.20
CA VAL E 102 11.44 -23.77 -17.06
C VAL E 102 11.07 -23.53 -18.52
N ALA E 103 12.05 -23.77 -19.39
CA ALA E 103 11.85 -23.70 -20.84
C ALA E 103 12.09 -25.09 -21.46
N GLY E 104 11.40 -25.36 -22.57
CA GLY E 104 11.57 -26.60 -23.30
C GLY E 104 11.47 -27.86 -22.45
N TYR E 105 12.50 -28.71 -22.53
CA TYR E 105 12.47 -30.00 -21.86
C TYR E 105 12.75 -29.90 -20.35
N ALA E 106 11.78 -30.38 -19.58
CA ALA E 106 11.97 -30.69 -18.17
C ALA E 106 11.52 -32.14 -17.98
N LEU E 107 12.46 -33.06 -18.17
CA LEU E 107 12.15 -34.48 -18.18
C LEU E 107 12.93 -35.22 -17.12
N GLY E 108 12.30 -36.25 -16.56
CA GLY E 108 12.92 -37.06 -15.52
C GLY E 108 13.36 -36.17 -14.38
N GLY E 109 14.63 -36.31 -13.99
CA GLY E 109 15.24 -35.43 -12.98
C GLY E 109 15.03 -33.94 -13.24
N GLY E 110 14.93 -33.58 -14.51
CA GLY E 110 14.62 -32.21 -14.90
C GLY E 110 13.26 -31.75 -14.41
N CYS E 111 12.24 -32.58 -14.64
CA CYS E 111 10.90 -32.34 -14.11
C CYS E 111 10.91 -32.31 -12.57
N GLU E 112 11.65 -33.24 -11.98
CA GLU E 112 11.76 -33.36 -10.53
C GLU E 112 12.48 -32.17 -9.91
N LEU E 113 13.49 -31.66 -10.60
CA LEU E 113 14.21 -30.48 -10.15
C LEU E 113 13.24 -29.30 -10.09
N ALA E 114 12.51 -29.08 -11.18
CA ALA E 114 11.48 -28.04 -11.26
C ALA E 114 10.49 -28.14 -10.11
N MET E 115 10.03 -29.37 -9.80
CA MET E 115 9.05 -29.58 -8.73
C MET E 115 9.56 -29.30 -7.32
N MET E 116 10.88 -29.43 -7.11
CA MET E 116 11.51 -29.10 -5.81
C MET E 116 11.44 -27.62 -5.52
N CYS E 117 11.43 -26.80 -6.56
CA CYS E 117 11.36 -25.36 -6.33
C CYS E 117 9.99 -24.98 -5.76
N ASP E 118 9.89 -23.80 -5.17
CA ASP E 118 8.64 -23.34 -4.56
C ASP E 118 7.68 -22.85 -5.64
N VAL E 119 8.17 -21.94 -6.48
CA VAL E 119 7.37 -21.36 -7.55
C VAL E 119 7.90 -21.86 -8.89
N LEU E 120 6.99 -22.30 -9.76
CA LEU E 120 7.39 -22.84 -11.06
C LEU E 120 6.82 -22.00 -12.20
N ILE E 121 7.68 -21.22 -12.83
CA ILE E 121 7.27 -20.43 -13.99
C ILE E 121 7.73 -21.09 -15.28
N ALA E 122 6.79 -21.35 -16.18
CA ALA E 122 7.09 -22.09 -17.41
C ALA E 122 6.91 -21.29 -18.70
N ALA E 123 7.85 -21.47 -19.62
CA ALA E 123 7.70 -20.97 -20.99
C ALA E 123 6.61 -21.80 -21.68
N ASP E 124 5.93 -21.20 -22.66
CA ASP E 124 4.89 -21.94 -23.39
C ASP E 124 5.44 -23.19 -24.09
N THR E 125 6.77 -23.23 -24.20
CA THR E 125 7.50 -24.32 -24.83
C THR E 125 7.72 -25.51 -23.90
N ALA E 126 7.57 -25.26 -22.60
CA ALA E 126 7.92 -26.24 -21.57
C ALA E 126 7.24 -27.59 -21.78
N LYS E 127 8.02 -28.66 -21.72
CA LYS E 127 7.52 -30.03 -21.85
C LYS E 127 7.95 -30.86 -20.63
N PHE E 128 6.97 -31.28 -19.82
CA PHE E 128 7.23 -32.02 -18.59
C PHE E 128 6.97 -33.51 -18.78
N GLY E 129 7.78 -34.33 -18.13
CA GLY E 129 7.55 -35.77 -18.13
C GLY E 129 8.46 -36.53 -17.19
N GLN E 130 8.05 -37.77 -16.91
CA GLN E 130 8.84 -38.72 -16.15
C GLN E 130 8.96 -40.04 -16.94
N PRO E 131 9.96 -40.11 -17.84
CA PRO E 131 10.15 -41.29 -18.71
C PRO E 131 10.99 -42.41 -18.10
N GLU E 132 11.39 -42.27 -16.84
CA GLU E 132 12.21 -43.28 -16.14
C GLU E 132 11.77 -44.73 -16.39
N ILE E 133 10.46 -44.94 -16.46
CA ILE E 133 9.91 -46.29 -16.65
C ILE E 133 10.52 -46.97 -17.89
N LYS E 134 10.61 -46.22 -18.99
CA LYS E 134 11.17 -46.71 -20.25
C LYS E 134 12.56 -47.30 -20.07
N LEU E 135 13.33 -46.76 -19.11
CA LEU E 135 14.69 -47.22 -18.84
C LEU E 135 14.74 -48.38 -17.87
N GLY E 136 13.58 -48.88 -17.44
CA GLY E 136 13.51 -50.00 -16.51
C GLY E 136 13.66 -49.59 -15.06
N VAL E 137 13.50 -48.30 -14.79
CA VAL E 137 13.55 -47.79 -13.43
C VAL E 137 12.31 -46.92 -13.14
N LEU E 138 12.42 -46.02 -12.16
CA LEU E 138 11.30 -45.19 -11.77
C LEU E 138 11.87 -43.88 -11.27
N PRO E 139 11.03 -42.85 -11.07
CA PRO E 139 11.57 -41.58 -10.60
C PRO E 139 12.35 -41.80 -9.29
N GLY E 140 13.46 -41.08 -9.11
CA GLY E 140 14.32 -41.27 -7.95
C GLY E 140 14.67 -39.97 -7.24
N MET E 141 14.07 -38.88 -7.68
CA MET E 141 14.32 -37.58 -7.13
C MET E 141 13.03 -36.91 -6.66
N GLY E 142 12.08 -37.73 -6.23
CA GLY E 142 10.80 -37.25 -5.68
C GLY E 142 9.61 -37.11 -6.62
N GLY E 143 9.80 -37.45 -7.90
CA GLY E 143 8.74 -37.33 -8.90
C GLY E 143 7.45 -38.05 -8.55
N SER E 144 7.57 -39.29 -8.11
CA SER E 144 6.40 -40.08 -7.75
C SER E 144 5.64 -39.44 -6.59
N GLN E 145 6.28 -38.49 -5.90
CA GLN E 145 5.69 -37.88 -4.69
C GLN E 145 5.16 -36.48 -4.97
N ARG E 146 6.00 -35.66 -5.60
CA ARG E 146 5.63 -34.29 -5.87
C ARG E 146 4.64 -34.17 -7.05
N LEU E 147 4.81 -35.02 -8.06
CA LEU E 147 3.91 -34.97 -9.22
C LEU E 147 2.53 -35.41 -8.79
N THR E 148 2.45 -36.56 -8.14
CA THR E 148 1.18 -37.08 -7.66
C THR E 148 0.44 -36.03 -6.82
N ARG E 149 1.15 -35.33 -5.95
CA ARG E 149 0.55 -34.34 -5.06
C ARG E 149 0.08 -33.09 -5.81
N ALA E 150 0.76 -32.77 -6.91
CA ALA E 150 0.38 -31.60 -7.71
C ALA E 150 -0.82 -31.89 -8.62
N ILE E 151 -0.73 -32.94 -9.43
CA ILE E 151 -1.71 -33.18 -10.51
C ILE E 151 -2.72 -34.30 -10.27
N GLY E 152 -2.60 -35.02 -9.14
CA GLY E 152 -3.55 -36.07 -8.81
C GLY E 152 -3.10 -37.44 -9.33
N LYS E 153 -3.64 -38.51 -8.74
CA LYS E 153 -3.25 -39.86 -9.10
C LYS E 153 -3.46 -40.22 -10.57
N ALA E 154 -4.63 -39.89 -11.11
CA ALA E 154 -4.95 -40.27 -12.48
C ALA E 154 -3.90 -39.79 -13.49
N LYS E 155 -3.55 -38.50 -13.41
CA LYS E 155 -2.55 -37.96 -14.32
C LYS E 155 -1.14 -38.45 -13.99
N ALA E 156 -0.80 -38.49 -12.70
CA ALA E 156 0.53 -38.92 -12.27
C ALA E 156 0.82 -40.38 -12.66
N MET E 157 -0.17 -41.25 -12.46
CA MET E 157 -0.04 -42.65 -12.89
C MET E 157 0.17 -42.74 -14.41
N ASP E 158 -0.54 -41.89 -15.13
CA ASP E 158 -0.45 -41.85 -16.58
C ASP E 158 0.96 -41.48 -17.03
N LEU E 159 1.46 -40.35 -16.54
CA LEU E 159 2.79 -39.86 -16.93
C LEU E 159 3.93 -40.78 -16.51
N ILE E 160 3.82 -41.34 -15.30
CA ILE E 160 4.87 -42.16 -14.73
C ILE E 160 4.90 -43.59 -15.30
N LEU E 161 3.72 -44.15 -15.62
CA LEU E 161 3.65 -45.51 -16.20
C LEU E 161 3.77 -45.58 -17.74
N THR E 162 3.34 -44.52 -18.44
CA THR E 162 3.49 -44.51 -19.90
C THR E 162 4.70 -43.71 -20.36
N GLY E 163 5.10 -42.72 -19.56
CA GLY E 163 6.23 -41.86 -19.92
C GLY E 163 5.83 -40.73 -20.86
N ARG E 164 4.54 -40.53 -21.07
CA ARG E 164 4.07 -39.47 -21.97
C ARG E 164 4.45 -38.10 -21.42
N THR E 165 4.48 -37.10 -22.30
CA THR E 165 4.82 -35.76 -21.87
C THR E 165 3.58 -34.88 -21.72
N MET E 166 3.72 -33.81 -20.96
CA MET E 166 2.63 -32.89 -20.71
C MET E 166 3.12 -31.50 -21.10
N ASP E 167 2.41 -30.85 -22.02
CA ASP E 167 2.80 -29.50 -22.43
C ASP E 167 2.50 -28.48 -21.35
N ALA E 168 3.06 -27.28 -21.50
CA ALA E 168 2.95 -26.22 -20.51
C ALA E 168 1.50 -25.90 -20.16
N ALA E 169 0.64 -25.88 -21.17
CA ALA E 169 -0.78 -25.58 -20.98
C ALA E 169 -1.47 -26.58 -20.06
N GLU E 170 -1.19 -27.87 -20.26
CA GLU E 170 -1.82 -28.92 -19.45
C GLU E 170 -1.29 -28.85 -18.01
N ALA E 171 0.01 -28.63 -17.87
CA ALA E 171 0.65 -28.53 -16.56
C ALA E 171 0.05 -27.41 -15.71
N GLU E 172 -0.27 -26.29 -16.34
CA GLU E 172 -0.86 -25.15 -15.64
C GLU E 172 -2.23 -25.48 -15.07
N ARG E 173 -3.07 -26.14 -15.87
CA ARG E 173 -4.45 -26.34 -15.47
C ARG E 173 -4.65 -27.58 -14.63
N SER E 174 -3.60 -28.39 -14.48
CA SER E 174 -3.68 -29.59 -13.66
C SER E 174 -2.84 -29.54 -12.37
N GLY E 175 -2.12 -28.44 -12.15
CA GLY E 175 -1.53 -28.18 -10.84
C GLY E 175 -0.02 -28.07 -10.77
N LEU E 176 0.65 -28.43 -11.86
CA LEU E 176 2.12 -28.53 -11.86
C LEU E 176 2.85 -27.17 -11.86
N VAL E 177 2.38 -26.21 -12.65
CA VAL E 177 3.09 -24.92 -12.75
C VAL E 177 2.32 -23.74 -12.15
N SER E 178 3.05 -22.67 -11.86
CA SER E 178 2.49 -21.45 -11.26
C SER E 178 1.80 -20.60 -12.32
N ARG E 179 2.57 -20.21 -13.33
CA ARG E 179 2.10 -19.40 -14.44
C ARG E 179 2.79 -19.91 -15.70
N VAL E 180 2.13 -19.71 -16.85
CA VAL E 180 2.79 -19.90 -18.14
C VAL E 180 2.98 -18.55 -18.82
N VAL E 181 4.17 -18.32 -19.37
CA VAL E 181 4.48 -17.08 -20.09
C VAL E 181 5.10 -17.40 -21.46
N PRO E 182 5.15 -16.40 -22.37
CA PRO E 182 5.81 -16.60 -23.67
C PRO E 182 7.28 -16.98 -23.53
N ALA E 183 7.73 -17.94 -24.33
CA ALA E 183 9.11 -18.44 -24.23
C ALA E 183 10.13 -17.31 -24.19
N ASP E 184 9.88 -16.25 -24.97
CA ASP E 184 10.75 -15.07 -25.03
C ASP E 184 10.77 -14.27 -23.74
N ASP E 185 9.72 -14.39 -22.93
CA ASP E 185 9.58 -13.60 -21.71
C ASP E 185 9.94 -14.35 -20.42
N LEU E 186 10.42 -15.58 -20.55
CA LEU E 186 10.69 -16.43 -19.38
C LEU E 186 11.68 -15.83 -18.37
N LEU E 187 12.92 -15.60 -18.81
CA LEU E 187 13.97 -15.04 -17.95
C LEU E 187 13.52 -13.70 -17.34
N THR E 188 12.87 -12.88 -18.16
CA THR E 188 12.34 -11.59 -17.73
C THR E 188 11.26 -11.75 -16.67
N GLU E 189 10.28 -12.62 -16.95
CA GLU E 189 9.15 -12.85 -16.05
C GLU E 189 9.57 -13.49 -14.73
N ALA E 190 10.49 -14.46 -14.81
CA ALA E 190 11.07 -15.10 -13.64
C ALA E 190 11.83 -14.12 -12.74
N ARG E 191 12.59 -13.20 -13.34
CA ARG E 191 13.31 -12.16 -12.61
C ARG E 191 12.36 -11.17 -11.92
N ALA E 192 11.26 -10.84 -12.60
CA ALA E 192 10.25 -9.97 -12.02
C ALA E 192 9.62 -10.61 -10.79
N THR E 193 9.32 -11.91 -10.89
CA THR E 193 8.80 -12.65 -9.75
C THR E 193 9.83 -12.69 -8.62
N ALA E 194 11.07 -13.07 -8.96
CA ALA E 194 12.17 -13.15 -8.00
C ALA E 194 12.35 -11.82 -7.28
N THR E 195 12.33 -10.75 -8.05
CA THR E 195 12.41 -9.39 -7.52
C THR E 195 11.32 -9.08 -6.49
N THR E 196 10.07 -9.31 -6.86
CA THR E 196 8.94 -9.08 -5.95
C THR E 196 9.16 -9.84 -4.65
N ILE E 197 9.51 -11.11 -4.77
CA ILE E 197 9.67 -11.98 -3.61
C ILE E 197 10.87 -11.54 -2.77
N SER E 198 11.96 -11.18 -3.43
CA SER E 198 13.17 -10.74 -2.76
C SER E 198 13.00 -9.39 -2.03
N GLN E 199 11.97 -8.65 -2.42
CA GLN E 199 11.67 -7.35 -1.78
C GLN E 199 10.64 -7.44 -0.67
N MET E 200 10.22 -8.67 -0.34
CA MET E 200 9.44 -8.93 0.87
C MET E 200 10.39 -9.07 2.06
N SER E 201 9.88 -8.89 3.28
CA SER E 201 10.65 -9.23 4.48
C SER E 201 11.22 -10.64 4.32
N ALA E 202 12.53 -10.79 4.51
CA ALA E 202 13.19 -12.09 4.35
C ALA E 202 12.61 -13.11 5.33
N SER E 203 12.39 -12.63 6.56
CA SER E 203 11.82 -13.40 7.64
C SER E 203 10.41 -13.86 7.32
N ALA E 204 9.58 -12.91 6.89
CA ALA E 204 8.19 -13.20 6.56
C ALA E 204 8.08 -14.20 5.41
N ALA E 205 8.90 -14.00 4.38
CA ALA E 205 8.90 -14.88 3.22
C ALA E 205 9.37 -16.29 3.60
N ARG E 206 10.31 -16.38 4.52
CA ARG E 206 10.84 -17.67 4.97
C ARG E 206 9.79 -18.44 5.76
N MET E 207 9.04 -17.72 6.60
CA MET E 207 7.95 -18.29 7.39
C MET E 207 6.82 -18.76 6.49
N ALA E 208 6.42 -17.91 5.56
CA ALA E 208 5.35 -18.25 4.64
C ALA E 208 5.71 -19.50 3.84
N LYS E 209 6.93 -19.53 3.31
CA LYS E 209 7.40 -20.69 2.55
C LYS E 209 7.34 -21.94 3.43
N GLU E 210 7.86 -21.80 4.66
CA GLU E 210 7.91 -22.91 5.61
C GLU E 210 6.51 -23.39 6.01
N ALA E 211 5.55 -22.46 6.11
CA ALA E 211 4.19 -22.83 6.48
C ALA E 211 3.53 -23.64 5.35
N VAL E 212 3.67 -23.19 4.11
CA VAL E 212 3.13 -23.92 2.96
C VAL E 212 3.71 -25.33 2.86
N ASN E 213 5.02 -25.46 3.09
CA ASN E 213 5.64 -26.77 3.03
C ASN E 213 5.09 -27.73 4.07
N ARG E 214 4.50 -27.19 5.14
CA ARG E 214 3.92 -28.01 6.18
C ARG E 214 2.67 -28.76 5.70
N ALA E 215 1.98 -28.20 4.71
CA ALA E 215 0.76 -28.80 4.18
C ALA E 215 0.98 -30.22 3.64
N PHE E 216 2.23 -30.58 3.36
CA PHE E 216 2.55 -31.93 2.84
C PHE E 216 3.13 -32.85 3.89
N GLU E 217 3.32 -32.36 5.12
CA GLU E 217 4.07 -33.11 6.15
C GLU E 217 3.26 -33.63 7.33
N SER E 218 2.01 -33.21 7.44
CA SER E 218 1.18 -33.59 8.57
C SER E 218 -0.31 -33.43 8.30
N SER E 219 -1.09 -33.80 9.30
CA SER E 219 -2.51 -33.51 9.41
C SER E 219 -2.82 -32.03 9.18
N LEU E 220 -3.96 -31.73 8.56
CA LEU E 220 -4.48 -30.35 8.48
C LEU E 220 -4.58 -29.73 9.88
N SER E 221 -5.17 -30.47 10.81
CA SER E 221 -5.20 -30.08 12.22
C SER E 221 -3.86 -29.54 12.72
N GLU E 222 -2.78 -30.27 12.44
CA GLU E 222 -1.43 -29.91 12.87
C GLU E 222 -0.80 -28.79 12.06
N GLY E 223 -1.04 -28.79 10.74
CA GLY E 223 -0.62 -27.69 9.89
C GLY E 223 -1.24 -26.37 10.32
N LEU E 224 -2.50 -26.41 10.73
CA LEU E 224 -3.17 -25.19 11.18
C LEU E 224 -2.54 -24.65 12.45
N LEU E 225 -2.23 -25.54 13.39
CA LEU E 225 -1.61 -25.14 14.63
C LEU E 225 -0.23 -24.55 14.37
N TYR E 226 0.55 -25.26 13.54
CA TYR E 226 1.88 -24.78 13.15
C TYR E 226 1.85 -23.37 12.56
N GLU E 227 0.98 -23.16 11.58
CA GLU E 227 0.87 -21.86 10.94
C GLU E 227 0.49 -20.78 11.95
N ARG E 228 -0.48 -21.08 12.81
CA ARG E 228 -0.94 -20.08 13.75
C ARG E 228 0.18 -19.68 14.71
N ARG E 229 0.92 -20.66 15.21
CA ARG E 229 2.04 -20.37 16.10
C ARG E 229 3.11 -19.57 15.39
N LEU E 230 3.34 -19.91 14.12
CA LEU E 230 4.35 -19.21 13.33
C LEU E 230 3.92 -17.77 13.11
N PHE E 231 2.64 -17.60 12.77
CA PHE E 231 2.01 -16.28 12.66
C PHE E 231 2.21 -15.46 13.93
N HIS E 232 2.00 -16.06 15.10
CA HIS E 232 2.17 -15.34 16.37
C HIS E 232 3.61 -14.89 16.55
N SER E 233 4.53 -15.75 16.13
CA SER E 233 5.96 -15.48 16.22
C SER E 233 6.35 -14.27 15.40
N ALA E 234 5.65 -14.03 14.30
CA ALA E 234 6.04 -12.97 13.37
C ALA E 234 5.86 -11.60 14.04
N PHE E 235 4.91 -11.52 14.95
CA PHE E 235 4.69 -10.33 15.73
C PHE E 235 5.84 -9.99 16.68
N ALA E 236 6.84 -10.86 16.72
CA ALA E 236 8.06 -10.58 17.47
C ALA E 236 9.17 -10.01 16.59
N THR E 237 8.93 -9.94 15.29
CA THR E 237 9.94 -9.41 14.38
C THR E 237 9.79 -7.91 14.18
N GLU E 238 10.88 -7.24 13.81
CA GLU E 238 10.83 -5.82 13.54
C GLU E 238 10.08 -5.58 12.24
N ASP E 239 10.27 -6.49 11.29
CA ASP E 239 9.68 -6.39 9.97
C ASP E 239 8.13 -6.38 9.93
N GLN E 240 7.48 -7.08 10.87
CA GLN E 240 6.01 -7.04 10.91
C GLN E 240 5.51 -5.68 11.39
N SER E 241 6.23 -5.06 12.34
CA SER E 241 5.91 -3.72 12.82
C SER E 241 6.12 -2.68 11.73
N GLU E 242 7.29 -2.73 11.09
CA GLU E 242 7.62 -1.88 9.95
C GLU E 242 6.62 -2.09 8.80
N GLY E 243 6.28 -3.35 8.54
CA GLY E 243 5.39 -3.69 7.44
C GLY E 243 4.00 -3.13 7.61
N MET E 244 3.46 -3.24 8.83
CA MET E 244 2.11 -2.78 9.11
C MET E 244 2.07 -1.26 9.22
N ALA E 245 3.13 -0.68 9.78
CA ALA E 245 3.26 0.78 9.82
C ALA E 245 3.38 1.36 8.41
N ALA E 246 4.12 0.67 7.55
CA ALA E 246 4.28 1.12 6.17
C ALA E 246 2.93 1.15 5.48
N PHE E 247 2.09 0.18 5.81
CA PHE E 247 0.75 0.08 5.22
C PHE E 247 -0.18 1.18 5.70
N ILE E 248 -0.05 1.54 6.97
CA ILE E 248 -0.86 2.59 7.57
C ILE E 248 -0.44 3.93 6.97
N GLU E 249 0.88 4.11 6.85
CA GLU E 249 1.45 5.33 6.31
C GLU E 249 1.42 5.37 4.79
N LYS E 250 0.72 4.39 4.20
CA LYS E 250 0.59 4.22 2.75
C LYS E 250 1.89 4.41 1.97
N ARG E 251 2.96 3.81 2.46
CA ARG E 251 4.28 3.96 1.86
C ARG E 251 4.96 2.60 1.65
N ALA E 252 6.14 2.62 1.04
CA ALA E 252 6.99 1.45 0.91
C ALA E 252 7.59 1.06 2.26
N PRO E 253 7.77 -0.25 2.49
CA PRO E 253 8.38 -0.70 3.74
C PRO E 253 9.91 -0.67 3.66
N GLN E 254 10.55 -0.47 4.81
CA GLN E 254 11.99 -0.41 4.91
C GLN E 254 12.48 -1.59 5.73
N PHE E 255 12.59 -2.75 5.09
CA PHE E 255 13.02 -3.95 5.78
C PHE E 255 14.54 -4.00 5.86
N MET F 2 -11.25 -69.35 -14.38
CA MET F 2 -12.51 -69.69 -13.69
C MET F 2 -13.73 -69.20 -14.46
N THR F 3 -14.92 -69.61 -13.99
CA THR F 3 -16.19 -69.19 -14.59
C THR F 3 -16.82 -68.09 -13.74
N TYR F 4 -17.22 -66.99 -14.39
CA TYR F 4 -17.84 -65.86 -13.68
C TYR F 4 -19.27 -65.59 -14.16
N GLU F 5 -20.11 -65.10 -13.25
CA GLU F 5 -21.50 -64.82 -13.56
C GLU F 5 -21.80 -63.34 -13.87
N THR F 6 -20.99 -62.43 -13.34
CA THR F 6 -21.26 -60.99 -13.47
C THR F 6 -20.18 -60.22 -14.21
N ILE F 7 -19.10 -60.90 -14.58
CA ILE F 7 -18.03 -60.29 -15.36
C ILE F 7 -17.60 -61.14 -16.55
N LEU F 8 -16.89 -60.50 -17.47
CA LEU F 8 -16.20 -61.17 -18.56
C LEU F 8 -14.73 -60.86 -18.47
N VAL F 9 -13.90 -61.88 -18.68
CA VAL F 9 -12.44 -61.74 -18.61
C VAL F 9 -11.80 -62.20 -19.90
N GLU F 10 -10.87 -61.41 -20.40
CA GLU F 10 -10.19 -61.68 -21.65
C GLU F 10 -8.70 -61.39 -21.51
N ARG F 11 -7.87 -62.30 -22.01
CA ARG F 11 -6.43 -62.08 -22.06
C ARG F 11 -5.97 -61.90 -23.50
N ASP F 12 -5.21 -60.83 -23.74
CA ASP F 12 -4.61 -60.59 -25.04
C ASP F 12 -3.17 -60.08 -24.86
N GLN F 13 -2.21 -60.88 -25.34
CA GLN F 13 -0.79 -60.59 -25.12
C GLN F 13 -0.51 -60.45 -23.62
N ARG F 14 -0.10 -59.26 -23.20
CA ARG F 14 0.21 -58.99 -21.80
C ARG F 14 -0.85 -58.11 -21.13
N VAL F 15 -2.01 -58.05 -21.75
CA VAL F 15 -3.12 -57.24 -21.24
C VAL F 15 -4.30 -58.12 -20.85
N GLY F 16 -4.69 -58.06 -19.58
CA GLY F 16 -5.93 -58.68 -19.13
C GLY F 16 -7.05 -57.66 -19.11
N ILE F 17 -8.27 -58.08 -19.50
CA ILE F 17 -9.41 -57.17 -19.52
C ILE F 17 -10.57 -57.74 -18.75
N ILE F 18 -11.07 -56.95 -17.81
CA ILE F 18 -12.23 -57.29 -17.01
C ILE F 18 -13.38 -56.39 -17.42
N THR F 19 -14.39 -57.00 -18.05
CA THR F 19 -15.60 -56.29 -18.44
C THR F 19 -16.71 -56.59 -17.43
N LEU F 20 -17.24 -55.53 -16.83
CA LEU F 20 -18.37 -55.64 -15.93
C LEU F 20 -19.59 -56.04 -16.74
N ASN F 21 -20.29 -57.08 -16.29
CA ASN F 21 -21.35 -57.66 -17.10
C ASN F 21 -22.69 -57.92 -16.42
N ARG F 22 -23.30 -56.88 -15.88
CA ARG F 22 -24.70 -56.96 -15.44
C ARG F 22 -25.53 -55.91 -16.20
N PRO F 23 -25.73 -56.11 -17.52
CA PRO F 23 -26.34 -55.08 -18.35
C PRO F 23 -27.77 -54.75 -17.91
N GLN F 24 -28.43 -55.71 -17.27
CA GLN F 24 -29.81 -55.54 -16.80
C GLN F 24 -29.90 -54.52 -15.67
N ALA F 25 -28.77 -54.28 -15.00
CA ALA F 25 -28.73 -53.34 -13.87
C ALA F 25 -27.67 -52.25 -14.05
N LEU F 26 -27.36 -51.92 -15.30
CA LEU F 26 -26.35 -50.91 -15.62
C LEU F 26 -25.06 -51.16 -14.82
N ASN F 27 -24.70 -52.43 -14.71
CA ASN F 27 -23.50 -52.88 -14.03
C ASN F 27 -23.45 -52.50 -12.53
N ALA F 28 -24.62 -52.41 -11.90
CA ALA F 28 -24.67 -52.15 -10.46
C ALA F 28 -23.74 -53.13 -9.74
N LEU F 29 -22.90 -52.60 -8.85
CA LEU F 29 -21.85 -53.39 -8.21
C LEU F 29 -22.37 -54.08 -6.96
N ASN F 30 -22.87 -55.30 -7.13
CA ASN F 30 -23.28 -56.09 -5.97
C ASN F 30 -22.12 -56.94 -5.42
N SER F 31 -22.35 -57.67 -4.32
CA SER F 31 -21.29 -58.45 -3.68
C SER F 31 -20.68 -59.49 -4.60
N GLN F 32 -21.47 -59.98 -5.54
CA GLN F 32 -20.96 -60.92 -6.52
C GLN F 32 -19.97 -60.25 -7.46
N VAL F 33 -20.31 -59.06 -7.93
CA VAL F 33 -19.40 -58.30 -8.79
C VAL F 33 -18.11 -57.99 -8.03
N MET F 34 -18.24 -57.57 -6.76
CA MET F 34 -17.10 -57.26 -5.94
C MET F 34 -16.14 -58.47 -5.84
N ASN F 35 -16.71 -59.64 -5.55
CA ASN F 35 -15.91 -60.85 -5.36
C ASN F 35 -15.25 -61.34 -6.64
N GLU F 36 -15.98 -61.25 -7.75
CA GLU F 36 -15.48 -61.71 -9.04
C GLU F 36 -14.43 -60.75 -9.63
N VAL F 37 -14.70 -59.46 -9.59
CA VAL F 37 -13.73 -58.48 -10.06
C VAL F 37 -12.41 -58.60 -9.30
N THR F 38 -12.49 -58.72 -7.97
CA THR F 38 -11.27 -58.86 -7.18
C THR F 38 -10.58 -60.22 -7.34
N SER F 39 -11.34 -61.28 -7.60
CA SER F 39 -10.71 -62.57 -7.85
C SER F 39 -10.02 -62.59 -9.20
N ALA F 40 -10.72 -62.10 -10.24
CA ALA F 40 -10.13 -62.02 -11.58
C ALA F 40 -8.87 -61.15 -11.56
N ALA F 41 -8.96 -59.95 -11.01
CA ALA F 41 -7.82 -59.02 -10.89
C ALA F 41 -6.60 -59.64 -10.20
N THR F 42 -6.87 -60.35 -9.09
CA THR F 42 -5.82 -61.02 -8.33
C THR F 42 -5.17 -62.14 -9.16
N GLU F 43 -6.00 -62.88 -9.87
CA GLU F 43 -5.50 -63.94 -10.73
C GLU F 43 -4.64 -63.35 -11.86
N LEU F 44 -5.14 -62.32 -12.54
CA LEU F 44 -4.34 -61.60 -13.52
C LEU F 44 -3.02 -61.04 -12.95
N ASP F 45 -3.10 -60.47 -11.75
CA ASP F 45 -1.92 -59.95 -11.06
C ASP F 45 -0.84 -61.02 -10.87
N ASP F 46 -1.28 -62.24 -10.52
CA ASP F 46 -0.35 -63.35 -10.23
C ASP F 46 0.15 -64.06 -11.48
N ASP F 47 -0.35 -63.65 -12.64
CA ASP F 47 0.07 -64.24 -13.91
C ASP F 47 1.27 -63.47 -14.45
N PRO F 48 2.44 -64.12 -14.59
CA PRO F 48 3.65 -63.46 -15.09
C PRO F 48 3.49 -62.93 -16.53
N ASP F 49 2.54 -63.48 -17.27
CA ASP F 49 2.32 -63.07 -18.65
C ASP F 49 1.39 -61.88 -18.83
N ILE F 50 0.89 -61.33 -17.72
CA ILE F 50 0.03 -60.15 -17.74
C ILE F 50 0.77 -58.98 -17.08
N GLY F 51 0.78 -57.84 -17.76
CA GLY F 51 1.52 -56.67 -17.30
C GLY F 51 0.66 -55.43 -17.17
N ALA F 52 -0.61 -55.55 -17.55
CA ALA F 52 -1.58 -54.47 -17.41
C ALA F 52 -2.99 -55.05 -17.39
N ILE F 53 -3.86 -54.44 -16.60
CA ILE F 53 -5.24 -54.90 -16.44
C ILE F 53 -6.19 -53.75 -16.70
N ILE F 54 -7.16 -53.99 -17.59
CA ILE F 54 -8.21 -53.01 -17.87
C ILE F 54 -9.49 -53.42 -17.16
N ILE F 55 -10.15 -52.46 -16.54
CA ILE F 55 -11.49 -52.68 -16.00
C ILE F 55 -12.42 -51.73 -16.73
N THR F 56 -13.45 -52.29 -17.35
CA THR F 56 -14.39 -51.50 -18.11
C THR F 56 -15.78 -52.07 -17.92
N GLY F 57 -16.79 -51.28 -18.27
CA GLY F 57 -18.17 -51.75 -18.34
C GLY F 57 -18.63 -51.68 -19.79
N SER F 58 -19.92 -51.40 -19.99
CA SER F 58 -20.44 -51.24 -21.35
C SER F 58 -20.28 -49.78 -21.83
N ALA F 59 -20.83 -49.49 -23.00
CA ALA F 59 -20.81 -48.15 -23.55
C ALA F 59 -21.86 -47.26 -22.87
N LYS F 60 -22.85 -47.89 -22.25
CA LYS F 60 -23.90 -47.13 -21.58
C LYS F 60 -23.51 -46.80 -20.14
N ALA F 61 -22.89 -47.76 -19.46
CA ALA F 61 -22.50 -47.60 -18.06
C ALA F 61 -21.23 -48.34 -17.72
N PHE F 62 -20.29 -47.63 -17.10
CA PHE F 62 -19.19 -48.26 -16.41
C PHE F 62 -19.86 -49.03 -15.27
N ALA F 63 -20.40 -48.30 -14.31
CA ALA F 63 -21.25 -48.86 -13.27
C ALA F 63 -22.13 -47.76 -12.69
N ALA F 64 -23.45 -48.01 -12.64
CA ALA F 64 -24.41 -47.03 -12.10
C ALA F 64 -24.63 -47.20 -10.61
N GLY F 65 -23.53 -47.40 -9.88
CA GLY F 65 -23.56 -47.52 -8.43
C GLY F 65 -23.30 -48.91 -7.90
N ALA F 66 -23.19 -49.03 -6.58
CA ALA F 66 -23.33 -50.33 -5.93
C ALA F 66 -24.82 -50.73 -6.01
N ASP F 67 -25.12 -51.99 -5.74
CA ASP F 67 -26.47 -52.52 -5.92
C ASP F 67 -27.43 -52.10 -4.81
N ILE F 68 -28.35 -51.21 -5.14
CA ILE F 68 -29.29 -50.61 -4.18
C ILE F 68 -30.28 -51.62 -3.62
N LYS F 69 -30.65 -52.62 -4.43
CA LYS F 69 -31.55 -53.69 -4.00
C LYS F 69 -30.90 -54.57 -2.92
N GLU F 70 -29.61 -54.86 -3.09
CA GLU F 70 -28.89 -55.67 -2.11
C GLU F 70 -28.71 -54.91 -0.80
N MET F 71 -28.43 -53.61 -0.89
CA MET F 71 -28.22 -52.76 0.28
C MET F 71 -29.52 -52.51 1.06
N ALA F 72 -30.64 -52.46 0.34
CA ALA F 72 -31.94 -52.25 1.00
C ALA F 72 -32.23 -53.37 2.03
N ASP F 73 -31.82 -54.58 1.67
CA ASP F 73 -31.95 -55.77 2.53
C ASP F 73 -30.98 -55.83 3.72
N LEU F 74 -30.09 -54.84 3.82
CA LEU F 74 -29.07 -54.81 4.89
C LEU F 74 -29.55 -54.14 6.18
N THR F 75 -29.33 -54.84 7.28
CA THR F 75 -29.46 -54.27 8.61
C THR F 75 -28.08 -53.77 9.01
N PHE F 76 -27.98 -53.00 10.10
CA PHE F 76 -26.68 -52.57 10.60
C PHE F 76 -25.79 -53.77 10.94
N ALA F 77 -26.39 -54.79 11.55
CA ALA F 77 -25.68 -55.99 11.96
C ALA F 77 -25.12 -56.78 10.79
N ASP F 78 -25.89 -56.87 9.70
CA ASP F 78 -25.40 -57.48 8.46
C ASP F 78 -24.15 -56.75 7.98
N ALA F 79 -24.24 -55.43 7.93
CA ALA F 79 -23.20 -54.57 7.40
C ALA F 79 -21.91 -54.69 8.22
N PHE F 80 -22.04 -54.59 9.54
CA PHE F 80 -20.91 -54.74 10.47
C PHE F 80 -20.27 -56.14 10.42
N THR F 81 -21.09 -57.18 10.45
CA THR F 81 -20.61 -58.58 10.39
C THR F 81 -19.88 -58.90 9.08
N ALA F 82 -20.45 -58.51 7.95
CA ALA F 82 -19.85 -58.76 6.64
C ALA F 82 -18.64 -57.86 6.40
N ASP F 83 -18.57 -56.76 7.16
CA ASP F 83 -17.69 -55.63 6.84
C ASP F 83 -17.93 -55.26 5.38
N PHE F 84 -19.18 -54.86 5.11
CA PHE F 84 -19.67 -54.64 3.77
C PHE F 84 -18.81 -53.65 2.97
N PHE F 85 -18.34 -54.12 1.81
CA PHE F 85 -17.45 -53.40 0.88
C PHE F 85 -15.95 -53.59 1.13
N ALA F 86 -15.58 -54.16 2.27
CA ALA F 86 -14.15 -54.25 2.61
C ALA F 86 -13.34 -55.05 1.60
N THR F 87 -13.98 -56.05 0.99
CA THR F 87 -13.33 -56.93 0.01
C THR F 87 -12.78 -56.15 -1.21
N TRP F 88 -13.32 -54.96 -1.48
CA TRP F 88 -12.78 -54.11 -2.56
C TRP F 88 -11.32 -53.73 -2.32
N GLY F 89 -10.88 -53.82 -1.07
CA GLY F 89 -9.48 -53.61 -0.72
C GLY F 89 -8.54 -54.52 -1.49
N LYS F 90 -9.04 -55.69 -1.90
CA LYS F 90 -8.22 -56.65 -2.63
C LYS F 90 -7.72 -56.08 -3.96
N LEU F 91 -8.57 -55.27 -4.60
CA LEU F 91 -8.19 -54.59 -5.83
C LEU F 91 -7.00 -53.65 -5.63
N ALA F 92 -6.97 -52.95 -4.50
CA ALA F 92 -5.85 -52.05 -4.19
C ALA F 92 -4.54 -52.80 -3.95
N ALA F 93 -4.63 -54.05 -3.53
CA ALA F 93 -3.45 -54.91 -3.34
C ALA F 93 -2.88 -55.42 -4.67
N VAL F 94 -3.58 -55.17 -5.77
CA VAL F 94 -3.10 -55.64 -7.07
C VAL F 94 -1.86 -54.84 -7.45
N ARG F 95 -0.76 -55.56 -7.65
CA ARG F 95 0.55 -54.93 -7.86
C ARG F 95 0.72 -54.41 -9.27
N THR F 96 0.21 -55.16 -10.23
CA THR F 96 0.19 -54.80 -11.64
C THR F 96 -0.68 -53.57 -11.86
N PRO F 97 -0.26 -52.67 -12.79
CA PRO F 97 -1.05 -51.49 -13.10
C PRO F 97 -2.45 -51.79 -13.64
N THR F 98 -3.43 -51.03 -13.17
CA THR F 98 -4.80 -51.15 -13.62
C THR F 98 -5.22 -49.88 -14.34
N ILE F 99 -6.09 -50.05 -15.32
CA ILE F 99 -6.60 -48.95 -16.11
C ILE F 99 -8.11 -49.06 -16.13
N ALA F 100 -8.77 -48.02 -15.63
CA ALA F 100 -10.22 -47.93 -15.77
C ALA F 100 -10.52 -47.27 -17.10
N ALA F 101 -11.24 -48.00 -17.96
CA ALA F 101 -11.78 -47.41 -19.19
C ALA F 101 -13.27 -47.14 -18.96
N VAL F 102 -13.61 -45.87 -18.77
CA VAL F 102 -14.93 -45.48 -18.29
C VAL F 102 -15.79 -44.86 -19.38
N ALA F 103 -16.92 -45.51 -19.67
CA ALA F 103 -17.90 -44.98 -20.62
C ALA F 103 -19.23 -44.75 -19.92
N GLY F 104 -19.95 -43.71 -20.32
CA GLY F 104 -21.27 -43.44 -19.76
C GLY F 104 -21.27 -43.29 -18.25
N TYR F 105 -22.20 -43.97 -17.60
CA TYR F 105 -22.41 -43.80 -16.17
C TYR F 105 -21.32 -44.42 -15.30
N ALA F 106 -20.72 -43.57 -14.48
CA ALA F 106 -19.85 -44.00 -13.38
C ALA F 106 -20.30 -43.26 -12.10
N LEU F 107 -21.33 -43.80 -11.45
CA LEU F 107 -21.93 -43.15 -10.29
C LEU F 107 -21.71 -43.98 -9.04
N GLY F 108 -21.64 -43.30 -7.89
CA GLY F 108 -21.41 -43.95 -6.60
C GLY F 108 -20.27 -44.94 -6.66
N GLY F 109 -20.55 -46.18 -6.27
CA GLY F 109 -19.56 -47.27 -6.33
C GLY F 109 -18.88 -47.38 -7.69
N GLY F 110 -19.62 -47.06 -8.75
CA GLY F 110 -19.06 -47.02 -10.10
C GLY F 110 -17.97 -45.99 -10.22
N CYS F 111 -18.24 -44.77 -9.77
CA CYS F 111 -17.20 -43.74 -9.69
C CYS F 111 -16.06 -44.18 -8.76
N GLU F 112 -16.40 -44.75 -7.61
CA GLU F 112 -15.41 -45.18 -6.65
C GLU F 112 -14.50 -46.28 -7.20
N LEU F 113 -15.10 -47.22 -7.93
CA LEU F 113 -14.33 -48.29 -8.57
C LEU F 113 -13.32 -47.73 -9.54
N ALA F 114 -13.76 -46.77 -10.35
CA ALA F 114 -12.89 -46.09 -11.31
C ALA F 114 -11.72 -45.38 -10.62
N MET F 115 -12.01 -44.76 -9.47
CA MET F 115 -10.97 -44.08 -8.71
C MET F 115 -9.94 -45.05 -8.10
N MET F 116 -10.38 -46.28 -7.83
CA MET F 116 -9.49 -47.32 -7.31
C MET F 116 -8.41 -47.71 -8.31
N CYS F 117 -8.71 -47.62 -9.61
CA CYS F 117 -7.73 -47.95 -10.63
C CYS F 117 -6.61 -46.91 -10.71
N ASP F 118 -5.48 -47.27 -11.32
CA ASP F 118 -4.33 -46.36 -11.37
C ASP F 118 -4.50 -45.31 -12.44
N VAL F 119 -4.76 -45.73 -13.67
CA VAL F 119 -4.95 -44.82 -14.79
C VAL F 119 -6.43 -44.80 -15.12
N LEU F 120 -6.97 -43.62 -15.43
CA LEU F 120 -8.40 -43.53 -15.70
C LEU F 120 -8.65 -42.87 -17.06
N ILE F 121 -9.03 -43.67 -18.05
CA ILE F 121 -9.38 -43.18 -19.38
C ILE F 121 -10.91 -43.02 -19.50
N ALA F 122 -11.36 -41.78 -19.77
CA ALA F 122 -12.78 -41.52 -19.91
C ALA F 122 -13.22 -41.28 -21.36
N ALA F 123 -14.34 -41.90 -21.72
CA ALA F 123 -15.10 -41.52 -22.91
C ALA F 123 -15.58 -40.08 -22.71
N ASP F 124 -15.80 -39.36 -23.82
CA ASP F 124 -16.34 -38.00 -23.73
C ASP F 124 -17.81 -37.96 -23.27
N THR F 125 -18.47 -39.11 -23.34
CA THR F 125 -19.86 -39.26 -22.88
C THR F 125 -19.94 -39.50 -21.37
N ALA F 126 -18.81 -39.81 -20.74
CA ALA F 126 -18.80 -40.30 -19.35
C ALA F 126 -19.37 -39.31 -18.35
N LYS F 127 -20.11 -39.83 -17.36
CA LYS F 127 -20.74 -39.02 -16.33
C LYS F 127 -20.34 -39.55 -14.94
N PHE F 128 -19.74 -38.69 -14.14
CA PHE F 128 -19.26 -39.06 -12.81
C PHE F 128 -20.12 -38.45 -11.73
N GLY F 129 -20.29 -39.19 -10.64
CA GLY F 129 -21.04 -38.65 -9.52
C GLY F 129 -20.92 -39.48 -8.28
N GLN F 130 -21.34 -38.88 -7.17
CA GLN F 130 -21.47 -39.59 -5.90
C GLN F 130 -22.83 -39.22 -5.30
N PRO F 131 -23.92 -39.82 -5.84
CA PRO F 131 -25.27 -39.45 -5.41
C PRO F 131 -25.79 -40.20 -4.17
N GLU F 132 -24.91 -40.93 -3.49
CA GLU F 132 -25.29 -41.73 -2.31
C GLU F 132 -26.13 -40.95 -1.30
N ILE F 133 -25.85 -39.65 -1.17
CA ILE F 133 -26.58 -38.78 -0.28
C ILE F 133 -28.09 -38.82 -0.55
N LYS F 134 -28.48 -38.95 -1.83
CA LYS F 134 -29.90 -38.99 -2.20
C LYS F 134 -30.62 -40.26 -1.74
N LEU F 135 -29.84 -41.26 -1.33
CA LEU F 135 -30.40 -42.50 -0.79
C LEU F 135 -30.36 -42.47 0.74
N GLY F 136 -29.96 -41.35 1.30
CA GLY F 136 -29.81 -41.23 2.75
C GLY F 136 -28.61 -41.96 3.33
N VAL F 137 -27.61 -42.24 2.49
CA VAL F 137 -26.33 -42.75 3.00
C VAL F 137 -25.17 -41.83 2.59
N LEU F 138 -24.03 -42.41 2.28
CA LEU F 138 -22.85 -41.65 1.88
C LEU F 138 -21.92 -42.60 1.12
N PRO F 139 -20.85 -42.08 0.50
CA PRO F 139 -19.93 -43.00 -0.18
C PRO F 139 -19.42 -44.05 0.79
N GLY F 140 -19.32 -45.31 0.34
CA GLY F 140 -18.90 -46.40 1.21
C GLY F 140 -17.73 -47.19 0.64
N MET F 141 -17.25 -46.78 -0.53
CA MET F 141 -16.20 -47.47 -1.23
C MET F 141 -15.01 -46.54 -1.50
N GLY F 142 -14.80 -45.59 -0.61
CA GLY F 142 -13.67 -44.66 -0.67
C GLY F 142 -13.87 -43.32 -1.37
N GLY F 143 -15.08 -43.09 -1.90
CA GLY F 143 -15.38 -41.87 -2.66
C GLY F 143 -15.04 -40.59 -1.96
N SER F 144 -15.40 -40.49 -0.68
CA SER F 144 -15.10 -39.32 0.14
C SER F 144 -13.59 -39.11 0.35
N GLN F 145 -12.81 -40.17 0.14
CA GLN F 145 -11.37 -40.13 0.33
C GLN F 145 -10.67 -39.88 -0.99
N ARG F 146 -11.01 -40.68 -2.00
CA ARG F 146 -10.32 -40.61 -3.28
C ARG F 146 -10.74 -39.41 -4.12
N LEU F 147 -12.01 -39.02 -4.04
CA LEU F 147 -12.51 -37.91 -4.85
C LEU F 147 -11.90 -36.61 -4.33
N THR F 148 -12.05 -36.40 -3.03
CA THR F 148 -11.51 -35.26 -2.32
C THR F 148 -10.03 -35.10 -2.62
N ARG F 149 -9.28 -36.20 -2.53
CA ARG F 149 -7.85 -36.12 -2.83
C ARG F 149 -7.57 -35.80 -4.31
N ALA F 150 -8.50 -36.16 -5.19
CA ALA F 150 -8.33 -35.92 -6.62
C ALA F 150 -8.73 -34.50 -7.04
N ILE F 151 -9.89 -34.02 -6.57
CA ILE F 151 -10.44 -32.77 -7.09
C ILE F 151 -10.54 -31.60 -6.09
N GLY F 152 -10.08 -31.81 -4.85
CA GLY F 152 -10.12 -30.75 -3.84
C GLY F 152 -11.42 -30.72 -3.05
N LYS F 153 -11.39 -30.06 -1.90
CA LYS F 153 -12.49 -30.07 -0.95
C LYS F 153 -13.76 -29.46 -1.52
N ALA F 154 -13.63 -28.27 -2.10
CA ALA F 154 -14.77 -27.52 -2.63
C ALA F 154 -15.66 -28.35 -3.56
N LYS F 155 -15.04 -29.00 -4.55
CA LYS F 155 -15.80 -29.78 -5.51
C LYS F 155 -16.27 -31.11 -4.94
N ALA F 156 -15.41 -31.77 -4.15
CA ALA F 156 -15.79 -33.04 -3.58
C ALA F 156 -16.98 -32.84 -2.64
N MET F 157 -16.99 -31.75 -1.88
CA MET F 157 -18.11 -31.41 -1.00
C MET F 157 -19.39 -31.18 -1.80
N ASP F 158 -19.25 -30.43 -2.89
CA ASP F 158 -20.36 -30.15 -3.80
C ASP F 158 -20.99 -31.46 -4.30
N LEU F 159 -20.17 -32.30 -4.90
CA LEU F 159 -20.65 -33.56 -5.45
C LEU F 159 -21.25 -34.47 -4.37
N ILE F 160 -20.56 -34.60 -3.23
CA ILE F 160 -21.01 -35.52 -2.18
C ILE F 160 -22.23 -35.00 -1.40
N LEU F 161 -22.33 -33.69 -1.22
CA LEU F 161 -23.48 -33.12 -0.51
C LEU F 161 -24.72 -32.89 -1.39
N THR F 162 -24.53 -32.60 -2.67
CA THR F 162 -25.66 -32.36 -3.58
C THR F 162 -26.02 -33.58 -4.43
N GLY F 163 -25.00 -34.33 -4.83
CA GLY F 163 -25.19 -35.47 -5.72
C GLY F 163 -25.14 -35.07 -7.19
N ARG F 164 -24.72 -33.85 -7.48
CA ARG F 164 -24.67 -33.39 -8.88
C ARG F 164 -23.67 -34.22 -9.67
N THR F 165 -23.88 -34.35 -10.97
CA THR F 165 -22.93 -35.10 -11.79
C THR F 165 -21.89 -34.18 -12.40
N MET F 166 -20.76 -34.78 -12.78
CA MET F 166 -19.65 -34.08 -13.38
C MET F 166 -19.34 -34.75 -14.71
N ASP F 167 -19.18 -33.95 -15.76
CA ASP F 167 -18.90 -34.50 -17.09
C ASP F 167 -17.41 -34.80 -17.26
N ALA F 168 -17.08 -35.56 -18.31
CA ALA F 168 -15.71 -35.98 -18.55
C ALA F 168 -14.73 -34.81 -18.66
N ALA F 169 -15.13 -33.76 -19.37
CA ALA F 169 -14.25 -32.61 -19.57
C ALA F 169 -13.92 -31.92 -18.25
N GLU F 170 -14.93 -31.72 -17.40
CA GLU F 170 -14.71 -31.17 -16.06
C GLU F 170 -13.87 -32.13 -15.20
N ALA F 171 -14.17 -33.42 -15.30
CA ALA F 171 -13.40 -34.43 -14.57
C ALA F 171 -11.91 -34.37 -14.96
N GLU F 172 -11.65 -34.15 -16.24
CA GLU F 172 -10.28 -34.08 -16.75
C GLU F 172 -9.55 -32.84 -16.24
N ARG F 173 -10.23 -31.70 -16.19
CA ARG F 173 -9.54 -30.49 -15.76
C ARG F 173 -9.46 -30.37 -14.22
N SER F 174 -10.24 -31.19 -13.52
CA SER F 174 -10.33 -31.13 -12.06
C SER F 174 -9.35 -32.04 -11.33
N GLY F 175 -8.89 -33.10 -12.00
CA GLY F 175 -7.94 -34.02 -11.39
C GLY F 175 -8.41 -35.47 -11.37
N LEU F 176 -9.69 -35.68 -11.70
CA LEU F 176 -10.32 -37.00 -11.61
C LEU F 176 -9.86 -38.01 -12.67
N VAL F 177 -9.59 -37.55 -13.91
CA VAL F 177 -9.24 -38.47 -15.00
C VAL F 177 -7.89 -38.20 -15.68
N SER F 178 -7.27 -39.26 -16.19
CA SER F 178 -6.01 -39.16 -16.93
C SER F 178 -6.24 -38.51 -18.30
N ARG F 179 -7.16 -39.08 -19.08
CA ARG F 179 -7.48 -38.53 -20.41
C ARG F 179 -8.93 -38.74 -20.79
N VAL F 180 -9.43 -37.85 -21.64
CA VAL F 180 -10.74 -38.01 -22.28
C VAL F 180 -10.53 -38.31 -23.76
N VAL F 181 -11.23 -39.33 -24.26
CA VAL F 181 -11.23 -39.66 -25.68
C VAL F 181 -12.68 -39.84 -26.18
N PRO F 182 -12.90 -39.76 -27.52
CA PRO F 182 -14.23 -40.01 -28.07
C PRO F 182 -14.73 -41.39 -27.66
N ALA F 183 -16.02 -41.50 -27.35
CA ALA F 183 -16.61 -42.75 -26.85
C ALA F 183 -16.29 -43.97 -27.72
N ASP F 184 -16.35 -43.79 -29.04
CA ASP F 184 -16.04 -44.84 -30.00
C ASP F 184 -14.62 -45.38 -29.87
N ASP F 185 -13.70 -44.53 -29.45
CA ASP F 185 -12.30 -44.92 -29.35
C ASP F 185 -11.90 -45.35 -27.93
N LEU F 186 -12.87 -45.46 -27.02
CA LEU F 186 -12.54 -45.78 -25.64
C LEU F 186 -11.75 -47.08 -25.52
N LEU F 187 -12.35 -48.20 -25.91
CA LEU F 187 -11.68 -49.49 -25.76
C LEU F 187 -10.35 -49.51 -26.51
N THR F 188 -10.33 -48.89 -27.69
CA THR F 188 -9.14 -48.76 -28.52
C THR F 188 -8.01 -47.99 -27.83
N GLU F 189 -8.34 -46.86 -27.21
CA GLU F 189 -7.33 -46.04 -26.51
C GLU F 189 -6.83 -46.73 -25.24
N ALA F 190 -7.76 -47.31 -24.47
CA ALA F 190 -7.42 -48.05 -23.27
C ALA F 190 -6.46 -49.18 -23.62
N ARG F 191 -6.77 -49.92 -24.69
CA ARG F 191 -5.90 -51.03 -25.13
C ARG F 191 -4.48 -50.56 -25.47
N ALA F 192 -4.37 -49.40 -26.12
CA ALA F 192 -3.07 -48.87 -26.52
C ALA F 192 -2.28 -48.54 -25.28
N THR F 193 -2.92 -47.79 -24.37
CA THR F 193 -2.35 -47.48 -23.07
C THR F 193 -1.91 -48.76 -22.33
N ALA F 194 -2.81 -49.73 -22.24
CA ALA F 194 -2.47 -50.97 -21.55
C ALA F 194 -1.32 -51.70 -22.23
N THR F 195 -1.31 -51.71 -23.56
CA THR F 195 -0.19 -52.27 -24.33
C THR F 195 1.12 -51.57 -23.97
N THR F 196 1.09 -50.24 -23.92
CA THR F 196 2.29 -49.49 -23.56
C THR F 196 2.79 -49.85 -22.16
N ILE F 197 1.87 -49.96 -21.21
CA ILE F 197 2.24 -50.25 -19.84
C ILE F 197 2.70 -51.70 -19.69
N SER F 198 2.05 -52.61 -20.41
CA SER F 198 2.38 -54.04 -20.32
C SER F 198 3.68 -54.38 -21.06
N GLN F 199 4.19 -53.44 -21.86
CA GLN F 199 5.45 -53.63 -22.56
C GLN F 199 6.63 -53.02 -21.80
N MET F 200 6.33 -52.27 -20.74
CA MET F 200 7.38 -51.79 -19.83
C MET F 200 7.90 -52.99 -19.05
N SER F 201 9.05 -52.80 -18.40
CA SER F 201 9.53 -53.73 -17.39
C SER F 201 8.41 -53.96 -16.36
N ALA F 202 8.12 -55.23 -16.07
CA ALA F 202 7.08 -55.54 -15.10
C ALA F 202 7.48 -55.05 -13.72
N SER F 203 8.76 -55.19 -13.40
CA SER F 203 9.25 -54.85 -12.08
C SER F 203 9.32 -53.34 -11.90
N ALA F 204 9.69 -52.62 -12.96
CA ALA F 204 9.75 -51.17 -12.93
C ALA F 204 8.36 -50.58 -12.77
N ALA F 205 7.41 -51.09 -13.57
CA ALA F 205 6.02 -50.65 -13.48
C ALA F 205 5.45 -50.93 -12.09
N ARG F 206 5.80 -52.07 -11.51
CA ARG F 206 5.30 -52.37 -10.17
C ARG F 206 5.86 -51.38 -9.14
N MET F 207 7.16 -51.11 -9.19
CA MET F 207 7.80 -50.17 -8.29
C MET F 207 7.24 -48.75 -8.46
N ALA F 208 7.10 -48.29 -9.70
CA ALA F 208 6.62 -46.92 -9.97
C ALA F 208 5.21 -46.74 -9.41
N LYS F 209 4.33 -47.70 -9.72
CA LYS F 209 2.96 -47.69 -9.24
C LYS F 209 2.93 -47.59 -7.72
N GLU F 210 3.67 -48.48 -7.07
CA GLU F 210 3.72 -48.53 -5.61
C GLU F 210 4.23 -47.21 -5.04
N ALA F 211 5.26 -46.65 -5.66
CA ALA F 211 5.82 -45.36 -5.26
C ALA F 211 4.75 -44.27 -5.27
N VAL F 212 3.99 -44.17 -6.35
CA VAL F 212 2.92 -43.18 -6.49
C VAL F 212 1.85 -43.39 -5.40
N ASN F 213 1.52 -44.65 -5.11
CA ASN F 213 0.52 -44.96 -4.09
C ASN F 213 0.89 -44.44 -2.72
N ARG F 214 2.21 -44.42 -2.48
CA ARG F 214 2.82 -43.88 -1.28
C ARG F 214 2.42 -42.42 -1.00
N ALA F 215 2.13 -41.65 -2.03
CA ALA F 215 1.89 -40.21 -1.89
C ALA F 215 0.66 -39.88 -1.04
N PHE F 216 -0.21 -40.87 -0.86
CA PHE F 216 -1.42 -40.69 -0.07
C PHE F 216 -1.34 -41.34 1.33
N GLU F 217 -0.23 -41.99 1.65
CA GLU F 217 -0.14 -42.77 2.90
C GLU F 217 0.74 -42.19 3.99
N SER F 218 1.59 -41.23 3.64
CA SER F 218 2.50 -40.66 4.62
C SER F 218 2.88 -39.24 4.25
N SER F 219 3.77 -38.65 5.03
CA SER F 219 4.28 -37.31 4.75
C SER F 219 5.17 -37.29 3.52
N LEU F 220 5.36 -36.11 2.94
CA LEU F 220 6.31 -35.96 1.82
C LEU F 220 7.69 -36.53 2.19
N SER F 221 8.18 -36.19 3.38
CA SER F 221 9.46 -36.72 3.88
C SER F 221 9.58 -38.22 3.71
N GLU F 222 8.58 -38.94 4.17
CA GLU F 222 8.62 -40.38 4.15
C GLU F 222 8.42 -40.93 2.74
N GLY F 223 7.56 -40.28 1.96
CA GLY F 223 7.35 -40.64 0.57
C GLY F 223 8.64 -40.56 -0.25
N LEU F 224 9.37 -39.47 -0.06
CA LEU F 224 10.64 -39.25 -0.73
C LEU F 224 11.65 -40.32 -0.35
N LEU F 225 11.73 -40.62 0.95
CA LEU F 225 12.66 -41.63 1.41
C LEU F 225 12.29 -42.97 0.80
N TYR F 226 10.99 -43.29 0.85
CA TYR F 226 10.51 -44.56 0.31
C TYR F 226 10.88 -44.70 -1.18
N GLU F 227 10.61 -43.65 -1.96
CA GLU F 227 10.92 -43.65 -3.38
C GLU F 227 12.40 -43.87 -3.65
N ARG F 228 13.27 -43.11 -2.97
CA ARG F 228 14.69 -43.23 -3.21
C ARG F 228 15.19 -44.64 -2.95
N ARG F 229 14.73 -45.23 -1.84
CA ARG F 229 15.13 -46.61 -1.51
C ARG F 229 14.66 -47.59 -2.57
N LEU F 230 13.49 -47.33 -3.14
CA LEU F 230 12.92 -48.17 -4.17
C LEU F 230 13.73 -48.01 -5.46
N PHE F 231 14.10 -46.77 -5.73
CA PHE F 231 14.96 -46.42 -6.86
C PHE F 231 16.27 -47.20 -6.77
N HIS F 232 16.93 -47.15 -5.61
CA HIS F 232 18.18 -47.89 -5.41
C HIS F 232 18.03 -49.38 -5.74
N SER F 233 16.95 -50.00 -5.24
CA SER F 233 16.73 -51.44 -5.41
C SER F 233 16.49 -51.83 -6.88
N ALA F 234 16.03 -50.89 -7.70
CA ALA F 234 15.87 -51.17 -9.14
C ALA F 234 17.20 -51.57 -9.79
N PHE F 235 18.30 -51.03 -9.27
CA PHE F 235 19.64 -51.41 -9.73
C PHE F 235 20.06 -52.81 -9.28
N ALA F 236 19.16 -53.54 -8.63
CA ALA F 236 19.37 -54.96 -8.38
C ALA F 236 18.54 -55.82 -9.35
N THR F 237 17.83 -55.16 -10.26
CA THR F 237 16.97 -55.88 -11.21
C THR F 237 17.63 -56.03 -12.56
N GLU F 238 17.21 -57.07 -13.29
CA GLU F 238 17.71 -57.34 -14.63
C GLU F 238 17.29 -56.22 -15.60
N ASP F 239 16.06 -55.74 -15.45
CA ASP F 239 15.46 -54.79 -16.39
C ASP F 239 16.07 -53.39 -16.38
N GLN F 240 16.57 -52.96 -15.22
CA GLN F 240 17.28 -51.69 -15.11
C GLN F 240 18.51 -51.67 -16.02
N SER F 241 19.33 -52.72 -15.91
CA SER F 241 20.59 -52.83 -16.64
C SER F 241 20.34 -52.92 -18.16
N GLU F 242 19.33 -53.71 -18.54
CA GLU F 242 18.90 -53.84 -19.92
C GLU F 242 18.32 -52.53 -20.46
N GLY F 243 17.34 -51.99 -19.73
CA GLY F 243 16.63 -50.79 -20.17
C GLY F 243 17.59 -49.65 -20.43
N MET F 244 18.61 -49.54 -19.59
CA MET F 244 19.60 -48.48 -19.71
C MET F 244 20.62 -48.80 -20.80
N ALA F 245 21.07 -50.06 -20.87
CA ALA F 245 21.99 -50.49 -21.92
C ALA F 245 21.35 -50.30 -23.30
N ALA F 246 20.08 -50.71 -23.41
CA ALA F 246 19.30 -50.54 -24.63
C ALA F 246 19.25 -49.08 -25.07
N PHE F 247 19.18 -48.18 -24.10
CA PHE F 247 19.17 -46.76 -24.39
C PHE F 247 20.52 -46.29 -24.96
N ILE F 248 21.60 -46.59 -24.25
CA ILE F 248 22.94 -46.21 -24.68
C ILE F 248 23.30 -46.85 -26.03
N GLU F 249 22.98 -48.13 -26.19
CA GLU F 249 23.24 -48.87 -27.43
C GLU F 249 22.21 -48.56 -28.54
N LYS F 250 21.50 -47.45 -28.39
CA LYS F 250 20.45 -46.99 -29.33
C LYS F 250 19.62 -48.12 -29.98
N ARG F 251 19.06 -48.99 -29.14
CA ARG F 251 18.23 -50.10 -29.60
C ARG F 251 16.97 -50.27 -28.76
N ALA F 252 16.12 -51.21 -29.19
CA ALA F 252 14.89 -51.54 -28.46
C ALA F 252 15.21 -52.47 -27.29
N PRO F 253 14.66 -52.16 -26.11
CA PRO F 253 14.87 -52.98 -24.92
C PRO F 253 14.17 -54.33 -25.02
N GLN F 254 14.80 -55.36 -24.48
CA GLN F 254 14.19 -56.69 -24.46
C GLN F 254 14.07 -57.21 -23.01
N PHE F 255 12.91 -56.99 -22.39
CA PHE F 255 12.68 -57.29 -20.97
C PHE F 255 12.32 -58.74 -20.63
N1A CAA G . 1.22 51.52 27.60
C2A CAA G . 1.31 52.64 28.66
N3A CAA G . 2.35 52.53 29.76
C4A CAA G . 3.27 51.35 29.80
C5A CAA G . 3.18 50.25 28.76
C6A CAA G . 2.12 50.36 27.62
N6A CAA G . 2.01 49.31 26.60
N7A CAA G . 4.21 49.24 29.06
C8A CAA G . 4.97 49.68 30.32
N9A CAA G . 4.38 50.97 30.75
C1B CAA G . 4.80 51.77 31.92
C2B CAA G . 4.38 51.09 33.22
O2B CAA G . 3.02 51.34 33.51
C3B CAA G . 5.34 51.70 34.22
O3B CAA G . 4.94 53.02 34.54
P3B CAA G . 3.91 53.39 35.79
O7A CAA G . 2.35 53.44 35.22
O8A CAA G . 4.01 52.24 36.98
O9A CAA G . 4.30 54.71 36.31
C4B CAA G . 6.65 51.83 33.40
O4B CAA G . 6.26 51.90 31.97
C5B CAA G . 7.65 50.64 33.63
O5B CAA G . 6.99 49.41 33.30
P1A CAA G . 6.92 48.17 34.43
O1A CAA G . 6.78 48.83 35.94
O2A CAA G . 5.77 47.32 34.15
O3A CAA G . 8.37 47.35 34.34
P2A CAA G . 8.48 45.69 34.07
O4A CAA G . 10.00 45.32 33.49
O5A CAA G . 8.24 44.97 35.32
O6A CAA G . 7.34 45.22 32.94
CBP CAA G . 6.50 44.39 30.81
CCP CAA G . 7.74 44.57 31.74
CDP CAA G . 6.11 42.89 30.86
CEP CAA G . 6.94 44.78 29.37
CAP CAA G . 5.32 45.31 31.30
OAP CAA G . 5.70 46.67 31.32
C9P CAA G . 4.06 45.19 30.41
O9P CAA G . 3.36 44.22 30.52
N8P CAA G . 3.78 46.26 29.41
C7P CAA G . 2.65 46.27 28.48
C6P CAA G . 2.31 44.84 28.04
C5P CAA G . 1.04 44.72 27.19
O5P CAA G . 0.14 44.03 27.56
N4P CAA G . 0.81 45.81 26.23
C3P CAA G . -0.47 45.88 25.52
C2P CAA G . -0.42 47.10 24.56
S1P CAA G . -1.79 46.85 23.35
C1 CAA G . -1.29 47.75 21.83
O1 CAA G . -0.06 47.23 21.39
C2 CAA G . -2.44 47.62 20.79
C3 CAA G . -1.96 47.42 19.34
O3 CAA G . -2.09 46.37 18.76
C4 CAA G . -1.70 48.66 18.51
N1A CAA H . -28.34 -50.50 -7.80
C2A CAA H . -29.41 -51.56 -8.12
N3A CAA H . -30.16 -51.49 -9.44
C4A CAA H . -29.83 -50.39 -10.40
C5A CAA H . -28.79 -49.34 -10.08
C6A CAA H . -28.04 -49.42 -8.73
N6A CAA H . -27.02 -48.43 -8.40
N7A CAA H . -28.69 -48.39 -11.22
C8A CAA H . -29.70 -48.84 -12.29
N9A CAA H . -30.38 -50.05 -11.77
C1B CAA H . -31.43 -50.82 -12.47
C2B CAA H . -32.73 -50.05 -12.56
O2B CAA H . -33.42 -50.16 -11.34
C3B CAA H . -33.40 -50.78 -13.68
O3B CAA H . -33.75 -52.07 -13.20
P3B CAA H . -35.33 -52.50 -13.07
O7A CAA H . -36.02 -51.73 -11.79
O8A CAA H . -36.05 -52.07 -14.49
O9A CAA H . -35.41 -53.96 -12.88
C4B CAA H . -32.25 -51.04 -14.68
O4B CAA H . -31.02 -51.08 -13.85
C5B CAA H . -32.10 -49.93 -15.79
O5B CAA H . -31.83 -48.70 -15.15
P1A CAA H . -32.95 -47.46 -15.35
O1A CAA H . -34.42 -48.12 -15.72
O2A CAA H . -33.06 -46.66 -14.13
O3A CAA H . -32.42 -46.56 -16.65
P2A CAA H . -32.18 -44.91 -16.53
O4A CAA H . -31.46 -44.41 -17.93
O5A CAA H . -33.46 -44.23 -16.33
O6A CAA H . -31.18 -44.59 -15.21
CBP CAA H . -29.33 -43.53 -13.99
CCP CAA H . -29.99 -43.83 -15.39
CDP CAA H . -29.29 -42.00 -13.81
CEP CAA H . -27.89 -44.12 -13.98
CAP CAA H . -30.20 -44.22 -12.87
OAP CAA H . -30.33 -45.60 -13.13
C9P CAA H . -29.65 -44.03 -11.42
O9P CAA H . -29.90 -43.01 -10.84
N8P CAA H . -29.06 -45.18 -10.70
C7P CAA H . -28.94 -45.18 -9.23
C6P CAA H . -27.55 -44.71 -8.76
C5P CAA H . -27.50 -44.08 -7.33
O5P CAA H . -28.27 -43.23 -7.02
N4P CAA H . -26.28 -44.19 -6.54
C3P CAA H . -25.30 -45.25 -6.81
C2P CAA H . -25.68 -46.52 -6.00
S1P CAA H . -25.18 -46.32 -4.25
C1 CAA H . -23.45 -46.88 -4.00
O1 CAA H . -22.77 -46.37 -5.15
C2 CAA H . -22.97 -46.50 -2.56
C3 CAA H . -21.45 -46.74 -2.44
O3 CAA H . -20.70 -45.81 -2.40
C4 CAA H . -20.90 -48.18 -2.37
#